data_6HVG
#
_entry.id   6HVG
#
_cell.length_a   101.235
_cell.length_b   134.804
_cell.length_c   237.035
_cell.angle_alpha   90.00
_cell.angle_beta   90.00
_cell.angle_gamma   90.00
#
_symmetry.space_group_name_H-M   'P 21 21 21'
#
loop_
_entity.id
_entity.type
_entity.pdbx_description
1 polymer Alternansucrase
2 non-polymer 'CALCIUM ION'
3 water water
#
_entity_poly.entity_id   1
_entity_poly.type   'polypeptide(L)'
_entity_poly.pdbx_seq_one_letter_code
;MAHHHHHHVTSLYKKAGSAAAPFTADTNSNVAVKQINNTGTNDSGEKKVPVPSTNNDSLKQGTDGFWYDSDGNRVDQKTN
QILLTAEQLKKNNEKNLSVISDDTSKKDDENISKQTKIANQQTVDTAKGLTTSNLSDPITGGHYENHNGYFVYIDASGKQ
VTGLQNIDGNLQYFDDNGYQVKGSFRDVNGKHIYFDSVTGKASSNVDIVNGKAQGYDAQGNQLKKSYVADSSGQTYYFDG
NGQPLIGLQTIDGNLQYFNQQGVQIKGGFQDVNNKRIYFAPNTGNAVANTEIINGKLQGRDANGNQVKNAFSKDVAGNTF
YFDANGVMLTGLQTISGKTYYLDEQGHLRKNYAGTFNNQFMYFDADTGAGKTAIEYQFDQGLVSQSNENTPHNAAKSYDK
SSFENVDGYLTADTWYRPTDILKNGDTWTASTETDMRPLLMTWWPDKQTQANYLNFMSSKGLGITTTYTAATSQKTLNDA
AFVIQTAIEQQISLKKSTEWLRDAIDSFVKTQANWNKQTEDEAFDGLQWLQGGFLAYQDDSHRTPNTDSGNNRKLGRQPI
NIDGSKDTTDGKGSEFLLANDIDNSNPIVQAEQLNWLHYLMNFGSITGNNDNANFDGIRVDAVDNVDADLLKIAGDYFKA
LYGTDKSDANANKHLSILEDWNGKDPQYVNQQGNAQLTMDYTVTSQFGNSLTHGANNRSNMWYFLDTGYYLNGDLNKKIV
DKNRPNSGTLVNRIANSGDTKVIPNYSFVRAHDYDAQDPIRKAMIDHGIIKNMQDTFTFDQLAQGMEFYYKDQENPSGFK
KYNDYNLPSAYAMLLTNKDTVPRVYYGDMYLEGGQYMEKGTIYNPVISALLKARIKYVSGGQTMATDSSGKDLKDGETDL
LTSVRFGKGIMTSDQTTTQDNSQDYKNQGIGVIVGNNPDLKLNNDKTITLHMGKAHKNQLYRALVLSNDSGIDVYDSDDK
APTLRTNDNGDLIFHKTNTFVKQDGTIINYEMKGSLNALISGYLGVWVPVGASDSQDARTVATESSSSNDGSVFHSNAAL
DSNVIYEGFSNFQAMPTSPEQSTNVVIATKANLFKELGITSFELAPQYRSSGDTNYGGMSFLDSFLNNGYAFTDRYDLGF
NKADGNPNPTKYGTDQDLRNAIEALHKNGMQAIADWVPDQIYALPGKEVVTATRVDERGNQLKDTDFVNLLYVANTKSSG
VDYQAKYGGEFLDKLREEYPSLFKQNQVSTGQPIDASTKIKQWSAKYMNGTNILHRGAYYVLKDWATNQYFNIAKTNEVF
LPLQLQNKDAQTGFISDASGVKYYSISGYQAKDTFIEDGNGNWYYFDKDGYMVRSQQGENPIRTVETSVNTRNGNYYFMP
NGVELRKGFGTDNSGNVYYFDDQGKMVRDKYINDDANNFYHLNVDGTMSRGKGGRADPAFLYKVVSAWSHPQFEK
;
_entity_poly.pdbx_strand_id   A,B
#
# COMPACT_ATOMS: atom_id res chain seq x y z
N SER A 133 -14.55 -20.63 -35.32
CA SER A 133 -14.14 -19.25 -34.94
C SER A 133 -15.01 -18.22 -35.69
N ASN A 134 -14.39 -17.39 -36.53
CA ASN A 134 -15.08 -16.26 -37.17
C ASN A 134 -15.00 -16.33 -38.69
N LEU A 135 -16.16 -16.26 -39.36
CA LEU A 135 -16.20 -16.28 -40.82
C LEU A 135 -15.56 -15.03 -41.44
N SER A 136 -15.77 -13.87 -40.81
CA SER A 136 -15.12 -12.62 -41.26
C SER A 136 -14.62 -11.80 -40.08
N ASP A 137 -13.51 -11.08 -40.28
CA ASP A 137 -12.96 -10.19 -39.24
C ASP A 137 -13.93 -9.04 -38.98
N PRO A 138 -14.14 -8.71 -37.69
CA PRO A 138 -15.02 -7.59 -37.30
C PRO A 138 -14.49 -6.19 -37.64
N ILE A 139 -15.43 -5.26 -37.81
CA ILE A 139 -15.13 -3.84 -38.03
C ILE A 139 -15.95 -2.96 -37.08
N THR A 140 -15.38 -1.80 -36.71
CA THR A 140 -16.05 -0.83 -35.82
C THR A 140 -15.78 0.60 -36.27
N GLY A 141 -16.61 1.54 -35.81
CA GLY A 141 -16.45 2.97 -36.11
C GLY A 141 -17.12 3.49 -37.37
N GLY A 142 -18.01 2.68 -37.95
CA GLY A 142 -18.81 3.08 -39.10
C GLY A 142 -20.29 3.16 -38.75
N HIS A 143 -20.95 4.23 -39.19
CA HIS A 143 -22.40 4.39 -39.05
C HIS A 143 -23.23 3.52 -40.04
N TYR A 144 -24.50 3.30 -39.71
CA TYR A 144 -25.44 2.66 -40.63
C TYR A 144 -26.25 3.76 -41.30
N GLU A 145 -26.46 3.67 -42.60
CA GLU A 145 -27.35 4.59 -43.29
C GLU A 145 -28.44 3.82 -44.00
N ASN A 146 -29.62 4.42 -44.10
CA ASN A 146 -30.74 3.84 -44.82
C ASN A 146 -31.01 4.59 -46.13
N HIS A 147 -30.93 3.89 -47.25
CA HIS A 147 -31.23 4.51 -48.54
C HIS A 147 -32.36 3.73 -49.22
N ASN A 148 -33.43 4.45 -49.54
CA ASN A 148 -34.56 3.90 -50.31
C ASN A 148 -35.16 2.64 -49.68
N GLY A 149 -35.27 2.64 -48.35
CA GLY A 149 -35.81 1.51 -47.65
C GLY A 149 -34.81 0.41 -47.32
N TYR A 150 -33.53 0.68 -47.51
CA TYR A 150 -32.51 -0.34 -47.26
C TYR A 150 -31.39 0.18 -46.39
N PHE A 151 -30.86 -0.70 -45.54
CA PHE A 151 -29.71 -0.37 -44.73
C PHE A 151 -28.39 -0.61 -45.45
N VAL A 152 -27.57 0.43 -45.44
CA VAL A 152 -26.20 0.40 -45.92
C VAL A 152 -25.32 0.59 -44.67
N TYR A 153 -24.08 0.12 -44.73
CA TYR A 153 -23.10 0.35 -43.67
C TYR A 153 -21.87 1.01 -44.24
N ILE A 154 -21.51 2.18 -43.71
CA ILE A 154 -20.34 2.92 -44.18
C ILE A 154 -19.22 2.85 -43.12
N ASP A 155 -18.08 2.34 -43.58
CA ASP A 155 -16.85 2.10 -42.78
C ASP A 155 -16.33 3.36 -42.05
N ALA A 156 -15.36 3.17 -41.15
CA ALA A 156 -14.57 4.28 -40.58
C ALA A 156 -13.81 5.03 -41.69
N SER A 157 -13.27 4.27 -42.63
CA SER A 157 -12.67 4.78 -43.87
C SER A 157 -13.58 5.72 -44.69
N GLY A 158 -14.90 5.49 -44.63
CA GLY A 158 -15.88 6.20 -45.46
C GLY A 158 -16.28 5.40 -46.69
N LYS A 159 -16.00 4.09 -46.65
CA LYS A 159 -16.26 3.18 -47.77
C LYS A 159 -17.53 2.37 -47.51
N GLN A 160 -18.40 2.32 -48.52
CA GLN A 160 -19.60 1.50 -48.47
C GLN A 160 -19.22 0.03 -48.48
N VAL A 161 -19.97 -0.77 -47.74
CA VAL A 161 -19.61 -2.17 -47.52
C VAL A 161 -20.49 -3.17 -48.28
N THR A 162 -19.84 -4.06 -49.01
CA THR A 162 -20.50 -5.19 -49.69
C THR A 162 -20.06 -6.50 -49.04
N GLY A 163 -20.78 -7.58 -49.33
CA GLY A 163 -20.38 -8.93 -48.93
C GLY A 163 -20.69 -9.27 -47.48
N LEU A 164 -20.31 -10.47 -47.07
CA LEU A 164 -20.48 -10.93 -45.71
C LEU A 164 -19.58 -10.14 -44.77
N GLN A 165 -20.12 -9.62 -43.67
CA GLN A 165 -19.36 -8.77 -42.72
C GLN A 165 -19.77 -8.96 -41.27
N ASN A 166 -18.82 -9.28 -40.40
CA ASN A 166 -19.09 -9.26 -38.96
C ASN A 166 -18.90 -7.85 -38.44
N ILE A 167 -20.00 -7.15 -38.21
CA ILE A 167 -19.94 -5.78 -37.68
C ILE A 167 -20.38 -5.79 -36.21
N ASP A 168 -19.47 -5.44 -35.31
CA ASP A 168 -19.75 -5.37 -33.87
C ASP A 168 -20.39 -6.66 -33.32
N GLY A 169 -19.85 -7.80 -33.74
CA GLY A 169 -20.29 -9.12 -33.22
C GLY A 169 -21.50 -9.75 -33.90
N ASN A 170 -22.04 -9.09 -34.92
CA ASN A 170 -23.20 -9.59 -35.70
C ASN A 170 -22.78 -9.86 -37.13
N LEU A 171 -23.10 -11.07 -37.62
CA LEU A 171 -22.72 -11.50 -38.97
C LEU A 171 -23.83 -11.10 -39.95
N GLN A 172 -23.50 -10.20 -40.88
CA GLN A 172 -24.48 -9.58 -41.77
C GLN A 172 -24.03 -9.66 -43.23
N TYR A 173 -24.93 -9.42 -44.17
CA TYR A 173 -24.58 -9.51 -45.60
C TYR A 173 -25.15 -8.33 -46.38
N PHE A 174 -24.36 -7.84 -47.34
CA PHE A 174 -24.78 -6.79 -48.27
C PHE A 174 -24.53 -7.23 -49.70
N ASP A 175 -25.53 -7.07 -50.57
CA ASP A 175 -25.41 -7.44 -51.99
C ASP A 175 -24.45 -6.48 -52.69
N ASP A 176 -24.34 -6.57 -54.03
CA ASP A 176 -23.40 -5.70 -54.80
C ASP A 176 -23.70 -4.18 -54.75
N ASN A 177 -24.97 -3.79 -54.65
CA ASN A 177 -25.34 -2.37 -54.46
C ASN A 177 -25.07 -1.82 -53.05
N GLY A 178 -24.76 -2.69 -52.08
CA GLY A 178 -24.39 -2.28 -50.71
C GLY A 178 -25.53 -2.40 -49.73
N TYR A 179 -26.68 -2.87 -50.22
CA TYR A 179 -27.87 -3.01 -49.38
C TYR A 179 -27.75 -4.24 -48.50
N GLN A 180 -28.38 -4.16 -47.34
CA GLN A 180 -28.35 -5.26 -46.39
C GLN A 180 -29.53 -6.18 -46.62
N VAL A 181 -29.25 -7.48 -46.57
CA VAL A 181 -30.21 -8.53 -46.85
C VAL A 181 -30.82 -9.04 -45.57
N LYS A 182 -32.14 -9.17 -45.55
CA LYS A 182 -32.88 -9.66 -44.40
C LYS A 182 -33.93 -10.66 -44.83
N GLY A 183 -34.04 -11.73 -44.05
CA GLY A 183 -35.02 -12.78 -44.29
C GLY A 183 -34.81 -13.54 -45.59
N SER A 184 -33.57 -13.62 -46.05
CA SER A 184 -33.26 -14.33 -47.24
C SER A 184 -31.97 -15.12 -46.98
N PHE A 185 -31.70 -16.12 -47.81
CA PHE A 185 -30.46 -16.91 -47.75
C PHE A 185 -29.46 -16.33 -48.77
N ARG A 186 -28.19 -16.24 -48.41
CA ARG A 186 -27.14 -15.89 -49.39
C ARG A 186 -26.02 -16.93 -49.38
N ASP A 187 -25.32 -17.06 -50.51
CA ASP A 187 -24.24 -18.03 -50.65
C ASP A 187 -22.90 -17.34 -50.65
N VAL A 188 -22.11 -17.54 -49.61
CA VAL A 188 -20.75 -17.00 -49.53
C VAL A 188 -19.79 -18.15 -49.25
N ASN A 189 -18.71 -18.24 -50.02
CA ASN A 189 -17.78 -19.39 -49.96
C ASN A 189 -18.56 -20.69 -50.08
N GLY A 190 -18.37 -21.64 -49.18
CA GLY A 190 -19.11 -22.90 -49.24
C GLY A 190 -20.36 -22.89 -48.37
N LYS A 191 -20.72 -21.72 -47.84
CA LYS A 191 -21.75 -21.61 -46.83
C LYS A 191 -23.08 -21.07 -47.37
N HIS A 192 -24.17 -21.68 -46.93
CA HIS A 192 -25.53 -21.25 -47.23
C HIS A 192 -26.07 -20.61 -45.95
N ILE A 193 -25.98 -19.30 -45.86
CA ILE A 193 -26.31 -18.60 -44.60
C ILE A 193 -27.60 -17.80 -44.71
N TYR A 194 -28.55 -18.11 -43.82
CA TYR A 194 -29.78 -17.32 -43.68
C TYR A 194 -29.51 -16.14 -42.78
N PHE A 195 -30.17 -15.05 -43.06
CA PHE A 195 -30.09 -13.85 -42.24
C PHE A 195 -31.52 -13.48 -41.74
N ASP A 196 -31.62 -13.05 -40.49
CA ASP A 196 -32.93 -12.76 -39.85
C ASP A 196 -33.70 -11.66 -40.58
N SER A 197 -35.02 -11.68 -40.45
CA SER A 197 -35.90 -10.74 -41.17
C SER A 197 -36.02 -9.35 -40.51
N VAL A 198 -35.75 -9.28 -39.20
CA VAL A 198 -35.77 -8.03 -38.44
C VAL A 198 -34.36 -7.40 -38.39
N THR A 199 -33.40 -8.17 -37.91
CA THR A 199 -32.04 -7.65 -37.61
C THR A 199 -31.05 -7.85 -38.76
N GLY A 200 -31.31 -8.82 -39.63
CA GLY A 200 -30.38 -9.19 -40.70
C GLY A 200 -29.18 -9.96 -40.21
N LYS A 201 -29.32 -10.58 -39.04
CA LYS A 201 -28.25 -11.30 -38.36
C LYS A 201 -28.26 -12.78 -38.75
N ALA A 202 -27.09 -13.35 -38.99
CA ALA A 202 -27.00 -14.74 -39.40
C ALA A 202 -27.58 -15.71 -38.33
N SER A 203 -28.59 -16.47 -38.73
CA SER A 203 -29.20 -17.50 -37.87
C SER A 203 -29.68 -18.77 -38.62
N SER A 204 -29.86 -19.84 -37.86
CA SER A 204 -30.30 -21.13 -38.38
C SER A 204 -31.63 -21.06 -39.09
N ASN A 205 -31.75 -21.81 -40.17
CA ASN A 205 -33.00 -21.98 -40.85
C ASN A 205 -32.98 -23.21 -41.73
N VAL A 206 -34.14 -23.51 -42.28
CA VAL A 206 -34.33 -24.59 -43.22
C VAL A 206 -34.67 -23.97 -44.55
N ASP A 207 -33.95 -24.34 -45.60
CA ASP A 207 -34.25 -23.90 -46.94
C ASP A 207 -34.72 -25.13 -47.73
N ILE A 208 -35.75 -24.95 -48.56
CA ILE A 208 -36.08 -25.97 -49.56
C ILE A 208 -35.06 -25.74 -50.67
N VAL A 209 -34.15 -26.69 -50.85
CA VAL A 209 -33.10 -26.61 -51.86
C VAL A 209 -33.40 -27.64 -52.88
N ASN A 210 -33.48 -27.22 -54.13
CA ASN A 210 -34.01 -28.08 -55.16
C ASN A 210 -35.29 -28.66 -54.60
N GLY A 211 -35.49 -29.96 -54.60
CA GLY A 211 -36.76 -30.48 -54.08
C GLY A 211 -36.90 -30.72 -52.57
N LYS A 212 -35.82 -30.54 -51.82
CA LYS A 212 -35.78 -31.11 -50.49
C LYS A 212 -35.35 -30.15 -49.43
N ALA A 213 -35.85 -30.39 -48.24
CA ALA A 213 -35.53 -29.56 -47.09
C ALA A 213 -34.17 -29.92 -46.53
N GLN A 214 -33.39 -28.91 -46.20
CA GLN A 214 -32.05 -29.07 -45.68
C GLN A 214 -31.84 -28.00 -44.60
N GLY A 215 -31.38 -28.42 -43.42
CA GLY A 215 -31.18 -27.51 -42.29
C GLY A 215 -29.86 -26.81 -42.42
N TYR A 216 -29.74 -25.64 -41.80
CA TYR A 216 -28.48 -24.88 -41.84
C TYR A 216 -28.28 -24.16 -40.55
N ASP A 217 -27.03 -24.03 -40.14
CA ASP A 217 -26.69 -23.36 -38.89
C ASP A 217 -26.40 -21.87 -39.13
N ALA A 218 -26.02 -21.18 -38.07
CA ALA A 218 -25.70 -19.76 -38.15
C ALA A 218 -24.50 -19.49 -39.04
N GLN A 219 -23.55 -20.43 -39.10
CA GLN A 219 -22.37 -20.27 -39.98
C GLN A 219 -22.58 -20.76 -41.41
N GLY A 220 -23.77 -21.31 -41.69
CA GLY A 220 -24.13 -21.72 -43.06
C GLY A 220 -23.78 -23.15 -43.46
N ASN A 221 -23.59 -24.01 -42.46
CA ASN A 221 -23.26 -25.40 -42.70
C ASN A 221 -24.52 -26.25 -42.73
N GLN A 222 -24.60 -27.17 -43.70
CA GLN A 222 -25.69 -28.12 -43.71
C GLN A 222 -25.61 -28.95 -42.41
N LEU A 223 -26.71 -29.00 -41.68
CA LEU A 223 -26.75 -29.70 -40.41
C LEU A 223 -27.07 -31.18 -40.61
N LYS A 224 -26.40 -32.01 -39.80
CA LYS A 224 -26.57 -33.46 -39.79
C LYS A 224 -26.89 -33.90 -38.37
N LYS A 225 -27.87 -34.79 -38.22
CA LYS A 225 -28.26 -35.32 -36.89
C LYS A 225 -28.52 -34.20 -35.87
N SER A 226 -29.40 -33.28 -36.24
CA SER A 226 -29.71 -32.13 -35.42
C SER A 226 -31.13 -31.65 -35.65
N TYR A 227 -31.72 -31.06 -34.62
CA TYR A 227 -33.00 -30.37 -34.73
C TYR A 227 -32.73 -28.97 -35.27
N VAL A 228 -33.63 -28.48 -36.10
CA VAL A 228 -33.65 -27.05 -36.47
C VAL A 228 -35.07 -26.53 -36.56
N ALA A 229 -35.27 -25.31 -36.06
CA ALA A 229 -36.54 -24.64 -36.20
C ALA A 229 -36.38 -23.66 -37.33
N ASP A 230 -37.38 -23.59 -38.22
CA ASP A 230 -37.34 -22.65 -39.33
C ASP A 230 -37.95 -21.28 -38.95
N SER A 231 -37.98 -20.37 -39.90
CA SER A 231 -38.52 -19.01 -39.69
C SER A 231 -39.93 -19.00 -39.11
N SER A 232 -40.79 -19.89 -39.60
CA SER A 232 -42.20 -19.93 -39.18
C SER A 232 -42.48 -20.69 -37.89
N GLY A 233 -41.43 -21.05 -37.14
CA GLY A 233 -41.60 -21.79 -35.87
C GLY A 233 -41.92 -23.26 -36.02
N GLN A 234 -41.61 -23.85 -37.18
CA GLN A 234 -41.73 -25.29 -37.38
C GLN A 234 -40.37 -25.98 -37.15
N THR A 235 -40.42 -27.24 -36.74
CA THR A 235 -39.22 -28.00 -36.38
C THR A 235 -39.05 -29.26 -37.25
N TYR A 236 -37.81 -29.43 -37.73
CA TYR A 236 -37.42 -30.62 -38.48
C TYR A 236 -36.33 -31.36 -37.72
N TYR A 237 -36.16 -32.66 -37.96
CA TYR A 237 -34.93 -33.30 -37.51
C TYR A 237 -34.24 -33.91 -38.70
N PHE A 238 -33.01 -33.47 -38.94
CA PHE A 238 -32.24 -33.97 -40.06
C PHE A 238 -31.28 -35.06 -39.59
N ASP A 239 -31.21 -36.14 -40.36
CA ASP A 239 -30.45 -37.34 -39.98
C ASP A 239 -28.97 -37.29 -40.40
N GLY A 240 -28.32 -38.45 -40.47
CA GLY A 240 -26.89 -38.49 -40.84
C GLY A 240 -26.56 -37.93 -42.21
N ASN A 241 -27.49 -38.07 -43.16
CA ASN A 241 -27.30 -37.57 -44.52
C ASN A 241 -27.79 -36.14 -44.78
N GLY A 242 -28.43 -35.53 -43.77
CA GLY A 242 -28.97 -34.18 -43.87
C GLY A 242 -30.42 -34.19 -44.32
N GLN A 243 -30.99 -35.37 -44.52
CA GLN A 243 -32.36 -35.52 -44.97
C GLN A 243 -33.27 -35.60 -43.76
N PRO A 244 -34.40 -34.87 -43.78
CA PRO A 244 -35.26 -34.89 -42.60
C PRO A 244 -35.92 -36.23 -42.39
N LEU A 245 -36.16 -36.56 -41.12
CA LEU A 245 -36.86 -37.81 -40.81
C LEU A 245 -38.35 -37.57 -40.91
N ILE A 246 -39.06 -38.61 -41.33
CA ILE A 246 -40.49 -38.56 -41.51
C ILE A 246 -41.14 -39.72 -40.79
N GLY A 247 -42.33 -39.49 -40.26
CA GLY A 247 -43.09 -40.54 -39.59
C GLY A 247 -42.64 -40.65 -38.15
N LEU A 248 -43.04 -41.76 -37.53
CA LEU A 248 -42.77 -41.95 -36.13
C LEU A 248 -41.28 -42.23 -35.93
N GLN A 249 -40.69 -41.62 -34.91
CA GLN A 249 -39.27 -41.76 -34.67
C GLN A 249 -38.97 -41.69 -33.18
N THR A 250 -37.91 -42.36 -32.75
CA THR A 250 -37.44 -42.22 -31.39
C THR A 250 -36.10 -41.52 -31.43
N ILE A 251 -35.96 -40.41 -30.71
CA ILE A 251 -34.72 -39.64 -30.71
C ILE A 251 -34.31 -39.36 -29.27
N ASP A 252 -33.04 -39.61 -28.95
CA ASP A 252 -32.53 -39.44 -27.59
C ASP A 252 -33.52 -40.08 -26.62
N GLY A 253 -34.10 -41.22 -26.99
CA GLY A 253 -35.09 -41.88 -26.12
C GLY A 253 -36.47 -41.22 -26.08
N ASN A 254 -36.75 -40.33 -27.02
CA ASN A 254 -38.02 -39.60 -27.09
C ASN A 254 -38.78 -40.05 -28.32
N LEU A 255 -40.08 -40.31 -28.17
CA LEU A 255 -40.92 -40.72 -29.30
C LEU A 255 -41.51 -39.47 -29.92
N GLN A 256 -41.32 -39.28 -31.22
CA GLN A 256 -41.85 -38.11 -31.93
C GLN A 256 -42.45 -38.47 -33.30
N TYR A 257 -43.38 -37.63 -33.79
CA TYR A 257 -44.00 -37.86 -35.10
C TYR A 257 -43.64 -36.78 -36.10
N PHE A 258 -43.45 -37.14 -37.36
CA PHE A 258 -43.16 -36.13 -38.38
C PHE A 258 -44.09 -36.29 -39.58
N ASN A 259 -44.61 -35.19 -40.10
CA ASN A 259 -45.50 -35.26 -41.25
C ASN A 259 -44.73 -35.62 -42.52
N GLN A 260 -45.45 -35.87 -43.59
CA GLN A 260 -44.82 -36.36 -44.81
C GLN A 260 -43.83 -35.36 -45.43
N GLN A 261 -43.86 -34.11 -44.99
CA GLN A 261 -42.88 -33.11 -45.43
C GLN A 261 -41.74 -32.90 -44.45
N GLY A 262 -41.73 -33.68 -43.36
CA GLY A 262 -40.65 -33.67 -42.38
C GLY A 262 -40.82 -32.72 -41.21
N VAL A 263 -42.01 -32.14 -41.07
CA VAL A 263 -42.28 -31.16 -40.02
C VAL A 263 -42.70 -31.88 -38.74
N GLN A 264 -42.33 -31.32 -37.59
CA GLN A 264 -42.64 -31.97 -36.32
C GLN A 264 -44.02 -31.62 -35.77
N ILE A 265 -44.81 -32.65 -35.46
CA ILE A 265 -46.10 -32.44 -34.82
C ILE A 265 -45.89 -32.11 -33.34
N LYS A 266 -46.47 -30.97 -32.92
CA LYS A 266 -46.39 -30.46 -31.54
C LYS A 266 -47.78 -30.04 -31.08
N GLY A 267 -48.19 -30.49 -29.91
CA GLY A 267 -49.47 -30.09 -29.33
C GLY A 267 -50.62 -30.62 -30.14
N GLY A 268 -50.63 -31.93 -30.36
CA GLY A 268 -51.77 -32.58 -30.99
C GLY A 268 -51.72 -34.10 -31.06
N PHE A 269 -52.89 -34.71 -31.24
CA PHE A 269 -52.99 -36.14 -31.47
C PHE A 269 -52.63 -36.48 -32.91
N GLN A 270 -52.41 -37.77 -33.16
CA GLN A 270 -51.89 -38.21 -34.43
C GLN A 270 -52.07 -39.70 -34.54
N ASP A 271 -52.75 -40.14 -35.60
CA ASP A 271 -53.05 -41.56 -35.79
C ASP A 271 -51.93 -42.22 -36.59
N VAL A 272 -50.93 -42.71 -35.87
CA VAL A 272 -49.80 -43.40 -36.47
C VAL A 272 -49.87 -44.82 -36.01
N ASN A 273 -49.64 -45.74 -36.92
CA ASN A 273 -49.93 -47.16 -36.72
C ASN A 273 -51.44 -47.37 -36.51
N ASN A 274 -51.82 -48.39 -35.75
CA ASN A 274 -53.20 -48.52 -35.33
C ASN A 274 -53.54 -47.39 -34.35
N LYS A 275 -52.55 -47.04 -33.54
CA LYS A 275 -52.72 -46.26 -32.32
C LYS A 275 -52.93 -44.76 -32.58
N ARG A 276 -53.23 -44.07 -31.50
CA ARG A 276 -53.42 -42.62 -31.46
C ARG A 276 -52.60 -41.98 -30.35
N ILE A 277 -51.62 -41.15 -30.68
CA ILE A 277 -50.70 -40.63 -29.68
C ILE A 277 -50.71 -39.12 -29.62
N TYR A 278 -50.67 -38.56 -28.43
CA TYR A 278 -50.60 -37.12 -28.28
C TYR A 278 -49.14 -36.75 -28.15
N PHE A 279 -48.77 -35.64 -28.78
CA PHE A 279 -47.41 -35.15 -28.70
C PHE A 279 -47.38 -33.79 -28.07
N ALA A 280 -46.42 -33.56 -27.19
CA ALA A 280 -46.38 -32.36 -26.36
C ALA A 280 -46.15 -31.04 -27.13
N PRO A 281 -46.68 -29.92 -26.59
CA PRO A 281 -46.65 -28.63 -27.27
C PRO A 281 -45.30 -28.06 -27.64
N ASN A 282 -44.30 -28.22 -26.78
CA ASN A 282 -42.98 -27.65 -27.12
C ASN A 282 -41.92 -28.67 -27.46
N THR A 283 -41.87 -29.74 -26.67
CA THR A 283 -40.90 -30.80 -26.90
C THR A 283 -41.32 -31.65 -28.09
N GLY A 284 -42.61 -31.89 -28.21
CA GLY A 284 -43.11 -32.82 -29.23
C GLY A 284 -43.03 -34.26 -28.77
N ASN A 285 -42.77 -34.49 -27.48
CA ASN A 285 -42.63 -35.85 -26.96
C ASN A 285 -43.97 -36.50 -26.64
N ALA A 286 -44.03 -37.82 -26.84
CA ALA A 286 -45.26 -38.57 -26.58
C ALA A 286 -45.60 -38.52 -25.09
N VAL A 287 -46.87 -38.28 -24.80
CA VAL A 287 -47.35 -38.19 -23.44
C VAL A 287 -48.80 -38.62 -23.38
N ALA A 288 -49.20 -39.07 -22.21
CA ALA A 288 -50.56 -39.43 -21.98
C ALA A 288 -51.43 -38.16 -22.08
N ASN A 289 -52.60 -38.33 -22.66
CA ASN A 289 -53.53 -37.22 -22.78
C ASN A 289 -54.94 -37.74 -22.86
N THR A 290 -55.88 -36.85 -22.58
CA THR A 290 -57.28 -37.17 -22.62
C THR A 290 -57.94 -36.31 -23.67
N GLU A 291 -58.92 -36.88 -24.35
CA GLU A 291 -59.71 -36.11 -25.28
C GLU A 291 -61.16 -36.49 -25.06
N ILE A 292 -62.04 -35.67 -25.59
CA ILE A 292 -63.46 -35.91 -25.44
C ILE A 292 -63.99 -36.60 -26.70
N ILE A 293 -64.33 -37.87 -26.56
CA ILE A 293 -64.91 -38.66 -27.64
C ILE A 293 -66.40 -38.75 -27.36
N ASN A 294 -67.21 -38.48 -28.38
CA ASN A 294 -68.64 -38.30 -28.20
C ASN A 294 -68.81 -37.23 -27.12
N GLY A 295 -69.50 -37.56 -26.03
CA GLY A 295 -69.69 -36.63 -24.93
C GLY A 295 -68.90 -36.93 -23.67
N LYS A 296 -67.95 -37.86 -23.75
CA LYS A 296 -67.27 -38.38 -22.54
C LYS A 296 -65.74 -38.26 -22.65
N LEU A 297 -65.09 -37.85 -21.56
CA LEU A 297 -63.63 -37.80 -21.54
C LEU A 297 -63.10 -39.22 -21.68
N GLN A 298 -62.02 -39.37 -22.44
CA GLN A 298 -61.32 -40.65 -22.62
C GLN A 298 -59.88 -40.37 -22.33
N GLY A 299 -59.13 -41.41 -21.98
CA GLY A 299 -57.70 -41.28 -21.70
C GLY A 299 -56.88 -42.06 -22.70
N ARG A 300 -55.78 -41.45 -23.12
CA ARG A 300 -54.86 -42.03 -24.05
C ARG A 300 -53.49 -42.05 -23.41
N ASP A 301 -52.80 -43.19 -23.46
CA ASP A 301 -51.48 -43.27 -22.81
C ASP A 301 -50.34 -42.80 -23.74
N ALA A 302 -49.10 -42.99 -23.29
CA ALA A 302 -47.92 -42.55 -24.03
C ALA A 302 -47.71 -43.38 -25.32
N ASN A 303 -48.14 -44.62 -25.31
CA ASN A 303 -48.03 -45.50 -26.48
C ASN A 303 -49.14 -45.32 -27.54
N GLY A 304 -50.12 -44.48 -27.24
CA GLY A 304 -51.25 -44.27 -28.15
C GLY A 304 -52.41 -45.22 -27.92
N ASN A 305 -52.27 -46.11 -26.94
CA ASN A 305 -53.36 -47.02 -26.54
C ASN A 305 -54.30 -46.38 -25.52
N GLN A 306 -55.59 -46.66 -25.69
CA GLN A 306 -56.57 -46.20 -24.74
C GLN A 306 -56.33 -46.84 -23.38
N VAL A 307 -56.68 -46.12 -22.31
CA VAL A 307 -56.46 -46.61 -20.93
C VAL A 307 -57.75 -47.18 -20.36
N LYS A 308 -57.64 -48.41 -19.87
CA LYS A 308 -58.74 -49.15 -19.32
C LYS A 308 -58.25 -49.66 -17.97
N ASN A 309 -59.10 -49.52 -16.94
CA ASN A 309 -58.79 -49.99 -15.59
C ASN A 309 -57.45 -49.48 -15.13
N ALA A 310 -57.33 -48.16 -14.99
CA ALA A 310 -56.08 -47.52 -14.59
C ALA A 310 -56.19 -46.01 -14.43
N PHE A 311 -55.18 -45.46 -13.75
CA PHE A 311 -54.96 -44.04 -13.64
C PHE A 311 -54.16 -43.56 -14.85
N SER A 312 -54.54 -42.41 -15.42
CA SER A 312 -53.79 -41.78 -16.52
C SER A 312 -53.95 -40.27 -16.46
N LYS A 313 -52.90 -39.54 -16.79
CA LYS A 313 -52.97 -38.08 -16.77
C LYS A 313 -53.43 -37.42 -18.09
N ASP A 314 -53.59 -36.09 -18.01
CA ASP A 314 -53.65 -35.21 -19.18
C ASP A 314 -52.49 -34.19 -19.17
N VAL A 315 -52.30 -33.50 -20.29
CA VAL A 315 -51.18 -32.57 -20.44
C VAL A 315 -51.11 -31.52 -19.34
N ALA A 316 -52.27 -31.05 -18.89
CA ALA A 316 -52.30 -30.04 -17.84
C ALA A 316 -51.66 -30.54 -16.52
N GLY A 317 -51.81 -31.84 -16.25
CA GLY A 317 -51.24 -32.46 -15.03
C GLY A 317 -52.26 -33.11 -14.08
N ASN A 318 -53.53 -33.16 -14.50
CA ASN A 318 -54.59 -33.79 -13.74
C ASN A 318 -54.60 -35.28 -13.96
N THR A 319 -54.83 -36.02 -12.89
CA THR A 319 -54.91 -37.46 -12.96
C THR A 319 -56.37 -37.87 -12.93
N PHE A 320 -56.72 -38.86 -13.75
CA PHE A 320 -58.07 -39.42 -13.77
C PHE A 320 -57.92 -40.91 -13.54
N TYR A 321 -59.03 -41.58 -13.31
CA TYR A 321 -59.05 -43.04 -13.31
C TYR A 321 -60.10 -43.48 -14.30
N PHE A 322 -59.77 -44.47 -15.12
CA PHE A 322 -60.70 -44.92 -16.15
C PHE A 322 -61.03 -46.39 -15.96
N ASP A 323 -62.32 -46.72 -15.97
CA ASP A 323 -62.78 -48.08 -15.65
C ASP A 323 -62.64 -49.05 -16.83
N ALA A 324 -63.12 -50.28 -16.67
CA ALA A 324 -63.09 -51.29 -17.73
C ALA A 324 -63.78 -50.83 -19.02
N ASN A 325 -64.83 -50.04 -18.91
CA ASN A 325 -65.54 -49.52 -20.10
C ASN A 325 -64.87 -48.29 -20.74
N GLY A 326 -63.70 -47.89 -20.21
CA GLY A 326 -62.97 -46.70 -20.66
C GLY A 326 -63.38 -45.36 -20.05
N VAL A 327 -64.47 -45.36 -19.29
CA VAL A 327 -65.12 -44.12 -18.83
C VAL A 327 -64.50 -43.64 -17.53
N MET A 328 -64.22 -42.33 -17.46
CA MET A 328 -63.60 -41.74 -16.27
C MET A 328 -64.53 -41.87 -15.05
N LEU A 329 -63.94 -42.19 -13.91
CA LEU A 329 -64.67 -42.32 -12.66
C LEU A 329 -64.71 -40.99 -11.89
N THR A 330 -65.73 -40.87 -11.06
CA THR A 330 -65.97 -39.67 -10.23
C THR A 330 -66.14 -40.10 -8.77
N GLY A 331 -65.95 -39.16 -7.87
CA GLY A 331 -66.31 -39.37 -6.48
C GLY A 331 -65.34 -40.27 -5.74
N LEU A 332 -65.82 -40.80 -4.62
CA LEU A 332 -65.04 -41.65 -3.77
C LEU A 332 -64.94 -43.04 -4.37
N GLN A 333 -63.72 -43.54 -4.59
CA GLN A 333 -63.48 -44.85 -5.20
C GLN A 333 -62.43 -45.70 -4.49
N THR A 334 -62.76 -46.96 -4.26
CA THR A 334 -61.85 -47.90 -3.64
C THR A 334 -61.31 -48.81 -4.72
N ILE A 335 -60.02 -48.71 -5.01
CA ILE A 335 -59.41 -49.64 -5.97
C ILE A 335 -58.11 -50.22 -5.41
N SER A 336 -57.87 -51.50 -5.69
CA SER A 336 -56.73 -52.27 -5.14
C SER A 336 -56.53 -52.06 -3.64
N GLY A 337 -57.63 -52.16 -2.88
CA GLY A 337 -57.55 -52.09 -1.43
C GLY A 337 -57.32 -50.71 -0.85
N LYS A 338 -57.35 -49.69 -1.70
CA LYS A 338 -57.08 -48.30 -1.30
C LYS A 338 -58.14 -47.38 -1.83
N THR A 339 -58.38 -46.29 -1.08
CA THR A 339 -59.46 -45.36 -1.36
C THR A 339 -58.92 -44.00 -1.79
N TYR A 340 -59.43 -43.54 -2.92
CA TYR A 340 -59.02 -42.29 -3.53
C TYR A 340 -60.24 -41.41 -3.68
N TYR A 341 -60.05 -40.09 -3.69
CA TYR A 341 -61.14 -39.17 -3.87
C TYR A 341 -60.98 -38.44 -5.18
N LEU A 342 -61.97 -38.57 -6.06
CA LEU A 342 -61.98 -37.85 -7.32
C LEU A 342 -63.07 -36.79 -7.26
N ASP A 343 -62.75 -35.59 -7.69
CA ASP A 343 -63.72 -34.50 -7.62
C ASP A 343 -64.71 -34.56 -8.79
N GLU A 344 -65.61 -33.58 -8.84
CA GLU A 344 -66.68 -33.51 -9.85
C GLU A 344 -66.15 -33.60 -11.29
N GLN A 345 -65.00 -32.98 -11.53
CA GLN A 345 -64.36 -33.02 -12.85
C GLN A 345 -63.61 -34.34 -13.12
N GLY A 346 -63.50 -35.22 -12.12
CA GLY A 346 -62.74 -36.47 -12.23
C GLY A 346 -61.26 -36.34 -11.86
N HIS A 347 -60.86 -35.18 -11.33
CA HIS A 347 -59.48 -34.96 -10.90
C HIS A 347 -59.17 -35.70 -9.59
N LEU A 348 -58.06 -36.42 -9.56
CA LEU A 348 -57.56 -37.08 -8.36
C LEU A 348 -57.03 -35.99 -7.43
N ARG A 349 -57.49 -36.02 -6.17
CA ARG A 349 -57.11 -34.98 -5.20
C ARG A 349 -56.06 -35.51 -4.23
N LYS A 350 -54.90 -34.90 -4.27
CA LYS A 350 -53.81 -35.26 -3.43
C LYS A 350 -53.61 -34.15 -2.42
N ASN A 351 -53.04 -34.52 -1.26
CA ASN A 351 -52.89 -33.65 -0.10
C ASN A 351 -54.19 -32.96 0.26
N TYR A 352 -55.24 -33.77 0.41
CA TYR A 352 -56.61 -33.28 0.59
C TYR A 352 -57.18 -33.96 1.85
N ALA A 353 -57.60 -33.16 2.81
CA ALA A 353 -58.24 -33.67 4.01
C ALA A 353 -59.73 -33.47 3.94
N GLY A 354 -60.49 -34.47 4.38
CA GLY A 354 -61.94 -34.29 4.53
C GLY A 354 -62.70 -35.47 5.07
N THR A 355 -63.93 -35.22 5.51
CA THR A 355 -64.77 -36.27 6.07
C THR A 355 -65.62 -36.91 4.99
N PHE A 356 -65.12 -38.03 4.45
CA PHE A 356 -65.75 -38.68 3.31
C PHE A 356 -66.64 -39.85 3.68
N ASN A 357 -66.21 -40.69 4.61
CA ASN A 357 -67.02 -41.87 5.04
C ASN A 357 -67.87 -41.57 6.31
N ASN A 358 -68.27 -40.29 6.44
CA ASN A 358 -68.75 -39.69 7.70
C ASN A 358 -67.69 -39.84 8.82
N GLN A 359 -66.48 -40.17 8.39
CA GLN A 359 -65.30 -40.25 9.22
C GLN A 359 -64.17 -39.53 8.50
N PHE A 360 -63.27 -38.93 9.26
CA PHE A 360 -62.15 -38.20 8.66
C PHE A 360 -61.34 -39.12 7.75
N MET A 361 -60.75 -38.54 6.69
CA MET A 361 -59.80 -39.24 5.83
C MET A 361 -58.88 -38.25 5.10
N TYR A 362 -57.57 -38.44 5.23
CA TYR A 362 -56.58 -37.58 4.57
C TYR A 362 -56.03 -38.31 3.36
N PHE A 363 -56.09 -37.65 2.20
CA PHE A 363 -55.60 -38.25 0.96
C PHE A 363 -54.15 -37.85 0.62
N ASP A 364 -53.31 -38.88 0.54
CA ASP A 364 -51.86 -38.80 0.40
C ASP A 364 -51.39 -37.74 -0.58
N ALA A 365 -50.27 -37.07 -0.25
CA ALA A 365 -49.60 -36.18 -1.20
C ALA A 365 -48.94 -36.95 -2.37
N ASP A 366 -48.46 -38.16 -2.10
CA ASP A 366 -47.76 -39.00 -3.10
C ASP A 366 -48.71 -39.55 -4.16
N THR A 367 -49.65 -40.38 -3.75
CA THR A 367 -50.53 -41.09 -4.68
C THR A 367 -52.02 -40.80 -4.52
N GLY A 368 -52.38 -39.98 -3.54
CA GLY A 368 -53.79 -39.71 -3.24
C GLY A 368 -54.55 -40.76 -2.44
N ALA A 369 -53.85 -41.78 -1.96
CA ALA A 369 -54.50 -42.86 -1.21
C ALA A 369 -54.90 -42.44 0.21
N GLY A 370 -56.13 -42.78 0.58
CA GLY A 370 -56.71 -42.35 1.85
C GLY A 370 -56.15 -43.06 3.07
N LYS A 371 -55.69 -42.28 4.03
CA LYS A 371 -55.27 -42.76 5.33
C LYS A 371 -56.25 -42.22 6.36
N THR A 372 -56.47 -42.98 7.42
CA THR A 372 -57.39 -42.57 8.48
C THR A 372 -56.81 -41.49 9.40
N ALA A 373 -55.49 -41.27 9.34
CA ALA A 373 -54.76 -40.27 10.14
C ALA A 373 -55.01 -40.41 11.64
N ILE A 374 -55.17 -41.67 12.05
CA ILE A 374 -55.31 -42.08 13.42
C ILE A 374 -53.92 -42.46 13.99
N GLU A 375 -53.11 -43.09 13.15
CA GLU A 375 -51.76 -43.46 13.53
C GLU A 375 -50.84 -42.26 13.64
N TYR A 376 -50.15 -42.15 14.78
CA TYR A 376 -49.19 -41.09 14.96
C TYR A 376 -48.04 -41.27 13.97
N GLN A 377 -47.62 -40.21 13.32
CA GLN A 377 -46.54 -40.25 12.34
C GLN A 377 -45.19 -39.91 12.91
N PHE A 378 -45.16 -39.44 14.15
CA PHE A 378 -43.87 -39.22 14.82
C PHE A 378 -43.23 -40.55 15.20
N ASP A 379 -41.91 -40.62 15.04
CA ASP A 379 -41.16 -41.87 15.14
C ASP A 379 -40.23 -41.86 16.37
N GLN A 380 -40.37 -40.90 17.26
CA GLN A 380 -39.43 -40.74 18.38
C GLN A 380 -40.15 -40.73 19.75
N GLY A 381 -40.04 -41.82 20.50
CA GLY A 381 -40.68 -41.95 21.82
C GLY A 381 -39.85 -41.22 22.85
N LEU A 382 -40.40 -41.04 24.05
CA LEU A 382 -39.63 -40.33 25.07
C LEU A 382 -38.42 -41.18 25.45
N VAL A 383 -37.22 -40.60 25.36
CA VAL A 383 -36.02 -41.29 25.75
C VAL A 383 -35.13 -40.40 26.60
N SER A 384 -34.41 -41.03 27.50
CA SER A 384 -33.44 -40.35 28.33
C SER A 384 -32.09 -40.32 27.62
N GLN A 385 -31.41 -39.20 27.68
CA GLN A 385 -30.18 -39.05 26.95
C GLN A 385 -28.95 -39.24 27.82
N SER A 386 -29.11 -39.13 29.15
CA SER A 386 -27.97 -39.23 30.05
C SER A 386 -27.34 -40.61 30.04
N ASN A 387 -26.01 -40.62 30.12
CA ASN A 387 -25.23 -41.85 30.15
C ASN A 387 -23.86 -41.59 30.82
N GLU A 388 -22.90 -42.49 30.63
CA GLU A 388 -21.58 -42.36 31.24
C GLU A 388 -20.78 -41.13 30.78
N ASN A 389 -21.11 -40.58 29.63
CA ASN A 389 -20.39 -39.41 29.12
C ASN A 389 -20.99 -38.07 29.51
N THR A 390 -22.21 -38.06 30.00
CA THR A 390 -22.88 -36.80 30.35
C THR A 390 -22.09 -35.97 31.38
N PRO A 391 -21.73 -36.54 32.54
CA PRO A 391 -20.97 -35.72 33.50
C PRO A 391 -19.63 -35.21 32.97
N HIS A 392 -19.02 -35.93 32.04
CA HIS A 392 -17.74 -35.52 31.45
C HIS A 392 -17.92 -34.36 30.44
N ASN A 393 -18.91 -34.46 29.56
CA ASN A 393 -19.16 -33.44 28.56
C ASN A 393 -19.94 -32.24 29.07
N ALA A 394 -20.46 -32.29 30.30
CA ALA A 394 -21.16 -31.15 30.86
C ALA A 394 -20.24 -29.95 31.03
N ALA A 395 -20.84 -28.76 31.09
CA ALA A 395 -20.10 -27.54 31.26
C ALA A 395 -19.42 -27.51 32.62
N LYS A 396 -18.16 -27.07 32.63
CA LYS A 396 -17.37 -26.88 33.85
C LYS A 396 -18.04 -25.85 34.73
N SER A 397 -18.63 -24.85 34.09
CA SER A 397 -19.18 -23.69 34.75
C SER A 397 -20.32 -23.16 33.89
N TYR A 398 -21.29 -22.51 34.52
CA TYR A 398 -22.42 -21.91 33.79
C TYR A 398 -22.29 -20.38 33.72
N ASP A 399 -21.28 -19.91 33.00
CA ASP A 399 -20.96 -18.48 32.94
C ASP A 399 -20.00 -18.16 31.79
N LYS A 400 -19.63 -16.88 31.67
CA LYS A 400 -18.80 -16.42 30.56
C LYS A 400 -17.41 -17.06 30.51
N SER A 401 -16.92 -17.60 31.64
CA SER A 401 -15.63 -18.30 31.65
C SER A 401 -15.64 -19.50 30.73
N SER A 402 -16.63 -20.35 30.91
CA SER A 402 -16.71 -21.65 30.23
C SER A 402 -17.48 -21.64 28.91
N PHE A 403 -18.04 -20.49 28.52
CA PHE A 403 -18.82 -20.38 27.28
C PHE A 403 -18.44 -19.17 26.45
N GLU A 404 -18.06 -19.38 25.20
CA GLU A 404 -17.88 -18.27 24.26
C GLU A 404 -19.26 -17.73 23.95
N ASN A 405 -19.40 -16.41 23.94
CA ASN A 405 -20.72 -15.80 23.87
C ASN A 405 -20.73 -14.35 23.38
N VAL A 406 -21.92 -13.85 23.13
CA VAL A 406 -22.17 -12.44 22.85
C VAL A 406 -23.29 -12.01 23.79
N ASP A 407 -23.02 -11.01 24.60
CA ASP A 407 -23.97 -10.48 25.61
C ASP A 407 -24.69 -11.56 26.40
N GLY A 408 -23.96 -12.63 26.69
CA GLY A 408 -24.52 -13.75 27.43
C GLY A 408 -25.13 -14.86 26.60
N TYR A 409 -25.58 -14.53 25.40
CA TYR A 409 -26.22 -15.51 24.55
C TYR A 409 -25.19 -16.40 23.87
N LEU A 410 -25.65 -17.56 23.38
CA LEU A 410 -24.78 -18.50 22.70
C LEU A 410 -25.04 -18.48 21.22
N THR A 411 -24.06 -18.91 20.43
CA THR A 411 -24.17 -18.94 18.99
C THR A 411 -23.86 -20.34 18.46
N ALA A 412 -24.22 -20.60 17.21
CA ALA A 412 -23.97 -21.91 16.60
C ALA A 412 -22.48 -22.33 16.65
N ASP A 413 -21.59 -21.37 16.50
CA ASP A 413 -20.14 -21.63 16.47
C ASP A 413 -19.48 -21.41 17.82
N THR A 414 -20.30 -21.31 18.88
CA THR A 414 -19.81 -21.26 20.27
C THR A 414 -19.01 -22.50 20.61
N TRP A 415 -17.89 -22.28 21.29
CA TRP A 415 -17.13 -23.32 21.94
C TRP A 415 -17.29 -23.13 23.44
N TYR A 416 -17.28 -24.24 24.19
CA TYR A 416 -17.41 -24.23 25.64
C TYR A 416 -16.34 -25.09 26.31
N ARG A 417 -16.25 -25.00 27.63
CA ARG A 417 -15.29 -25.79 28.40
C ARG A 417 -16.01 -26.96 29.04
N PRO A 418 -15.82 -28.18 28.51
CA PRO A 418 -16.43 -29.33 29.19
C PRO A 418 -15.71 -29.66 30.47
N THR A 419 -16.39 -30.28 31.43
CA THR A 419 -15.76 -30.66 32.69
C THR A 419 -14.47 -31.46 32.46
N ASP A 420 -14.59 -32.53 31.67
CA ASP A 420 -13.46 -33.41 31.32
C ASP A 420 -13.31 -33.51 29.79
N ILE A 421 -12.15 -33.98 29.37
CA ILE A 421 -11.81 -34.10 27.95
C ILE A 421 -11.31 -35.52 27.70
N LEU A 422 -11.86 -36.15 26.67
CA LEU A 422 -11.44 -37.50 26.26
C LEU A 422 -10.15 -37.40 25.45
N LYS A 423 -9.02 -37.07 26.10
CA LYS A 423 -7.76 -36.84 25.36
C LYS A 423 -7.46 -38.08 24.51
N ASN A 424 -7.09 -37.84 23.25
CA ASN A 424 -6.66 -38.88 22.33
C ASN A 424 -7.69 -40.00 22.14
N GLY A 425 -8.89 -39.79 22.67
CA GLY A 425 -9.92 -40.80 22.62
C GLY A 425 -9.68 -41.96 23.57
N ASP A 426 -8.88 -41.78 24.62
CA ASP A 426 -8.53 -42.88 25.51
C ASP A 426 -8.95 -42.62 26.94
N THR A 427 -8.43 -41.53 27.47
CA THR A 427 -8.58 -41.27 28.88
C THR A 427 -9.17 -39.90 29.13
N TRP A 428 -10.17 -39.87 30.01
CA TRP A 428 -10.81 -38.62 30.41
C TRP A 428 -9.91 -37.92 31.38
N THR A 429 -9.63 -36.65 31.11
CA THR A 429 -8.87 -35.82 32.02
C THR A 429 -9.64 -34.51 32.26
N ALA A 430 -9.57 -34.03 33.50
CA ALA A 430 -10.10 -32.72 33.86
C ALA A 430 -9.58 -31.69 32.87
N SER A 431 -10.42 -30.74 32.47
CA SER A 431 -10.01 -29.74 31.50
C SER A 431 -9.26 -28.59 32.16
N THR A 432 -8.37 -27.98 31.37
CA THR A 432 -7.67 -26.76 31.72
C THR A 432 -8.30 -25.62 30.94
N GLU A 433 -8.34 -24.44 31.54
CA GLU A 433 -9.08 -23.29 31.00
C GLU A 433 -8.96 -23.08 29.49
N THR A 434 -7.84 -23.47 28.91
CA THR A 434 -7.63 -23.36 27.45
C THR A 434 -8.31 -24.45 26.62
N ASP A 435 -8.73 -25.56 27.26
CA ASP A 435 -9.36 -26.70 26.57
C ASP A 435 -10.81 -26.43 26.24
N MET A 436 -11.02 -25.69 25.17
CA MET A 436 -12.35 -25.29 24.74
C MET A 436 -12.77 -26.25 23.65
N ARG A 437 -14.04 -26.62 23.61
CA ARG A 437 -14.54 -27.52 22.58
C ARG A 437 -15.83 -26.97 21.99
N PRO A 438 -16.16 -27.33 20.74
CA PRO A 438 -17.35 -26.81 20.11
C PRO A 438 -18.61 -27.37 20.74
N LEU A 439 -19.58 -26.50 20.98
CA LEU A 439 -20.86 -26.89 21.51
C LEU A 439 -21.50 -27.99 20.67
N LEU A 440 -21.35 -27.91 19.35
CA LEU A 440 -21.94 -28.87 18.44
C LEU A 440 -21.31 -30.29 18.47
N MET A 441 -20.25 -30.46 19.26
CA MET A 441 -19.70 -31.80 19.54
C MET A 441 -20.60 -32.59 20.48
N THR A 442 -21.39 -31.87 21.29
CA THR A 442 -22.16 -32.41 22.40
C THR A 442 -23.64 -32.06 22.38
N TRP A 443 -24.03 -30.96 21.76
CA TRP A 443 -25.44 -30.53 21.76
C TRP A 443 -25.88 -30.06 20.38
N TRP A 444 -27.17 -30.18 20.10
CA TRP A 444 -27.75 -29.73 18.85
C TRP A 444 -29.14 -29.12 19.13
N PRO A 445 -29.59 -28.19 18.28
CA PRO A 445 -30.91 -27.61 18.44
C PRO A 445 -32.05 -28.58 18.14
N ASP A 446 -31.83 -29.53 17.25
CA ASP A 446 -32.87 -30.45 16.76
C ASP A 446 -32.19 -31.67 16.10
N LYS A 447 -32.98 -32.69 15.79
CA LYS A 447 -32.44 -33.90 15.20
C LYS A 447 -31.94 -33.72 13.77
N GLN A 448 -32.58 -32.89 12.98
CA GLN A 448 -32.13 -32.58 11.62
C GLN A 448 -30.72 -32.02 11.64
N THR A 449 -30.48 -31.02 12.49
CA THR A 449 -29.17 -30.44 12.62
C THR A 449 -28.19 -31.47 13.13
N GLN A 450 -28.60 -32.27 14.11
CA GLN A 450 -27.71 -33.32 14.63
C GLN A 450 -27.30 -34.27 13.51
N ALA A 451 -28.26 -34.71 12.71
CA ALA A 451 -27.98 -35.65 11.64
C ALA A 451 -27.08 -35.03 10.58
N ASN A 452 -27.28 -33.73 10.32
CA ASN A 452 -26.46 -33.04 9.33
C ASN A 452 -25.03 -32.86 9.83
N TYR A 453 -24.86 -32.50 11.09
CA TYR A 453 -23.56 -32.40 11.70
C TYR A 453 -22.81 -33.72 11.57
N LEU A 454 -23.47 -34.82 11.92
CA LEU A 454 -22.86 -36.14 11.88
C LEU A 454 -22.43 -36.52 10.47
N ASN A 455 -23.31 -36.31 9.50
CA ASN A 455 -22.96 -36.58 8.11
C ASN A 455 -21.81 -35.71 7.60
N PHE A 456 -21.80 -34.42 7.96
CA PHE A 456 -20.74 -33.51 7.53
C PHE A 456 -19.37 -33.89 8.12
N MET A 457 -19.30 -34.13 9.42
CA MET A 457 -18.04 -34.48 10.07
C MET A 457 -17.51 -35.84 9.60
N SER A 458 -18.43 -36.79 9.40
CA SER A 458 -18.11 -38.07 8.77
C SER A 458 -17.38 -37.96 7.43
N SER A 459 -17.86 -37.07 6.57
CA SER A 459 -17.30 -36.88 5.23
C SER A 459 -15.90 -36.35 5.28
N LYS A 460 -15.46 -35.86 6.45
CA LYS A 460 -14.15 -35.29 6.58
C LYS A 460 -13.16 -36.20 7.24
N GLY A 461 -13.47 -37.50 7.23
CA GLY A 461 -12.54 -38.54 7.70
C GLY A 461 -12.68 -38.91 9.16
N LEU A 462 -13.73 -38.41 9.80
CA LEU A 462 -13.88 -38.59 11.23
C LEU A 462 -14.61 -39.86 11.65
N GLY A 463 -15.15 -40.59 10.69
CA GLY A 463 -15.62 -41.92 10.98
C GLY A 463 -16.35 -42.49 9.79
N ILE A 464 -17.09 -43.56 10.04
CA ILE A 464 -17.95 -44.16 9.04
C ILE A 464 -18.79 -43.07 8.43
N THR A 465 -18.79 -42.98 7.10
CA THR A 465 -19.61 -41.97 6.45
C THR A 465 -21.03 -42.43 6.65
N THR A 466 -21.89 -41.53 7.10
CA THR A 466 -23.22 -41.91 7.50
C THR A 466 -24.26 -41.09 6.76
N THR A 467 -25.32 -41.76 6.36
CA THR A 467 -26.53 -41.11 5.86
C THR A 467 -27.52 -41.08 7.01
N TYR A 468 -27.53 -40.00 7.75
CA TYR A 468 -28.52 -39.84 8.79
C TYR A 468 -29.57 -38.81 8.46
N THR A 469 -30.81 -39.12 8.79
CA THR A 469 -31.94 -38.23 8.59
C THR A 469 -32.46 -37.88 9.98
N ALA A 470 -33.27 -36.84 10.02
CA ALA A 470 -33.98 -36.48 11.23
C ALA A 470 -34.80 -37.66 11.76
N ALA A 471 -35.19 -38.57 10.88
CA ALA A 471 -35.95 -39.75 11.28
C ALA A 471 -35.17 -40.80 12.07
N THR A 472 -33.84 -40.76 11.96
CA THR A 472 -32.97 -41.66 12.69
C THR A 472 -33.23 -41.47 14.17
N SER A 473 -33.13 -42.57 14.94
CA SER A 473 -33.49 -42.52 16.34
C SER A 473 -32.51 -41.66 17.08
N GLN A 474 -32.97 -41.07 18.17
CA GLN A 474 -32.14 -40.19 18.94
C GLN A 474 -30.96 -40.95 19.54
N LYS A 475 -31.20 -42.17 20.00
CA LYS A 475 -30.14 -42.99 20.60
C LYS A 475 -29.02 -43.21 19.59
N THR A 476 -29.37 -43.60 18.36
CA THR A 476 -28.41 -43.84 17.31
C THR A 476 -27.60 -42.58 17.00
N LEU A 477 -28.24 -41.42 16.95
CA LEU A 477 -27.56 -40.18 16.63
C LEU A 477 -26.56 -39.79 17.71
N ASN A 478 -26.96 -39.94 18.96
CA ASN A 478 -26.08 -39.65 20.09
C ASN A 478 -24.88 -40.62 20.16
N ASP A 479 -25.10 -41.90 19.87
CA ASP A 479 -24.00 -42.87 19.79
C ASP A 479 -23.03 -42.46 18.67
N ALA A 480 -23.57 -42.02 17.54
CA ALA A 480 -22.77 -41.58 16.40
C ALA A 480 -22.03 -40.29 16.69
N ALA A 481 -22.60 -39.43 17.53
CA ALA A 481 -21.92 -38.21 17.95
C ALA A 481 -20.67 -38.53 18.75
N PHE A 482 -20.73 -39.57 19.59
CA PHE A 482 -19.61 -39.94 20.44
C PHE A 482 -18.46 -40.59 19.68
N VAL A 483 -18.75 -41.42 18.68
CA VAL A 483 -17.67 -41.96 17.85
C VAL A 483 -17.00 -40.82 17.07
N ILE A 484 -17.75 -39.79 16.69
CA ILE A 484 -17.18 -38.57 16.10
C ILE A 484 -16.37 -37.79 17.12
N GLN A 485 -16.85 -37.72 18.36
CA GLN A 485 -16.09 -37.02 19.40
C GLN A 485 -14.73 -37.68 19.62
N THR A 486 -14.73 -39.00 19.70
CA THR A 486 -13.51 -39.77 19.87
C THR A 486 -12.56 -39.41 18.69
N ALA A 487 -13.04 -39.54 17.48
CA ALA A 487 -12.24 -39.25 16.29
C ALA A 487 -11.71 -37.83 16.32
N ILE A 488 -12.49 -36.89 16.83
CA ILE A 488 -12.05 -35.52 16.95
C ILE A 488 -10.85 -35.42 17.88
N GLU A 489 -10.90 -36.10 19.02
CA GLU A 489 -9.82 -35.99 19.98
C GLU A 489 -8.53 -36.61 19.47
N GLN A 490 -8.67 -37.58 18.57
CA GLN A 490 -7.52 -38.22 17.91
C GLN A 490 -6.79 -37.32 16.91
N GLN A 491 -7.56 -36.58 16.10
CA GLN A 491 -6.97 -35.64 15.16
C GLN A 491 -6.44 -34.40 15.88
N ILE A 492 -6.94 -34.10 17.08
CA ILE A 492 -6.37 -33.03 17.92
C ILE A 492 -4.98 -33.41 18.44
N SER A 493 -4.84 -34.66 18.89
CA SER A 493 -3.54 -35.18 19.32
C SER A 493 -2.56 -35.29 18.15
N LEU A 494 -3.03 -35.78 17.01
CA LEU A 494 -2.20 -35.98 15.84
C LEU A 494 -1.67 -34.64 15.29
N LYS A 495 -2.55 -33.64 15.17
CA LYS A 495 -2.18 -32.31 14.66
C LYS A 495 -1.67 -31.31 15.71
N LYS A 496 -1.88 -31.60 17.00
CA LYS A 496 -1.49 -30.73 18.13
C LYS A 496 -2.12 -29.33 18.03
N SER A 497 -3.33 -29.28 17.47
CA SER A 497 -4.03 -28.01 17.18
C SER A 497 -5.55 -28.21 17.21
N THR A 498 -6.29 -27.13 17.40
CA THR A 498 -7.74 -27.14 17.22
C THR A 498 -8.24 -26.26 16.08
N GLU A 499 -7.33 -25.63 15.34
CA GLU A 499 -7.73 -24.70 14.28
C GLU A 499 -8.41 -25.41 13.13
N TRP A 500 -7.95 -26.62 12.82
CA TRP A 500 -8.60 -27.46 11.81
C TRP A 500 -10.11 -27.67 12.13
N LEU A 501 -10.42 -27.80 13.42
CA LEU A 501 -11.81 -27.98 13.89
C LEU A 501 -12.61 -26.68 13.82
N ARG A 502 -12.01 -25.57 14.23
CA ARG A 502 -12.66 -24.26 14.07
C ARG A 502 -13.15 -24.07 12.64
N ASP A 503 -12.30 -24.42 11.68
CA ASP A 503 -12.64 -24.27 10.26
C ASP A 503 -13.72 -25.26 9.82
N ALA A 504 -13.68 -26.48 10.38
CA ALA A 504 -14.72 -27.48 10.13
C ALA A 504 -16.09 -27.05 10.69
N ILE A 505 -16.10 -26.54 11.92
CA ILE A 505 -17.32 -26.03 12.51
C ILE A 505 -17.86 -24.84 11.73
N ASP A 506 -17.00 -23.86 11.48
CA ASP A 506 -17.38 -22.66 10.75
C ASP A 506 -18.04 -22.99 9.42
N SER A 507 -17.43 -23.93 8.68
CA SER A 507 -17.95 -24.37 7.39
C SER A 507 -19.28 -25.08 7.50
N PHE A 508 -19.40 -25.96 8.49
CA PHE A 508 -20.63 -26.70 8.70
C PHE A 508 -21.79 -25.76 9.05
N VAL A 509 -21.48 -24.77 9.88
CA VAL A 509 -22.48 -23.83 10.35
C VAL A 509 -23.11 -23.05 9.20
N LYS A 510 -22.32 -22.65 8.22
CA LYS A 510 -22.80 -21.86 7.08
C LYS A 510 -23.70 -22.68 6.14
N THR A 511 -23.53 -24.00 6.19
CA THR A 511 -24.37 -24.94 5.47
C THR A 511 -25.85 -24.93 5.88
N GLN A 512 -26.13 -24.63 7.14
CA GLN A 512 -27.49 -24.72 7.67
C GLN A 512 -28.29 -23.44 7.46
N ALA A 513 -29.50 -23.60 6.92
CA ALA A 513 -30.36 -22.47 6.56
C ALA A 513 -30.59 -21.51 7.73
N ASN A 514 -30.82 -22.04 8.93
CA ASN A 514 -31.03 -21.20 10.09
C ASN A 514 -29.81 -20.37 10.48
N TRP A 515 -28.64 -20.77 9.97
CA TRP A 515 -27.39 -20.09 10.26
C TRP A 515 -26.75 -19.42 9.06
N ASN A 516 -27.58 -19.11 8.05
CA ASN A 516 -27.10 -18.36 6.89
C ASN A 516 -28.20 -17.45 6.30
N LYS A 517 -27.93 -16.83 5.17
CA LYS A 517 -28.83 -15.84 4.59
C LYS A 517 -30.15 -16.37 4.04
N GLN A 518 -30.25 -17.69 3.88
CA GLN A 518 -31.48 -18.33 3.39
C GLN A 518 -32.67 -18.01 4.29
N THR A 519 -32.41 -17.85 5.58
CA THR A 519 -33.44 -17.44 6.52
C THR A 519 -33.47 -15.93 6.74
N GLU A 520 -32.75 -15.18 5.92
CA GLU A 520 -32.72 -13.72 6.02
C GLU A 520 -33.50 -13.02 4.90
N ASP A 521 -34.07 -13.80 3.98
CA ASP A 521 -34.91 -13.28 2.92
C ASP A 521 -34.24 -12.18 2.09
N GLU A 522 -33.03 -12.46 1.61
CA GLU A 522 -32.33 -11.57 0.69
C GLU A 522 -33.31 -11.08 -0.37
N ALA A 523 -33.33 -9.78 -0.59
CA ALA A 523 -34.16 -9.16 -1.64
C ALA A 523 -33.39 -7.98 -2.25
N PHE A 524 -33.72 -7.61 -3.49
CA PHE A 524 -32.97 -6.54 -4.15
C PHE A 524 -33.84 -5.46 -4.74
N ASP A 525 -35.07 -5.35 -4.27
CA ASP A 525 -35.88 -4.31 -4.79
C ASP A 525 -35.62 -3.02 -3.99
N GLY A 526 -35.64 -1.90 -4.70
CA GLY A 526 -35.37 -0.59 -4.12
C GLY A 526 -33.93 -0.52 -3.63
N LEU A 527 -33.70 0.26 -2.57
CA LEU A 527 -32.34 0.43 -2.05
C LEU A 527 -31.75 -0.86 -1.51
N GLN A 528 -32.58 -1.88 -1.37
CA GLN A 528 -32.10 -3.20 -1.02
C GLN A 528 -31.15 -3.72 -2.09
N TRP A 529 -31.29 -3.18 -3.28
CA TRP A 529 -30.41 -3.49 -4.40
C TRP A 529 -28.92 -3.40 -4.05
N LEU A 530 -28.57 -2.51 -3.12
CA LEU A 530 -27.16 -2.25 -2.84
C LEU A 530 -26.50 -3.37 -2.07
N GLN A 531 -27.14 -3.83 -0.99
CA GLN A 531 -26.55 -4.84 -0.11
C GLN A 531 -27.39 -6.09 0.21
N GLY A 532 -28.59 -6.18 -0.33
CA GLY A 532 -29.37 -7.40 -0.21
C GLY A 532 -30.46 -7.43 0.84
N GLY A 533 -30.60 -6.37 1.64
CA GLY A 533 -31.74 -6.28 2.57
C GLY A 533 -31.38 -5.72 3.94
N PHE A 534 -32.37 -5.26 4.68
CA PHE A 534 -32.13 -4.60 5.95
C PHE A 534 -32.85 -5.23 7.12
N LEU A 535 -32.26 -5.03 8.30
CA LEU A 535 -32.82 -5.41 9.58
C LEU A 535 -33.01 -4.15 10.43
N ALA A 536 -34.21 -3.95 10.97
CA ALA A 536 -34.44 -2.84 11.88
C ALA A 536 -34.32 -3.34 13.32
N TYR A 537 -33.52 -2.68 14.13
CA TYR A 537 -33.36 -3.04 15.52
C TYR A 537 -34.57 -2.57 16.33
N GLN A 538 -34.91 -3.34 17.37
CA GLN A 538 -36.09 -3.06 18.20
C GLN A 538 -35.74 -2.73 19.64
N ASP A 539 -36.62 -1.98 20.29
CA ASP A 539 -36.52 -1.69 21.73
C ASP A 539 -37.12 -2.84 22.51
N ASP A 540 -36.25 -3.62 23.14
CA ASP A 540 -36.66 -4.85 23.80
C ASP A 540 -35.87 -5.00 25.11
N SER A 541 -36.35 -4.28 26.12
CA SER A 541 -35.71 -4.24 27.45
C SER A 541 -35.64 -5.60 28.19
N HIS A 542 -36.55 -6.53 27.90
CA HIS A 542 -36.50 -7.85 28.54
C HIS A 542 -35.30 -8.71 28.09
N ARG A 543 -35.08 -8.81 26.79
CA ARG A 543 -34.07 -9.70 26.23
C ARG A 543 -32.76 -9.04 25.83
N THR A 544 -32.79 -7.76 25.49
CA THR A 544 -31.63 -7.13 24.87
C THR A 544 -31.54 -5.65 25.30
N PRO A 545 -31.49 -5.42 26.61
CA PRO A 545 -31.56 -4.07 27.14
C PRO A 545 -30.39 -3.13 26.74
N ASN A 546 -29.19 -3.68 26.49
CA ASN A 546 -28.03 -2.86 26.07
C ASN A 546 -28.30 -2.15 24.75
N THR A 547 -29.17 -2.76 23.96
CA THR A 547 -29.49 -2.35 22.62
C THR A 547 -30.73 -1.46 22.55
N ASP A 548 -31.36 -1.21 23.69
CA ASP A 548 -32.59 -0.44 23.74
C ASP A 548 -32.22 1.02 23.46
N SER A 549 -33.01 1.69 22.64
CA SER A 549 -32.74 3.08 22.27
C SER A 549 -33.46 4.15 23.11
N GLY A 550 -34.23 3.74 24.10
CA GLY A 550 -34.96 4.68 24.92
C GLY A 550 -36.09 5.36 24.19
N ASN A 551 -36.83 4.59 23.40
CA ASN A 551 -37.96 5.05 22.59
C ASN A 551 -37.59 6.13 21.57
N ASN A 552 -36.50 5.89 20.87
CA ASN A 552 -36.08 6.74 19.77
C ASN A 552 -36.33 5.91 18.51
N ARG A 553 -35.36 5.87 17.59
CA ARG A 553 -35.52 5.17 16.33
C ARG A 553 -36.80 5.50 15.55
N LYS A 554 -37.07 6.79 15.36
CA LYS A 554 -38.11 7.23 14.41
C LYS A 554 -37.54 7.13 13.01
N LEU A 555 -38.16 6.27 12.19
CA LEU A 555 -37.65 5.99 10.88
C LEU A 555 -38.33 6.82 9.81
N GLY A 556 -37.57 7.25 8.82
CA GLY A 556 -38.13 7.89 7.63
C GLY A 556 -38.59 9.31 7.85
N ARG A 557 -37.92 10.01 8.75
CA ARG A 557 -38.28 11.40 8.99
C ARG A 557 -37.54 12.30 8.00
N GLN A 558 -37.76 12.06 6.72
CA GLN A 558 -37.19 12.88 5.66
C GLN A 558 -37.91 14.21 5.67
N PRO A 559 -37.44 15.21 4.87
CA PRO A 559 -38.08 16.53 4.93
C PRO A 559 -39.61 16.49 4.83
N ILE A 560 -40.14 15.79 3.82
CA ILE A 560 -41.58 15.75 3.62
C ILE A 560 -42.29 14.91 4.68
N ASN A 561 -41.54 14.16 5.50
CA ASN A 561 -42.15 13.38 6.57
C ASN A 561 -41.51 13.63 7.89
N ILE A 562 -41.06 14.85 8.10
CA ILE A 562 -40.28 15.16 9.30
C ILE A 562 -41.10 14.89 10.56
N ASP A 563 -42.44 15.04 10.47
CA ASP A 563 -43.32 14.82 11.63
C ASP A 563 -44.03 13.45 11.67
N GLY A 564 -43.60 12.51 10.84
CA GLY A 564 -44.21 11.19 10.76
C GLY A 564 -45.58 11.13 10.11
N SER A 565 -46.12 12.27 9.65
CA SER A 565 -47.49 12.33 9.14
C SER A 565 -47.74 11.51 7.88
N LYS A 566 -46.66 11.08 7.21
CA LYS A 566 -46.77 10.23 6.03
C LYS A 566 -46.19 8.82 6.24
N ASP A 567 -46.12 8.35 7.49
CA ASP A 567 -45.55 7.00 7.80
C ASP A 567 -46.21 5.82 7.08
N THR A 568 -47.51 5.92 6.81
CA THR A 568 -48.24 4.80 6.20
C THR A 568 -48.22 4.80 4.66
N THR A 569 -47.62 5.81 4.06
CA THR A 569 -47.55 5.95 2.60
C THR A 569 -46.10 5.83 2.12
N ASP A 570 -45.91 5.92 0.80
CA ASP A 570 -44.56 5.91 0.23
C ASP A 570 -43.78 7.20 0.52
N GLY A 571 -44.46 8.21 1.06
CA GLY A 571 -43.81 9.42 1.54
C GLY A 571 -43.02 9.26 2.81
N LYS A 572 -43.09 8.09 3.44
CA LYS A 572 -42.18 7.80 4.53
C LYS A 572 -40.81 7.62 3.92
N GLY A 573 -39.81 8.18 4.57
CA GLY A 573 -38.45 8.15 4.04
C GLY A 573 -37.84 6.77 4.06
N SER A 574 -36.97 6.52 3.08
CA SER A 574 -36.18 5.31 3.05
C SER A 574 -35.00 5.51 3.98
N GLU A 575 -35.19 5.18 5.25
CA GLU A 575 -34.21 5.40 6.29
C GLU A 575 -32.99 4.54 6.10
N PHE A 576 -33.18 3.37 5.51
CA PHE A 576 -32.08 2.43 5.36
C PHE A 576 -31.50 2.50 3.99
N LEU A 577 -30.17 2.67 3.94
CA LEU A 577 -29.47 2.87 2.70
C LEU A 577 -28.32 1.91 2.65
N LEU A 578 -27.32 2.10 3.51
CA LEU A 578 -26.11 1.27 3.49
C LEU A 578 -25.61 1.05 4.89
N ALA A 579 -24.98 -0.10 5.07
CA ALA A 579 -24.22 -0.43 6.27
C ALA A 579 -25.02 -0.28 7.55
N ASN A 580 -24.41 0.27 8.59
CA ASN A 580 -25.09 0.46 9.85
C ASN A 580 -25.76 1.79 9.85
N ASP A 581 -27.08 1.81 9.87
CA ASP A 581 -27.82 3.07 9.77
C ASP A 581 -27.88 3.73 11.17
N ILE A 582 -27.32 4.92 11.25
CA ILE A 582 -27.29 5.72 12.47
C ILE A 582 -28.67 6.31 12.81
N ASP A 583 -29.05 6.22 14.08
CA ASP A 583 -30.32 6.76 14.56
C ASP A 583 -30.19 8.27 14.80
N ASN A 584 -30.34 9.05 13.72
CA ASN A 584 -30.34 10.51 13.81
C ASN A 584 -31.61 11.14 14.40
N SER A 585 -32.60 10.32 14.80
CA SER A 585 -33.78 10.82 15.54
C SER A 585 -33.54 10.94 17.05
N ASN A 586 -32.44 10.38 17.53
CA ASN A 586 -32.07 10.43 18.94
C ASN A 586 -31.33 11.72 19.29
N PRO A 587 -31.90 12.54 20.20
CA PRO A 587 -31.23 13.77 20.61
C PRO A 587 -29.75 13.66 20.94
N ILE A 588 -29.35 12.58 21.59
CA ILE A 588 -27.94 12.36 21.91
C ILE A 588 -27.09 12.22 20.65
N VAL A 589 -27.60 11.50 19.67
CA VAL A 589 -26.89 11.29 18.41
C VAL A 589 -26.88 12.59 17.61
N GLN A 590 -27.96 13.36 17.70
CA GLN A 590 -28.03 14.66 17.05
C GLN A 590 -26.94 15.60 17.57
N ALA A 591 -26.73 15.60 18.87
CA ALA A 591 -25.66 16.40 19.49
C ALA A 591 -24.29 15.97 18.96
N GLU A 592 -24.10 14.66 18.83
CA GLU A 592 -22.82 14.13 18.34
C GLU A 592 -22.57 14.53 16.88
N GLN A 593 -23.62 14.59 16.08
CA GLN A 593 -23.51 15.02 14.70
C GLN A 593 -23.09 16.50 14.64
N LEU A 594 -23.57 17.31 15.59
CA LEU A 594 -23.15 18.70 15.68
C LEU A 594 -21.68 18.80 16.10
N ASN A 595 -21.26 17.94 17.04
CA ASN A 595 -19.86 17.90 17.46
C ASN A 595 -18.95 17.63 16.27
N TRP A 596 -19.35 16.63 15.46
CA TRP A 596 -18.62 16.28 14.25
C TRP A 596 -18.59 17.42 13.28
N LEU A 597 -19.73 18.10 13.15
CA LEU A 597 -19.85 19.26 12.26
C LEU A 597 -18.94 20.38 12.70
N HIS A 598 -18.88 20.63 14.00
CA HIS A 598 -17.96 21.64 14.52
C HIS A 598 -16.56 21.24 14.19
N TYR A 599 -16.24 19.97 14.42
CA TYR A 599 -14.90 19.44 14.19
C TYR A 599 -14.45 19.65 12.74
N LEU A 600 -15.36 19.50 11.79
CA LEU A 600 -15.00 19.71 10.38
C LEU A 600 -14.82 21.18 10.05
N MET A 601 -15.71 22.03 10.56
CA MET A 601 -15.65 23.47 10.29
C MET A 601 -14.52 24.16 11.06
N ASN A 602 -13.94 23.47 12.05
CA ASN A 602 -12.73 23.92 12.71
C ASN A 602 -11.59 22.91 12.60
N PHE A 603 -11.56 22.14 11.50
CA PHE A 603 -10.62 21.04 11.42
C PHE A 603 -9.20 21.52 11.63
N GLY A 604 -8.84 22.57 10.91
CA GLY A 604 -7.50 23.15 10.98
C GLY A 604 -7.09 23.70 12.35
N SER A 605 -8.00 24.43 13.00
CA SER A 605 -7.75 24.99 14.33
C SER A 605 -7.46 23.90 15.36
N ILE A 606 -8.24 22.82 15.32
CA ILE A 606 -8.18 21.74 16.29
C ILE A 606 -6.99 20.81 16.08
N THR A 607 -6.75 20.43 14.82
CA THR A 607 -5.73 19.43 14.49
C THR A 607 -4.35 20.01 14.15
N GLY A 608 -4.28 21.27 13.72
CA GLY A 608 -3.00 21.92 13.40
C GLY A 608 -2.80 23.33 13.90
N ASN A 609 -3.63 23.80 14.84
CA ASN A 609 -3.61 25.20 15.26
C ASN A 609 -3.36 26.14 14.07
N ASN A 610 -4.03 25.82 12.96
CA ASN A 610 -3.93 26.57 11.72
C ASN A 610 -5.32 27.12 11.33
N ASP A 611 -5.64 28.33 11.77
CA ASP A 611 -6.96 28.93 11.51
C ASP A 611 -7.28 29.16 10.03
N ASN A 612 -6.30 28.91 9.14
CA ASN A 612 -6.56 28.96 7.70
C ASN A 612 -6.73 27.61 7.02
N ALA A 613 -6.75 26.55 7.80
CA ALA A 613 -6.92 25.21 7.25
C ALA A 613 -8.28 24.61 7.62
N ASN A 614 -9.32 25.45 7.67
CA ASN A 614 -10.67 25.03 8.10
C ASN A 614 -11.68 24.98 6.96
N PHE A 615 -12.54 23.98 6.95
CA PHE A 615 -13.60 23.89 5.93
C PHE A 615 -14.55 25.08 6.09
N ASP A 616 -15.14 25.54 5.00
CA ASP A 616 -16.02 26.73 5.03
C ASP A 616 -17.49 26.42 4.93
N GLY A 617 -17.83 25.36 4.19
CA GLY A 617 -19.21 24.96 4.03
C GLY A 617 -19.32 23.46 4.05
N ILE A 618 -20.53 22.95 3.90
CA ILE A 618 -20.76 21.51 3.88
C ILE A 618 -21.65 21.05 2.74
N ARG A 619 -21.52 19.78 2.39
CA ARG A 619 -22.51 19.06 1.62
C ARG A 619 -23.16 18.05 2.57
N VAL A 620 -24.47 18.01 2.58
CA VAL A 620 -25.20 17.06 3.41
C VAL A 620 -25.51 15.84 2.55
N ASP A 621 -24.81 14.75 2.84
CA ASP A 621 -24.98 13.48 2.11
C ASP A 621 -26.30 12.82 2.54
N ALA A 622 -27.05 12.31 1.57
CA ALA A 622 -28.16 11.38 1.80
C ALA A 622 -29.27 11.99 2.64
N VAL A 623 -29.70 13.17 2.24
CA VAL A 623 -30.69 13.95 3.00
C VAL A 623 -31.98 13.16 3.24
N ASP A 624 -32.47 12.48 2.22
CA ASP A 624 -33.73 11.78 2.31
C ASP A 624 -33.65 10.46 3.09
N ASN A 625 -32.44 10.04 3.45
CA ASN A 625 -32.24 8.79 4.18
C ASN A 625 -31.92 8.97 5.68
N VAL A 626 -32.12 10.18 6.20
CA VAL A 626 -31.86 10.53 7.59
C VAL A 626 -32.97 11.43 8.14
N ASP A 627 -32.88 11.73 9.45
CA ASP A 627 -33.85 12.60 10.13
C ASP A 627 -33.58 14.06 9.76
N ALA A 628 -34.59 14.69 9.19
CA ALA A 628 -34.44 16.04 8.63
C ALA A 628 -34.09 17.13 9.67
N ASP A 629 -34.20 16.81 10.96
CA ASP A 629 -33.70 17.71 12.00
C ASP A 629 -32.26 18.14 11.78
N LEU A 630 -31.46 17.27 11.17
CA LEU A 630 -30.07 17.56 10.94
C LEU A 630 -29.87 18.80 10.10
N LEU A 631 -30.82 19.11 9.22
CA LEU A 631 -30.70 20.29 8.39
C LEU A 631 -30.81 21.55 9.25
N LYS A 632 -31.76 21.53 10.19
CA LYS A 632 -31.99 22.63 11.13
C LYS A 632 -30.81 22.80 12.07
N ILE A 633 -30.29 21.68 12.57
CA ILE A 633 -29.12 21.71 13.45
C ILE A 633 -27.93 22.34 12.75
N ALA A 634 -27.67 21.91 11.54
CA ALA A 634 -26.61 22.47 10.72
C ALA A 634 -26.86 23.95 10.41
N GLY A 635 -28.06 24.29 9.96
CA GLY A 635 -28.38 25.66 9.60
C GLY A 635 -28.18 26.61 10.76
N ASP A 636 -28.75 26.24 11.91
CA ASP A 636 -28.70 27.07 13.12
C ASP A 636 -27.27 27.26 13.66
N TYR A 637 -26.44 26.23 13.49
CA TYR A 637 -25.04 26.28 13.87
C TYR A 637 -24.31 27.34 13.06
N PHE A 638 -24.49 27.29 11.75
CA PHE A 638 -23.92 28.29 10.86
C PHE A 638 -24.44 29.72 11.15
N LYS A 639 -25.70 29.83 11.54
CA LYS A 639 -26.27 31.12 11.91
C LYS A 639 -25.56 31.67 13.15
N ALA A 640 -25.44 30.82 14.18
CA ALA A 640 -24.86 31.23 15.43
C ALA A 640 -23.40 31.62 15.30
N LEU A 641 -22.61 30.82 14.59
CA LEU A 641 -21.15 31.05 14.51
C LEU A 641 -20.68 32.00 13.42
N TYR A 642 -21.45 32.14 12.34
CA TYR A 642 -21.01 32.99 11.20
C TYR A 642 -22.03 34.04 10.77
N GLY A 643 -23.16 34.14 11.47
CA GLY A 643 -24.20 35.11 11.10
C GLY A 643 -24.64 35.03 9.64
N THR A 644 -24.87 33.80 9.16
CA THR A 644 -25.28 33.57 7.78
C THR A 644 -26.62 34.19 7.42
N ASP A 645 -27.48 34.38 8.42
CA ASP A 645 -28.76 35.04 8.16
C ASP A 645 -28.70 36.57 8.19
N LYS A 646 -27.50 37.15 8.40
CA LYS A 646 -27.36 38.60 8.54
C LYS A 646 -27.18 39.30 7.18
N SER A 647 -26.42 38.68 6.28
CA SER A 647 -26.12 39.27 4.98
C SER A 647 -25.85 38.19 3.94
N ASP A 648 -25.88 38.57 2.67
CA ASP A 648 -25.46 37.68 1.59
C ASP A 648 -23.95 37.38 1.62
N ALA A 649 -23.15 38.34 2.10
CA ALA A 649 -21.71 38.14 2.20
C ALA A 649 -21.35 37.07 3.24
N ASN A 650 -22.04 37.09 4.37
CA ASN A 650 -21.87 36.07 5.40
C ASN A 650 -22.32 34.69 4.93
N ALA A 651 -23.53 34.65 4.36
CA ALA A 651 -24.11 33.44 3.78
C ALA A 651 -23.20 32.86 2.72
N ASN A 652 -22.78 33.68 1.76
CA ASN A 652 -22.00 33.21 0.63
C ASN A 652 -20.55 32.93 0.94
N LYS A 653 -20.06 33.34 2.11
CA LYS A 653 -18.74 32.94 2.61
C LYS A 653 -18.72 31.48 3.05
N HIS A 654 -19.88 30.89 3.24
CA HIS A 654 -19.98 29.51 3.71
C HIS A 654 -20.99 28.76 2.85
N LEU A 655 -20.72 28.75 1.53
CA LEU A 655 -21.54 27.99 0.58
C LEU A 655 -21.71 26.55 1.02
N SER A 656 -22.98 26.12 1.10
CA SER A 656 -23.37 24.78 1.56
C SER A 656 -24.47 24.18 0.68
N ILE A 657 -24.33 22.90 0.35
CA ILE A 657 -25.25 22.23 -0.57
C ILE A 657 -25.87 21.00 0.07
N LEU A 658 -27.03 20.59 -0.46
CA LEU A 658 -27.75 19.40 -0.02
C LEU A 658 -27.80 18.40 -1.16
N GLU A 659 -27.57 17.12 -0.86
CA GLU A 659 -27.96 16.01 -1.74
C GLU A 659 -29.39 15.64 -1.38
N ASP A 660 -30.36 16.30 -2.03
CA ASP A 660 -31.78 16.17 -1.72
C ASP A 660 -32.60 15.78 -2.96
N TRP A 661 -32.74 14.48 -3.20
CA TRP A 661 -33.26 13.98 -4.46
C TRP A 661 -34.78 14.11 -4.63
N ASN A 662 -35.55 14.12 -3.54
CA ASN A 662 -37.00 14.14 -3.66
C ASN A 662 -37.47 15.41 -4.36
N GLY A 663 -38.41 15.25 -5.28
CA GLY A 663 -38.92 16.33 -6.09
C GLY A 663 -39.63 17.41 -5.30
N LYS A 664 -40.01 17.13 -4.04
CA LYS A 664 -40.63 18.12 -3.19
C LYS A 664 -39.67 18.75 -2.14
N ASP A 665 -38.39 18.37 -2.17
CA ASP A 665 -37.41 18.92 -1.25
C ASP A 665 -37.10 20.42 -1.50
N PRO A 666 -36.98 20.85 -2.77
CA PRO A 666 -36.76 22.26 -3.01
C PRO A 666 -37.68 23.18 -2.26
N GLN A 667 -38.97 22.87 -2.24
CA GLN A 667 -39.97 23.73 -1.63
C GLN A 667 -39.90 23.65 -0.11
N TYR A 668 -39.61 22.46 0.43
CA TYR A 668 -39.33 22.34 1.86
C TYR A 668 -38.15 23.24 2.25
N VAL A 669 -37.03 23.10 1.56
CA VAL A 669 -35.82 23.83 1.89
C VAL A 669 -36.09 25.34 1.91
N ASN A 670 -36.86 25.80 0.93
CA ASN A 670 -37.20 27.22 0.82
C ASN A 670 -38.13 27.69 1.94
N GLN A 671 -39.07 26.84 2.36
CA GLN A 671 -39.92 27.14 3.53
C GLN A 671 -39.08 27.28 4.78
N GLN A 672 -38.05 26.44 4.90
CA GLN A 672 -37.18 26.47 6.06
C GLN A 672 -36.01 27.47 5.94
N GLY A 673 -36.03 28.33 4.93
CA GLY A 673 -35.10 29.47 4.86
C GLY A 673 -33.79 29.25 4.09
N ASN A 674 -33.71 28.16 3.32
CA ASN A 674 -32.54 27.90 2.49
C ASN A 674 -31.20 27.95 3.25
N ALA A 675 -31.10 27.26 4.38
CA ALA A 675 -29.84 27.18 5.14
C ALA A 675 -28.72 26.47 4.36
N GLN A 676 -29.10 25.54 3.51
CA GLN A 676 -28.19 24.93 2.53
C GLN A 676 -28.90 24.95 1.18
N LEU A 677 -28.14 25.04 0.09
CA LEU A 677 -28.73 25.10 -1.23
C LEU A 677 -29.30 23.76 -1.67
N THR A 678 -30.56 23.77 -2.11
CA THR A 678 -31.13 22.58 -2.77
C THR A 678 -30.47 22.34 -4.12
N MET A 679 -30.44 21.08 -4.53
CA MET A 679 -30.13 20.77 -5.92
C MET A 679 -31.36 21.10 -6.76
N ASP A 680 -31.14 21.19 -8.06
CA ASP A 680 -32.21 21.42 -9.02
C ASP A 680 -32.22 20.29 -10.02
N TYR A 681 -32.82 19.17 -9.62
CA TYR A 681 -32.87 17.99 -10.47
C TYR A 681 -33.73 18.23 -11.72
N THR A 682 -34.63 19.19 -11.70
CA THR A 682 -35.51 19.43 -12.84
C THR A 682 -34.68 19.77 -14.08
N VAL A 683 -33.64 20.58 -13.91
CA VAL A 683 -32.75 20.93 -15.01
C VAL A 683 -31.78 19.78 -15.35
N THR A 684 -31.24 19.09 -14.35
CA THR A 684 -30.37 17.94 -14.58
C THR A 684 -31.12 16.82 -15.32
N SER A 685 -32.37 16.62 -14.93
CA SER A 685 -33.26 15.66 -15.58
C SER A 685 -33.51 15.99 -17.05
N GLN A 686 -33.78 17.26 -17.33
CA GLN A 686 -34.05 17.68 -18.69
C GLN A 686 -32.80 17.56 -19.57
N PHE A 687 -31.61 17.72 -19.01
CA PHE A 687 -30.38 17.46 -19.77
C PHE A 687 -30.35 16.00 -20.18
N GLY A 688 -30.75 15.12 -19.27
CA GLY A 688 -30.83 13.69 -19.54
C GLY A 688 -31.69 13.39 -20.76
N ASN A 689 -32.91 13.95 -20.80
CA ASN A 689 -33.87 13.63 -21.83
C ASN A 689 -33.62 14.33 -23.15
N SER A 690 -33.15 15.57 -23.10
CA SER A 690 -32.95 16.38 -24.31
C SER A 690 -31.55 16.37 -24.92
N LEU A 691 -30.52 16.05 -24.16
CA LEU A 691 -29.16 16.08 -24.70
C LEU A 691 -28.29 14.90 -24.33
N THR A 692 -28.22 14.63 -23.04
CA THR A 692 -27.24 13.76 -22.45
C THR A 692 -27.49 12.28 -22.67
N HIS A 693 -28.74 11.82 -22.67
CA HIS A 693 -29.01 10.39 -22.76
C HIS A 693 -29.58 9.94 -24.10
N GLY A 694 -28.90 8.97 -24.71
CA GLY A 694 -29.41 8.30 -25.90
C GLY A 694 -28.93 8.87 -27.20
N ALA A 695 -28.70 7.95 -28.14
CA ALA A 695 -28.19 8.31 -29.46
C ALA A 695 -29.22 9.02 -30.32
N ASN A 696 -30.51 8.76 -30.10
CA ASN A 696 -31.48 9.31 -31.02
C ASN A 696 -32.72 9.89 -30.41
N ASN A 697 -33.66 9.08 -29.97
CA ASN A 697 -34.95 9.64 -29.62
C ASN A 697 -34.78 10.39 -28.34
N ARG A 698 -34.85 11.71 -28.41
CA ARG A 698 -34.62 12.59 -27.28
C ARG A 698 -35.78 13.54 -27.20
N SER A 699 -36.12 14.03 -26.01
CA SER A 699 -37.13 15.06 -25.89
C SER A 699 -36.62 16.38 -26.52
N ASN A 700 -37.54 17.11 -27.13
CA ASN A 700 -37.18 18.38 -27.74
C ASN A 700 -36.62 19.39 -26.74
N MET A 701 -35.79 20.29 -27.26
CA MET A 701 -35.23 21.38 -26.48
C MET A 701 -36.35 22.26 -25.95
N TRP A 702 -37.49 22.29 -26.65
CA TRP A 702 -38.72 22.93 -26.16
C TRP A 702 -39.00 22.68 -24.69
N TYR A 703 -38.74 21.46 -24.23
CA TYR A 703 -39.06 21.11 -22.83
C TYR A 703 -38.29 21.91 -21.78
N PHE A 704 -37.12 22.43 -22.14
CA PHE A 704 -36.35 23.28 -21.23
C PHE A 704 -37.11 24.55 -20.83
N LEU A 705 -37.97 25.03 -21.72
CA LEU A 705 -38.69 26.29 -21.49
C LEU A 705 -39.73 26.20 -20.39
N ASP A 706 -40.45 25.07 -20.31
CA ASP A 706 -41.55 24.87 -19.36
C ASP A 706 -42.57 25.99 -19.58
N THR A 707 -43.13 26.05 -20.80
CA THR A 707 -44.06 27.13 -21.15
C THR A 707 -45.32 27.15 -20.30
N GLY A 708 -45.69 25.98 -19.80
CA GLY A 708 -46.78 25.86 -18.85
C GLY A 708 -46.66 26.82 -17.67
N TYR A 709 -45.45 27.28 -17.41
CA TYR A 709 -45.21 28.28 -16.39
C TYR A 709 -46.18 29.43 -16.57
N TYR A 710 -46.32 29.88 -17.82
CA TYR A 710 -47.24 30.97 -18.18
C TYR A 710 -48.61 30.39 -18.56
N LEU A 711 -49.68 31.12 -18.27
CA LEU A 711 -51.02 30.72 -18.72
C LEU A 711 -51.07 30.66 -20.24
N ASN A 712 -51.54 29.52 -20.80
CA ASN A 712 -51.69 29.31 -22.25
C ASN A 712 -50.36 29.45 -23.02
N GLY A 713 -49.26 29.10 -22.36
CA GLY A 713 -47.97 29.30 -22.96
C GLY A 713 -47.99 30.61 -23.73
N ASP A 714 -48.58 31.64 -23.14
CA ASP A 714 -48.68 32.92 -23.79
C ASP A 714 -47.36 33.65 -23.60
N LEU A 715 -46.43 33.31 -24.49
CA LEU A 715 -45.12 33.94 -24.51
C LEU A 715 -45.36 35.37 -24.99
N ASN A 716 -46.47 35.58 -25.68
CA ASN A 716 -46.80 36.92 -26.09
C ASN A 716 -47.29 37.70 -24.90
N LYS A 717 -48.17 37.10 -24.13
CA LYS A 717 -48.84 37.78 -23.00
C LYS A 717 -48.15 37.63 -21.63
N LYS A 718 -47.52 36.48 -21.39
CA LYS A 718 -46.66 36.23 -20.20
C LYS A 718 -47.37 36.38 -18.86
N ILE A 719 -48.55 35.77 -18.75
CA ILE A 719 -49.28 35.77 -17.47
C ILE A 719 -48.91 34.51 -16.72
N VAL A 720 -48.33 34.69 -15.53
CA VAL A 720 -47.86 33.57 -14.72
C VAL A 720 -49.05 32.78 -14.20
N ASP A 721 -48.92 31.46 -14.18
CA ASP A 721 -49.96 30.56 -13.70
C ASP A 721 -49.82 30.32 -12.20
N LYS A 722 -50.68 30.98 -11.44
CA LYS A 722 -50.64 30.95 -10.00
C LYS A 722 -51.01 29.56 -9.45
N ASN A 723 -51.75 28.74 -10.20
CA ASN A 723 -52.23 27.46 -9.65
C ASN A 723 -52.05 26.24 -10.55
N ARG A 724 -50.82 25.73 -10.58
CA ARG A 724 -50.48 24.52 -11.34
C ARG A 724 -50.27 23.39 -10.33
N PRO A 725 -50.37 22.13 -10.78
CA PRO A 725 -50.10 20.95 -9.92
C PRO A 725 -48.61 20.69 -9.49
N ASN A 726 -47.94 21.69 -8.90
CA ASN A 726 -46.58 21.53 -8.34
C ASN A 726 -45.59 20.91 -9.36
N SER A 727 -45.56 21.44 -10.57
CA SER A 727 -44.79 20.86 -11.67
C SER A 727 -43.83 21.86 -12.35
N GLY A 728 -43.05 21.31 -13.27
CA GLY A 728 -42.19 22.12 -14.12
C GLY A 728 -40.84 22.39 -13.49
N THR A 729 -40.08 23.23 -14.16
CA THR A 729 -38.68 23.43 -13.84
C THR A 729 -38.70 24.45 -12.70
N LEU A 730 -37.67 24.38 -11.85
CA LEU A 730 -37.62 25.20 -10.63
C LEU A 730 -37.54 26.70 -10.89
N VAL A 731 -36.82 27.08 -11.95
CA VAL A 731 -36.64 28.49 -12.30
C VAL A 731 -37.00 28.70 -13.77
N ASN A 732 -38.00 29.52 -14.04
CA ASN A 732 -38.32 29.81 -15.43
C ASN A 732 -37.29 30.77 -16.02
N ARG A 733 -36.87 30.48 -17.24
CA ARG A 733 -35.84 31.25 -17.90
C ARG A 733 -36.26 31.75 -19.29
N ILE A 734 -37.56 31.69 -19.58
CA ILE A 734 -38.06 32.16 -20.87
C ILE A 734 -37.85 33.67 -20.98
N ALA A 735 -38.22 34.39 -19.93
CA ALA A 735 -37.94 35.82 -19.84
C ALA A 735 -37.70 36.20 -18.38
N ASN A 736 -36.52 35.84 -17.88
CA ASN A 736 -36.17 36.05 -16.49
C ASN A 736 -35.43 37.38 -16.32
N SER A 737 -36.17 38.38 -15.88
CA SER A 737 -35.64 39.72 -15.62
C SER A 737 -35.26 39.98 -14.15
N GLY A 738 -35.22 38.92 -13.33
CA GLY A 738 -34.95 39.06 -11.91
C GLY A 738 -36.09 39.60 -11.08
N ASP A 739 -37.28 39.72 -11.63
CA ASP A 739 -38.42 40.35 -10.93
C ASP A 739 -39.22 39.38 -10.00
N THR A 740 -39.16 38.06 -10.23
CA THR A 740 -39.85 37.12 -9.35
C THR A 740 -38.87 36.37 -8.47
N LYS A 741 -39.21 36.27 -7.18
CA LYS A 741 -38.38 35.56 -6.22
C LYS A 741 -38.41 34.09 -6.56
N VAL A 742 -37.26 33.45 -6.50
CA VAL A 742 -37.14 32.07 -6.92
C VAL A 742 -36.25 31.32 -5.93
N ILE A 743 -36.30 29.99 -5.96
CA ILE A 743 -35.62 29.19 -4.92
C ILE A 743 -34.13 29.05 -5.23
N PRO A 744 -33.27 29.50 -4.31
CA PRO A 744 -31.85 29.40 -4.59
C PRO A 744 -31.39 27.97 -4.69
N ASN A 745 -30.47 27.69 -5.61
CA ASN A 745 -30.10 26.33 -5.93
C ASN A 745 -28.74 26.14 -6.60
N TYR A 746 -28.19 24.94 -6.48
CA TYR A 746 -27.05 24.50 -7.31
C TYR A 746 -27.52 23.51 -8.35
N SER A 747 -26.81 23.42 -9.46
CA SER A 747 -27.22 22.52 -10.56
C SER A 747 -26.03 21.90 -11.19
N PHE A 748 -26.23 20.73 -11.79
CA PHE A 748 -25.13 20.02 -12.44
C PHE A 748 -25.60 19.19 -13.59
N VAL A 749 -24.64 18.78 -14.43
CA VAL A 749 -24.89 17.85 -15.53
C VAL A 749 -24.57 16.43 -15.09
N ARG A 750 -23.45 16.26 -14.39
CA ARG A 750 -23.06 14.95 -13.85
C ARG A 750 -22.50 15.13 -12.46
N ALA A 751 -22.39 14.03 -11.74
CA ALA A 751 -21.83 14.04 -10.39
C ALA A 751 -21.04 12.78 -10.12
N HIS A 752 -20.33 12.75 -9.00
CA HIS A 752 -19.54 11.58 -8.59
C HIS A 752 -20.48 10.38 -8.49
N ASP A 753 -21.74 10.67 -8.18
CA ASP A 753 -22.78 9.66 -8.01
C ASP A 753 -23.93 9.83 -9.01
N TYR A 754 -23.71 10.55 -10.11
CA TYR A 754 -24.74 10.65 -11.13
C TYR A 754 -24.11 10.54 -12.51
N ASP A 755 -24.61 9.59 -13.29
CA ASP A 755 -24.07 9.22 -14.61
C ASP A 755 -22.59 8.86 -14.59
N ALA A 756 -22.14 8.24 -13.51
CA ALA A 756 -20.76 7.77 -13.42
C ALA A 756 -20.72 6.31 -13.03
N GLN A 757 -21.20 6.02 -11.83
CA GLN A 757 -21.15 4.69 -11.23
C GLN A 757 -21.77 3.60 -12.11
N ASP A 758 -22.91 3.89 -12.72
CA ASP A 758 -23.58 2.89 -13.56
C ASP A 758 -22.83 2.66 -14.88
N PRO A 759 -22.63 3.71 -15.69
CA PRO A 759 -21.81 3.51 -16.88
C PRO A 759 -20.46 2.80 -16.66
N ILE A 760 -19.68 3.23 -15.67
CA ILE A 760 -18.39 2.59 -15.42
C ILE A 760 -18.54 1.09 -15.17
N ARG A 761 -19.59 0.70 -14.45
CA ARG A 761 -19.84 -0.73 -14.17
C ARG A 761 -20.44 -1.45 -15.38
N LYS A 762 -21.40 -0.83 -16.08
CA LYS A 762 -21.97 -1.42 -17.30
C LYS A 762 -20.86 -1.75 -18.28
N ALA A 763 -19.85 -0.89 -18.35
CA ALA A 763 -18.69 -1.12 -19.21
C ALA A 763 -17.92 -2.35 -18.79
N MET A 764 -17.73 -2.53 -17.48
CA MET A 764 -17.04 -3.71 -16.94
C MET A 764 -17.82 -5.00 -17.21
N ILE A 765 -19.14 -4.90 -17.09
CA ILE A 765 -20.06 -6.02 -17.33
C ILE A 765 -20.02 -6.42 -18.80
N ASP A 766 -20.10 -5.43 -19.68
CA ASP A 766 -20.09 -5.66 -21.12
C ASP A 766 -18.82 -6.34 -21.63
N HIS A 767 -17.69 -6.13 -20.94
CA HIS A 767 -16.42 -6.75 -21.32
C HIS A 767 -16.05 -7.95 -20.44
N GLY A 768 -17.04 -8.50 -19.74
CA GLY A 768 -16.86 -9.71 -18.93
C GLY A 768 -15.96 -9.58 -17.72
N ILE A 769 -15.72 -8.36 -17.25
CA ILE A 769 -14.83 -8.14 -16.11
C ILE A 769 -15.54 -8.45 -14.79
N ILE A 770 -16.83 -8.16 -14.73
CA ILE A 770 -17.67 -8.57 -13.62
C ILE A 770 -18.97 -9.06 -14.20
N LYS A 771 -19.77 -9.72 -13.38
CA LYS A 771 -21.07 -10.21 -13.84
C LYS A 771 -22.21 -9.30 -13.39
N ASN A 772 -22.17 -8.86 -12.14
CA ASN A 772 -23.25 -8.06 -11.54
C ASN A 772 -22.77 -6.70 -11.06
N MET A 773 -23.68 -5.73 -11.01
CA MET A 773 -23.36 -4.38 -10.53
C MET A 773 -22.91 -4.38 -9.06
N GLN A 774 -23.44 -5.31 -8.27
CA GLN A 774 -23.06 -5.42 -6.83
C GLN A 774 -21.84 -6.29 -6.61
N ASP A 775 -21.36 -6.92 -7.68
CA ASP A 775 -20.16 -7.74 -7.64
C ASP A 775 -18.95 -6.95 -7.10
N THR A 776 -18.07 -7.62 -6.36
CA THR A 776 -16.85 -7.01 -5.86
C THR A 776 -15.79 -7.01 -6.97
N PHE A 777 -15.18 -5.85 -7.22
CA PHE A 777 -14.12 -5.77 -8.21
C PHE A 777 -12.85 -5.22 -7.58
N THR A 778 -11.71 -5.69 -8.07
CA THR A 778 -10.43 -5.29 -7.60
C THR A 778 -10.05 -3.98 -8.34
N PHE A 779 -9.07 -3.26 -7.83
CA PHE A 779 -8.59 -2.04 -8.48
C PHE A 779 -8.04 -2.27 -9.88
N ASP A 780 -7.30 -3.36 -10.09
CA ASP A 780 -6.86 -3.76 -11.43
C ASP A 780 -8.05 -4.00 -12.36
N GLN A 781 -9.07 -4.67 -11.85
CA GLN A 781 -10.28 -4.92 -12.61
C GLN A 781 -10.90 -3.59 -13.02
N LEU A 782 -10.94 -2.64 -12.08
CA LEU A 782 -11.44 -1.30 -12.40
C LEU A 782 -10.63 -0.61 -13.50
N ALA A 783 -9.30 -0.69 -13.43
CA ALA A 783 -8.40 -0.08 -14.41
C ALA A 783 -8.61 -0.58 -15.83
N GLN A 784 -8.79 -1.90 -15.98
CA GLN A 784 -9.04 -2.51 -17.28
C GLN A 784 -10.36 -2.05 -17.87
N GLY A 785 -11.40 -2.01 -17.04
CA GLY A 785 -12.72 -1.54 -17.46
C GLY A 785 -12.65 -0.09 -17.89
N MET A 786 -11.91 0.69 -17.10
CA MET A 786 -11.74 2.10 -17.36
C MET A 786 -11.15 2.38 -18.73
N GLU A 787 -10.24 1.52 -19.19
CA GLU A 787 -9.66 1.69 -20.52
C GLU A 787 -10.74 1.58 -21.63
N PHE A 788 -11.73 0.70 -21.45
CA PHE A 788 -12.84 0.58 -22.41
C PHE A 788 -13.77 1.80 -22.32
N TYR A 789 -14.01 2.22 -21.08
CA TYR A 789 -14.83 3.39 -20.77
C TYR A 789 -14.26 4.65 -21.42
N TYR A 790 -12.94 4.84 -21.30
CA TYR A 790 -12.27 5.96 -21.98
C TYR A 790 -12.40 5.84 -23.50
N LYS A 791 -12.18 4.65 -24.06
CA LYS A 791 -12.27 4.43 -25.52
C LYS A 791 -13.65 4.79 -26.05
N ASP A 792 -14.68 4.43 -25.29
CA ASP A 792 -16.06 4.73 -25.63
C ASP A 792 -16.36 6.22 -25.53
N GLN A 793 -15.85 6.85 -24.47
CA GLN A 793 -16.04 8.28 -24.24
C GLN A 793 -15.47 9.15 -25.38
N GLU A 794 -14.26 8.79 -25.83
CA GLU A 794 -13.54 9.56 -26.84
C GLU A 794 -13.76 9.06 -28.25
N ASN A 795 -14.79 8.23 -28.45
CA ASN A 795 -14.97 7.53 -29.72
C ASN A 795 -15.23 8.53 -30.86
N PRO A 796 -14.38 8.53 -31.91
CA PRO A 796 -14.61 9.45 -33.04
C PRO A 796 -15.89 9.16 -33.83
N SER A 797 -16.36 7.92 -33.80
CA SER A 797 -17.66 7.59 -34.40
C SER A 797 -18.74 8.55 -33.95
N GLY A 798 -18.69 8.92 -32.68
CA GLY A 798 -19.65 9.83 -32.07
C GLY A 798 -20.72 9.11 -31.28
N PHE A 799 -20.71 7.78 -31.31
CA PHE A 799 -21.68 6.98 -30.58
C PHE A 799 -21.07 6.69 -29.23
N LYS A 800 -21.92 6.65 -28.22
CA LYS A 800 -21.49 6.35 -26.87
C LYS A 800 -22.38 5.28 -26.28
N LYS A 801 -21.76 4.21 -25.81
CA LYS A 801 -22.50 3.10 -25.26
C LYS A 801 -22.73 3.30 -23.75
N TYR A 802 -21.69 3.72 -23.03
CA TYR A 802 -21.79 3.92 -21.60
C TYR A 802 -21.82 5.39 -21.25
N ASN A 803 -21.05 6.18 -21.99
CA ASN A 803 -20.87 7.61 -21.70
C ASN A 803 -22.04 8.49 -22.18
N ASP A 804 -22.05 9.72 -21.68
CA ASP A 804 -23.06 10.71 -21.99
C ASP A 804 -22.74 11.52 -23.23
N TYR A 805 -23.80 11.83 -23.97
CA TYR A 805 -23.74 12.66 -25.18
C TYR A 805 -23.81 14.14 -24.83
N ASN A 806 -23.21 14.98 -25.67
CA ASN A 806 -23.47 16.43 -25.67
C ASN A 806 -23.09 17.14 -24.37
N LEU A 807 -22.09 16.64 -23.66
CA LEU A 807 -21.64 17.27 -22.43
C LEU A 807 -21.19 18.73 -22.58
N PRO A 808 -20.46 19.05 -23.66
CA PRO A 808 -20.14 20.47 -23.90
C PRO A 808 -21.38 21.36 -24.03
N SER A 809 -22.38 20.89 -24.75
CA SER A 809 -23.59 21.68 -24.98
C SER A 809 -24.34 21.84 -23.67
N ALA A 810 -24.38 20.76 -22.89
CA ALA A 810 -25.01 20.79 -21.56
C ALA A 810 -24.33 21.80 -20.65
N TYR A 811 -22.99 21.81 -20.61
CA TYR A 811 -22.25 22.81 -19.84
C TYR A 811 -22.45 24.24 -20.36
N ALA A 812 -22.59 24.41 -21.67
CA ALA A 812 -22.86 25.73 -22.22
C ALA A 812 -24.12 26.32 -21.61
N MET A 813 -25.15 25.49 -21.46
CA MET A 813 -26.40 25.91 -20.81
C MET A 813 -26.24 26.06 -19.31
N LEU A 814 -25.63 25.06 -18.67
CA LEU A 814 -25.42 25.09 -17.23
C LEU A 814 -24.74 26.37 -16.79
N LEU A 815 -23.72 26.75 -17.56
CA LEU A 815 -22.82 27.84 -17.17
C LEU A 815 -23.29 29.23 -17.56
N THR A 816 -24.37 29.34 -18.34
CA THR A 816 -24.98 30.63 -18.70
C THR A 816 -26.35 30.87 -18.04
N ASN A 817 -26.91 29.87 -17.37
CA ASN A 817 -28.21 30.04 -16.70
C ASN A 817 -28.17 31.03 -15.53
N LYS A 818 -29.15 31.94 -15.54
CA LYS A 818 -29.39 32.82 -14.42
C LYS A 818 -30.06 32.06 -13.25
N ASP A 819 -29.85 32.56 -12.03
CA ASP A 819 -30.46 32.02 -10.82
C ASP A 819 -30.09 30.55 -10.59
N THR A 820 -28.80 30.28 -10.52
CA THR A 820 -28.26 28.99 -10.08
C THR A 820 -26.80 29.16 -9.70
N VAL A 821 -26.32 28.32 -8.78
CA VAL A 821 -24.89 28.12 -8.61
C VAL A 821 -24.51 26.84 -9.36
N PRO A 822 -23.88 26.97 -10.53
CA PRO A 822 -23.53 25.72 -11.24
C PRO A 822 -22.45 24.92 -10.53
N ARG A 823 -22.49 23.61 -10.69
CA ARG A 823 -21.44 22.73 -10.21
C ARG A 823 -20.81 21.94 -11.36
N VAL A 824 -19.49 21.91 -11.34
CA VAL A 824 -18.72 21.24 -12.38
C VAL A 824 -18.07 19.97 -11.83
N TYR A 825 -18.21 18.88 -12.58
CA TYR A 825 -17.76 17.56 -12.15
C TYR A 825 -16.35 17.30 -12.65
N TYR A 826 -15.45 17.01 -11.72
CA TYR A 826 -14.08 16.59 -12.01
C TYR A 826 -13.98 15.67 -13.22
N GLY A 827 -14.87 14.68 -13.27
CA GLY A 827 -14.84 13.64 -14.30
C GLY A 827 -15.27 14.05 -15.70
N ASP A 828 -15.82 15.24 -15.83
CA ASP A 828 -16.03 15.86 -17.13
C ASP A 828 -14.82 16.70 -17.55
N MET A 829 -13.93 16.99 -16.60
CA MET A 829 -12.72 17.77 -16.85
C MET A 829 -11.47 16.90 -16.96
N TYR A 830 -11.37 15.89 -16.10
CA TYR A 830 -10.28 14.93 -16.12
C TYR A 830 -10.87 13.53 -16.16
N LEU A 831 -10.06 12.53 -16.50
CA LEU A 831 -10.56 11.18 -16.61
C LEU A 831 -10.84 10.59 -15.23
N GLU A 832 -11.96 9.87 -15.13
CA GLU A 832 -12.50 9.41 -13.84
C GLU A 832 -11.71 8.34 -13.12
N GLY A 833 -10.83 7.64 -13.83
CA GLY A 833 -9.98 6.61 -13.22
C GLY A 833 -8.52 7.00 -13.17
N GLY A 834 -7.70 6.09 -12.64
CA GLY A 834 -6.29 6.31 -12.55
C GLY A 834 -6.00 7.40 -11.56
N GLN A 835 -4.96 8.17 -11.84
CA GLN A 835 -4.40 9.13 -10.91
C GLN A 835 -5.12 10.48 -10.99
N TYR A 836 -5.07 11.25 -9.90
CA TYR A 836 -5.81 12.51 -9.82
C TYR A 836 -5.23 13.50 -10.80
N MET A 837 -6.07 14.02 -11.69
CA MET A 837 -5.68 14.97 -12.72
C MET A 837 -4.60 14.43 -13.66
N GLU A 838 -4.61 13.11 -13.87
CA GLU A 838 -3.57 12.47 -14.69
C GLU A 838 -3.65 12.90 -16.14
N LYS A 839 -4.87 13.02 -16.64
CA LYS A 839 -5.10 13.34 -18.02
C LYS A 839 -6.43 14.04 -18.18
N GLY A 840 -6.43 15.19 -18.87
CA GLY A 840 -7.65 15.90 -19.17
C GLY A 840 -8.53 15.11 -20.10
N THR A 841 -9.82 15.46 -20.13
CA THR A 841 -10.79 14.85 -21.03
C THR A 841 -10.83 15.67 -22.31
N ILE A 842 -11.51 15.13 -23.31
CA ILE A 842 -11.65 15.85 -24.57
C ILE A 842 -12.54 17.10 -24.42
N TYR A 843 -13.40 17.09 -23.42
CA TYR A 843 -14.29 18.21 -23.17
C TYR A 843 -13.60 19.40 -22.47
N ASN A 844 -12.46 19.15 -21.83
CA ASN A 844 -11.78 20.16 -21.02
C ASN A 844 -11.63 21.55 -21.66
N PRO A 845 -11.14 21.64 -22.91
CA PRO A 845 -10.93 22.96 -23.49
C PRO A 845 -12.22 23.75 -23.65
N VAL A 846 -13.29 23.10 -24.12
CA VAL A 846 -14.58 23.77 -24.33
C VAL A 846 -15.18 24.24 -23.02
N ILE A 847 -15.16 23.38 -22.02
CA ILE A 847 -15.70 23.71 -20.71
C ILE A 847 -14.83 24.78 -20.03
N SER A 848 -13.50 24.71 -20.21
CA SER A 848 -12.59 25.70 -19.65
C SER A 848 -12.84 27.10 -20.25
N ALA A 849 -13.13 27.12 -21.54
CA ALA A 849 -13.48 28.36 -22.22
C ALA A 849 -14.78 28.94 -21.70
N LEU A 850 -15.79 28.09 -21.60
CA LEU A 850 -17.09 28.48 -21.06
C LEU A 850 -16.94 29.07 -19.66
N LEU A 851 -16.08 28.45 -18.87
CA LEU A 851 -15.88 28.86 -17.48
C LEU A 851 -15.22 30.23 -17.37
N LYS A 852 -14.23 30.48 -18.22
CA LYS A 852 -13.54 31.78 -18.28
C LYS A 852 -14.43 32.87 -18.89
N ALA A 853 -15.21 32.48 -19.89
CA ALA A 853 -16.19 33.37 -20.51
C ALA A 853 -17.28 33.76 -19.52
N ARG A 854 -17.59 32.85 -18.60
CA ARG A 854 -18.62 33.11 -17.60
C ARG A 854 -18.20 34.26 -16.69
N ILE A 855 -16.92 34.30 -16.33
CA ILE A 855 -16.40 35.39 -15.52
C ILE A 855 -16.50 36.74 -16.25
N LYS A 856 -16.15 36.76 -17.55
CA LYS A 856 -16.11 37.97 -18.36
C LYS A 856 -17.48 38.51 -18.77
N TYR A 857 -18.38 37.61 -19.18
CA TYR A 857 -19.58 38.04 -19.87
C TYR A 857 -20.92 37.75 -19.19
N VAL A 858 -20.98 36.75 -18.32
CA VAL A 858 -22.27 36.26 -17.82
C VAL A 858 -22.84 37.11 -16.69
N SER A 859 -23.77 37.99 -17.05
CA SER A 859 -24.55 38.75 -16.07
C SER A 859 -25.82 39.27 -16.70
N GLY A 860 -26.68 39.87 -15.88
CA GLY A 860 -27.94 40.44 -16.34
C GLY A 860 -29.02 39.43 -16.53
N GLY A 861 -30.13 39.90 -17.09
CA GLY A 861 -31.30 39.07 -17.28
C GLY A 861 -31.08 37.96 -18.28
N GLN A 862 -32.05 37.06 -18.38
CA GLN A 862 -31.98 35.95 -19.33
C GLN A 862 -33.22 35.85 -20.15
N THR A 863 -33.07 35.32 -21.37
CA THR A 863 -34.20 34.79 -22.14
C THR A 863 -33.82 33.45 -22.68
N MET A 864 -34.84 32.69 -23.03
CA MET A 864 -34.68 31.36 -23.55
C MET A 864 -35.90 31.10 -24.44
N ALA A 865 -35.63 30.59 -25.64
CA ALA A 865 -36.65 30.33 -26.65
C ALA A 865 -36.19 29.15 -27.49
N THR A 866 -37.10 28.63 -28.30
CA THR A 866 -36.79 27.52 -29.20
C THR A 866 -37.54 27.70 -30.48
N ASP A 867 -36.94 27.26 -31.58
CA ASP A 867 -37.63 27.24 -32.84
C ASP A 867 -38.56 26.02 -32.83
N SER A 868 -39.53 26.06 -31.93
CA SER A 868 -40.39 24.92 -31.67
C SER A 868 -41.56 25.33 -30.77
N SER A 869 -42.67 24.62 -30.90
CA SER A 869 -43.89 24.92 -30.17
C SER A 869 -44.40 23.75 -29.34
N GLY A 870 -43.70 22.61 -29.36
CA GLY A 870 -44.14 21.42 -28.62
C GLY A 870 -43.37 20.16 -28.96
N LYS A 871 -43.99 19.00 -28.73
CA LYS A 871 -43.42 17.69 -29.14
C LYS A 871 -43.08 17.60 -30.63
N ASP A 872 -43.95 18.14 -31.49
CA ASP A 872 -43.86 17.92 -32.93
C ASP A 872 -43.45 19.18 -33.69
N LEU A 873 -42.72 18.96 -34.78
CA LEU A 873 -42.09 20.04 -35.54
C LEU A 873 -42.82 20.30 -36.86
N LYS A 874 -43.24 21.54 -37.08
CA LYS A 874 -43.74 21.98 -38.38
C LYS A 874 -42.59 22.07 -39.39
N ASP A 875 -42.93 22.32 -40.65
CA ASP A 875 -41.96 22.24 -41.76
C ASP A 875 -40.60 22.96 -41.60
N GLY A 876 -40.62 24.26 -41.37
CA GLY A 876 -39.38 25.05 -41.20
C GLY A 876 -38.64 24.85 -39.89
N GLU A 877 -39.35 24.30 -38.90
CA GLU A 877 -38.89 24.28 -37.52
C GLU A 877 -37.71 23.33 -37.27
N THR A 878 -36.72 23.86 -36.56
CA THR A 878 -35.44 23.19 -36.31
C THR A 878 -35.30 22.63 -34.91
N ASP A 879 -36.11 23.16 -33.98
CA ASP A 879 -35.98 22.86 -32.54
C ASP A 879 -34.61 23.22 -31.96
N LEU A 880 -34.10 24.37 -32.37
CA LEU A 880 -32.82 24.89 -31.90
C LEU A 880 -33.11 25.87 -30.76
N LEU A 881 -32.44 25.68 -29.61
CA LEU A 881 -32.68 26.51 -28.42
C LEU A 881 -31.77 27.73 -28.41
N THR A 882 -32.34 28.89 -28.12
CA THR A 882 -31.58 30.12 -28.07
C THR A 882 -31.66 30.75 -26.68
N SER A 883 -30.51 30.83 -26.03
CA SER A 883 -30.38 31.37 -24.67
C SER A 883 -29.43 32.54 -24.68
N VAL A 884 -29.87 33.64 -24.08
CA VAL A 884 -29.15 34.91 -24.09
C VAL A 884 -29.02 35.46 -22.69
N ARG A 885 -27.89 36.10 -22.39
CA ARG A 885 -27.74 36.95 -21.21
C ARG A 885 -27.33 38.35 -21.71
N PHE A 886 -27.87 39.40 -21.09
CA PHE A 886 -27.73 40.78 -21.60
C PHE A 886 -26.54 41.65 -21.13
N GLY A 887 -26.05 41.50 -19.90
CA GLY A 887 -25.00 42.37 -19.35
C GLY A 887 -25.38 42.77 -17.95
N LYS A 888 -24.59 43.59 -17.26
CA LYS A 888 -24.73 43.73 -15.81
C LYS A 888 -26.05 44.26 -15.30
N GLY A 889 -26.49 45.40 -15.79
CA GLY A 889 -27.78 45.91 -15.28
C GLY A 889 -28.93 45.76 -16.26
N ILE A 890 -28.74 44.96 -17.31
CA ILE A 890 -29.74 44.80 -18.38
C ILE A 890 -30.57 43.56 -18.12
N MET A 891 -31.85 43.75 -17.87
CA MET A 891 -32.72 42.68 -17.42
C MET A 891 -33.69 42.15 -18.46
N THR A 892 -33.86 42.85 -19.59
CA THR A 892 -34.86 42.51 -20.60
C THR A 892 -34.33 42.69 -22.02
N SER A 893 -35.01 42.06 -22.98
CA SER A 893 -34.79 42.28 -24.43
C SER A 893 -34.79 43.73 -24.85
N ASP A 894 -35.80 44.46 -24.40
CA ASP A 894 -36.07 45.82 -24.84
C ASP A 894 -35.41 46.92 -24.02
N GLN A 895 -34.81 46.57 -22.88
CA GLN A 895 -34.11 47.55 -22.09
C GLN A 895 -32.83 47.94 -22.83
N THR A 896 -32.62 49.25 -22.96
CA THR A 896 -31.55 49.83 -23.75
C THR A 896 -30.37 50.29 -22.92
N THR A 897 -30.59 50.58 -21.64
CA THR A 897 -29.50 51.12 -20.83
C THR A 897 -29.80 50.92 -19.36
N THR A 898 -28.75 50.97 -18.55
CA THR A 898 -28.85 50.73 -17.11
C THR A 898 -29.50 51.91 -16.44
N GLN A 899 -30.09 51.64 -15.29
CA GLN A 899 -30.66 52.71 -14.45
C GLN A 899 -29.61 53.58 -13.76
N ASP A 900 -28.54 52.94 -13.28
CA ASP A 900 -27.40 53.62 -12.67
C ASP A 900 -26.39 54.20 -13.67
N ASN A 901 -26.71 54.18 -14.97
CA ASN A 901 -25.83 54.69 -16.04
C ASN A 901 -24.42 54.10 -16.08
N SER A 902 -24.26 52.88 -15.59
CA SER A 902 -23.00 52.16 -15.68
C SER A 902 -22.89 51.60 -17.09
N GLN A 903 -21.68 51.57 -17.64
CA GLN A 903 -21.48 51.11 -19.02
C GLN A 903 -20.97 49.68 -19.12
N ASP A 904 -20.76 49.02 -17.97
CA ASP A 904 -20.21 47.66 -17.92
C ASP A 904 -20.93 46.71 -18.87
N TYR A 905 -22.24 46.88 -18.99
CA TYR A 905 -23.08 46.00 -19.82
C TYR A 905 -22.69 45.85 -21.28
N LYS A 906 -22.15 46.92 -21.88
CA LYS A 906 -21.96 46.95 -23.34
C LYS A 906 -21.08 45.82 -23.87
N ASN A 907 -20.02 45.48 -23.14
CA ASN A 907 -19.12 44.42 -23.56
C ASN A 907 -19.36 43.08 -22.86
N GLN A 908 -20.50 42.98 -22.19
CA GLN A 908 -20.88 41.78 -21.46
C GLN A 908 -22.08 41.11 -22.21
N GLY A 909 -22.61 40.04 -21.64
CA GLY A 909 -23.68 39.28 -22.26
C GLY A 909 -23.12 38.17 -23.13
N ILE A 910 -23.96 37.19 -23.44
CA ILE A 910 -23.55 36.01 -24.18
C ILE A 910 -24.74 35.41 -24.93
N GLY A 911 -24.46 34.72 -26.04
CA GLY A 911 -25.50 34.08 -26.84
C GLY A 911 -25.19 32.61 -27.02
N VAL A 912 -26.14 31.76 -26.69
CA VAL A 912 -25.95 30.30 -26.80
C VAL A 912 -27.05 29.68 -27.67
N ILE A 913 -26.61 28.90 -28.67
CA ILE A 913 -27.48 28.15 -29.55
C ILE A 913 -27.11 26.67 -29.41
N VAL A 914 -28.10 25.82 -29.16
CA VAL A 914 -27.85 24.38 -29.00
C VAL A 914 -28.95 23.52 -29.61
N GLY A 915 -28.55 22.39 -30.18
CA GLY A 915 -29.46 21.43 -30.77
C GLY A 915 -29.08 20.01 -30.40
N ASN A 916 -30.05 19.10 -30.51
CA ASN A 916 -29.88 17.67 -30.17
C ASN A 916 -30.05 16.76 -31.36
N ASN A 917 -29.86 17.31 -32.56
CA ASN A 917 -30.09 16.59 -33.80
C ASN A 917 -28.85 16.64 -34.68
N PRO A 918 -28.03 15.56 -34.67
CA PRO A 918 -26.81 15.53 -35.45
C PRO A 918 -27.04 15.44 -36.96
N ASP A 919 -28.27 15.06 -37.34
CA ASP A 919 -28.67 15.03 -38.75
C ASP A 919 -29.51 16.24 -39.11
N LEU A 920 -29.33 17.34 -38.40
CA LEU A 920 -30.09 18.55 -38.68
C LEU A 920 -29.54 19.25 -39.91
N LYS A 921 -30.42 19.51 -40.86
CA LYS A 921 -30.10 20.35 -42.03
C LYS A 921 -31.15 21.45 -42.15
N LEU A 922 -30.73 22.70 -42.24
CA LEU A 922 -31.69 23.80 -42.41
C LEU A 922 -32.24 23.88 -43.82
N ASN A 923 -33.47 24.36 -43.94
CA ASN A 923 -34.03 24.75 -45.24
C ASN A 923 -33.30 25.99 -45.76
N ASN A 924 -33.27 26.16 -47.07
CA ASN A 924 -32.54 27.27 -47.67
C ASN A 924 -33.09 28.64 -47.23
N ASP A 925 -34.41 28.73 -47.09
CA ASP A 925 -35.08 29.97 -46.64
C ASP A 925 -34.80 30.35 -45.17
N LYS A 926 -34.65 29.34 -44.31
CA LYS A 926 -34.66 29.50 -42.84
C LYS A 926 -33.57 30.38 -42.26
N THR A 927 -33.97 31.21 -41.30
CA THR A 927 -33.07 32.07 -40.53
C THR A 927 -33.23 31.81 -39.05
N ILE A 928 -32.12 31.70 -38.35
CA ILE A 928 -32.15 31.48 -36.90
C ILE A 928 -31.55 32.68 -36.17
N THR A 929 -32.27 33.16 -35.16
CA THR A 929 -31.95 34.44 -34.53
C THR A 929 -31.67 34.39 -33.03
N LEU A 930 -30.62 35.10 -32.64
CA LEU A 930 -30.30 35.37 -31.25
C LEU A 930 -30.66 36.82 -30.91
N HIS A 931 -31.68 37.03 -30.10
CA HIS A 931 -32.05 38.38 -29.71
C HIS A 931 -31.14 38.84 -28.55
N MET A 932 -29.97 39.35 -28.94
CA MET A 932 -28.97 39.84 -28.00
C MET A 932 -29.44 41.08 -27.23
N GLY A 933 -30.47 41.75 -27.74
CA GLY A 933 -31.16 42.78 -27.00
C GLY A 933 -30.91 44.19 -27.51
N LYS A 934 -31.85 45.08 -27.20
CA LYS A 934 -31.81 46.48 -27.63
C LYS A 934 -30.77 47.33 -26.89
N ALA A 935 -30.12 46.73 -25.89
CA ALA A 935 -28.91 47.29 -25.31
C ALA A 935 -27.66 47.00 -26.15
N HIS A 936 -27.80 46.20 -27.21
CA HIS A 936 -26.68 45.86 -28.07
C HIS A 936 -26.98 46.06 -29.55
N LYS A 937 -27.51 47.24 -29.90
CA LYS A 937 -27.80 47.56 -31.29
C LYS A 937 -26.50 47.76 -32.03
N ASN A 938 -26.45 47.22 -33.26
CA ASN A 938 -25.35 47.44 -34.21
C ASN A 938 -23.95 46.99 -33.76
N GLN A 939 -23.91 46.21 -32.68
CA GLN A 939 -22.66 45.77 -32.09
C GLN A 939 -22.05 44.58 -32.81
N LEU A 940 -20.73 44.49 -32.80
CA LEU A 940 -20.01 43.36 -33.37
C LEU A 940 -19.86 42.30 -32.33
N TYR A 941 -20.21 41.07 -32.72
CA TYR A 941 -20.07 39.90 -31.86
C TYR A 941 -19.12 38.88 -32.52
N ARG A 942 -18.40 38.12 -31.69
CA ARG A 942 -17.51 37.06 -32.18
C ARG A 942 -17.76 35.74 -31.47
N ALA A 943 -17.54 34.65 -32.20
CA ALA A 943 -17.76 33.31 -31.67
C ALA A 943 -16.77 32.96 -30.58
N LEU A 944 -17.26 32.34 -29.51
CA LEU A 944 -16.44 31.72 -28.49
C LEU A 944 -16.23 30.23 -28.81
N VAL A 945 -17.27 29.61 -29.35
CA VAL A 945 -17.35 28.18 -29.53
C VAL A 945 -18.29 27.89 -30.69
N LEU A 946 -17.82 27.11 -31.68
CA LEU A 946 -18.64 26.67 -32.83
C LEU A 946 -18.39 25.21 -33.20
N SER A 947 -19.47 24.44 -33.32
CA SER A 947 -19.36 23.02 -33.65
C SER A 947 -19.17 22.77 -35.16
N ASN A 948 -18.58 21.63 -35.49
CA ASN A 948 -18.38 21.22 -36.87
C ASN A 948 -18.27 19.69 -36.90
N ASP A 949 -17.98 19.13 -38.08
CA ASP A 949 -18.09 17.68 -38.28
C ASP A 949 -16.97 16.83 -37.65
N SER A 950 -15.89 17.47 -37.24
CA SER A 950 -14.75 16.78 -36.59
C SER A 950 -14.57 17.12 -35.10
N GLY A 951 -15.11 18.26 -34.67
CA GLY A 951 -15.08 18.63 -33.25
C GLY A 951 -15.89 19.89 -32.94
N ILE A 952 -15.42 20.63 -31.95
CA ILE A 952 -15.93 21.97 -31.63
C ILE A 952 -14.73 22.88 -31.53
N ASP A 953 -14.68 23.91 -32.37
CA ASP A 953 -13.62 24.90 -32.31
C ASP A 953 -13.83 25.83 -31.13
N VAL A 954 -12.73 26.20 -30.49
CA VAL A 954 -12.73 27.12 -29.34
C VAL A 954 -11.87 28.35 -29.68
N TYR A 955 -12.42 29.54 -29.47
CA TYR A 955 -11.72 30.77 -29.82
C TYR A 955 -11.36 31.53 -28.54
N ASP A 956 -10.07 31.68 -28.29
CA ASP A 956 -9.58 32.19 -26.98
C ASP A 956 -9.65 33.69 -26.86
N SER A 957 -9.65 34.39 -28.00
CA SER A 957 -9.72 35.86 -28.01
C SER A 957 -10.38 36.39 -29.31
N ASP A 958 -10.65 37.70 -29.35
CA ASP A 958 -11.43 38.29 -30.45
C ASP A 958 -10.74 38.15 -31.81
N ASP A 959 -9.42 38.29 -31.86
CA ASP A 959 -8.68 38.30 -33.14
C ASP A 959 -8.76 36.98 -33.90
N LYS A 960 -8.78 35.87 -33.15
CA LYS A 960 -8.75 34.54 -33.78
C LYS A 960 -10.12 34.04 -34.24
N ALA A 961 -11.18 34.76 -33.91
CA ALA A 961 -12.55 34.29 -34.16
C ALA A 961 -13.29 35.07 -35.24
N PRO A 962 -14.26 34.41 -35.90
CA PRO A 962 -15.15 35.06 -36.84
C PRO A 962 -16.07 36.01 -36.12
N THR A 963 -16.29 37.18 -36.71
CA THR A 963 -17.18 38.17 -36.15
C THR A 963 -18.46 38.16 -36.91
N LEU A 964 -19.49 38.67 -36.29
CA LEU A 964 -20.76 38.87 -36.91
C LEU A 964 -21.37 40.05 -36.19
N ARG A 965 -22.02 40.94 -36.94
CA ARG A 965 -22.55 42.17 -36.37
C ARG A 965 -24.07 42.11 -36.24
N THR A 966 -24.59 42.60 -35.12
CA THR A 966 -26.02 42.65 -34.85
C THR A 966 -26.66 43.81 -35.61
N ASN A 967 -27.97 43.71 -35.87
CA ASN A 967 -28.69 44.77 -36.57
C ASN A 967 -29.16 45.91 -35.66
N ASP A 968 -30.05 46.76 -36.18
CA ASP A 968 -30.58 47.91 -35.44
C ASP A 968 -31.35 47.44 -34.20
N ASN A 969 -32.14 46.40 -34.33
CA ASN A 969 -32.86 45.88 -33.18
C ASN A 969 -32.03 45.02 -32.26
N GLY A 970 -30.81 44.65 -32.64
CA GLY A 970 -29.94 43.91 -31.75
C GLY A 970 -29.96 42.41 -31.98
N ASP A 971 -30.42 41.96 -33.15
CA ASP A 971 -30.47 40.53 -33.44
C ASP A 971 -29.29 40.09 -34.30
N LEU A 972 -28.71 38.95 -33.94
CA LEU A 972 -27.72 38.28 -34.78
C LEU A 972 -28.47 37.31 -35.64
N ILE A 973 -28.46 37.51 -36.97
CA ILE A 973 -29.22 36.63 -37.87
C ILE A 973 -28.32 35.54 -38.45
N PHE A 974 -28.80 34.31 -38.46
CA PHE A 974 -28.04 33.18 -39.00
C PHE A 974 -28.84 32.46 -40.06
N HIS A 975 -28.13 31.97 -41.07
CA HIS A 975 -28.75 31.29 -42.22
C HIS A 975 -28.19 29.87 -42.33
N LYS A 976 -28.73 29.09 -43.27
CA LYS A 976 -28.21 27.76 -43.57
C LYS A 976 -26.72 27.85 -43.88
N THR A 977 -26.36 28.81 -44.73
CA THR A 977 -24.97 29.03 -45.08
C THR A 977 -24.61 30.44 -44.62
N ASN A 978 -23.43 30.59 -44.04
CA ASN A 978 -22.99 31.89 -43.53
C ASN A 978 -21.59 32.22 -44.02
N THR A 979 -21.37 33.49 -44.32
CA THR A 979 -20.05 33.97 -44.65
C THR A 979 -19.65 35.03 -43.60
N PHE A 980 -18.79 34.62 -42.66
CA PHE A 980 -18.37 35.48 -41.55
C PHE A 980 -17.04 36.05 -41.88
N VAL A 981 -16.76 37.25 -41.38
CA VAL A 981 -15.46 37.84 -41.58
C VAL A 981 -14.76 37.97 -40.23
N LYS A 982 -13.50 37.57 -40.17
CA LYS A 982 -12.63 37.88 -39.04
C LYS A 982 -12.40 39.38 -38.97
N GLN A 983 -12.13 39.89 -37.76
CA GLN A 983 -12.01 41.33 -37.59
C GLN A 983 -10.87 41.93 -38.43
N ASP A 984 -9.75 41.23 -38.50
CA ASP A 984 -8.72 41.62 -39.45
C ASP A 984 -8.35 40.55 -40.48
N GLY A 985 -8.09 39.33 -40.00
CA GLY A 985 -7.54 38.20 -40.75
C GLY A 985 -8.11 37.78 -42.10
N THR A 986 -9.39 37.38 -42.15
CA THR A 986 -9.98 36.76 -43.34
C THR A 986 -11.50 36.59 -43.32
N ILE A 987 -12.00 36.02 -44.43
CA ILE A 987 -13.39 35.58 -44.57
C ILE A 987 -13.51 34.08 -44.20
N ILE A 988 -14.54 33.74 -43.43
CA ILE A 988 -14.78 32.36 -42.99
C ILE A 988 -16.15 31.84 -43.43
N ASN A 989 -16.21 30.56 -43.85
CA ASN A 989 -17.47 29.94 -44.25
C ASN A 989 -17.95 28.93 -43.23
N TYR A 990 -19.23 28.98 -42.86
CA TYR A 990 -19.77 28.13 -41.78
C TYR A 990 -21.25 27.80 -41.99
N GLU A 991 -21.57 26.51 -41.95
CA GLU A 991 -22.94 26.06 -42.13
C GLU A 991 -23.61 25.77 -40.77
N MET A 992 -24.85 26.24 -40.59
CA MET A 992 -25.71 25.81 -39.47
C MET A 992 -26.16 24.36 -39.72
N LYS A 993 -25.32 23.45 -39.23
CA LYS A 993 -25.35 22.05 -39.58
C LYS A 993 -25.21 21.26 -38.28
N GLY A 994 -26.14 20.34 -38.04
CA GLY A 994 -25.94 19.36 -36.97
C GLY A 994 -24.74 18.49 -37.31
N SER A 995 -23.95 18.15 -36.32
CA SER A 995 -22.74 17.35 -36.52
C SER A 995 -22.76 16.11 -35.61
N LEU A 996 -21.89 15.15 -35.91
CA LEU A 996 -21.74 13.96 -35.09
C LEU A 996 -20.26 13.63 -34.93
N ASN A 997 -19.77 13.72 -33.69
CA ASN A 997 -18.38 13.35 -33.35
C ASN A 997 -18.28 13.14 -31.82
N ALA A 998 -17.08 12.86 -31.31
CA ALA A 998 -16.90 12.61 -29.88
C ALA A 998 -17.40 13.75 -28.97
N LEU A 999 -17.28 15.00 -29.43
CA LEU A 999 -17.62 16.16 -28.59
C LEU A 999 -19.11 16.60 -28.70
N ILE A 1000 -19.80 16.22 -29.78
CA ILE A 1000 -21.20 16.64 -29.95
C ILE A 1000 -22.03 15.69 -30.81
N SER A 1001 -23.33 15.64 -30.49
CA SER A 1001 -24.36 15.04 -31.32
C SER A 1001 -25.49 16.06 -31.39
N GLY A 1002 -25.31 17.03 -32.27
CA GLY A 1002 -26.26 18.15 -32.43
C GLY A 1002 -25.54 19.40 -32.86
N TYR A 1003 -26.04 20.56 -32.44
CA TYR A 1003 -25.39 21.84 -32.75
C TYR A 1003 -25.02 22.60 -31.48
N LEU A 1004 -23.91 23.35 -31.53
CA LEU A 1004 -23.54 24.29 -30.47
C LEU A 1004 -22.82 25.50 -31.03
N GLY A 1005 -23.41 26.68 -30.81
CA GLY A 1005 -22.76 27.96 -31.14
C GLY A 1005 -22.87 28.94 -29.97
N VAL A 1006 -21.76 29.52 -29.57
CA VAL A 1006 -21.75 30.52 -28.54
C VAL A 1006 -21.05 31.78 -29.04
N TRP A 1007 -21.68 32.93 -28.81
CA TRP A 1007 -21.19 34.20 -29.31
C TRP A 1007 -21.08 35.23 -28.18
N VAL A 1008 -20.02 36.01 -28.24
CA VAL A 1008 -19.76 37.03 -27.24
C VAL A 1008 -19.45 38.35 -27.93
N PRO A 1009 -19.67 39.48 -27.24
CA PRO A 1009 -19.32 40.74 -27.83
C PRO A 1009 -17.81 40.94 -27.93
N VAL A 1010 -17.36 41.48 -29.07
CA VAL A 1010 -15.97 41.85 -29.24
C VAL A 1010 -15.69 43.08 -28.42
N GLY A 1011 -14.42 43.26 -28.08
CA GLY A 1011 -13.97 44.42 -27.32
C GLY A 1011 -13.95 44.23 -25.82
N ALA A 1012 -14.04 42.98 -25.37
CA ALA A 1012 -14.00 42.67 -23.95
C ALA A 1012 -12.59 42.85 -23.39
N SER A 1013 -12.47 43.68 -22.37
CA SER A 1013 -11.20 43.90 -21.68
C SER A 1013 -10.60 42.59 -21.16
N ASP A 1014 -9.28 42.56 -20.95
CA ASP A 1014 -8.60 41.34 -20.47
C ASP A 1014 -8.93 40.97 -19.03
N SER A 1015 -9.19 41.99 -18.22
CA SER A 1015 -9.47 41.79 -16.82
C SER A 1015 -10.96 41.94 -16.52
N GLN A 1016 -11.79 41.96 -17.57
CA GLN A 1016 -13.22 42.20 -17.41
C GLN A 1016 -13.80 41.11 -16.55
N ASP A 1017 -14.51 41.55 -15.50
CA ASP A 1017 -15.16 40.67 -14.55
C ASP A 1017 -16.60 41.13 -14.44
N ALA A 1018 -17.55 40.26 -14.82
CA ALA A 1018 -18.98 40.62 -14.82
C ALA A 1018 -19.72 40.21 -13.55
N ARG A 1019 -19.00 39.61 -12.61
CA ARG A 1019 -19.54 39.07 -11.37
C ARG A 1019 -19.97 40.15 -10.40
N THR A 1020 -20.92 39.82 -9.54
CA THR A 1020 -21.37 40.73 -8.50
C THR A 1020 -20.82 40.29 -7.12
N VAL A 1021 -20.15 41.21 -6.42
CA VAL A 1021 -19.72 40.95 -5.06
C VAL A 1021 -20.94 40.95 -4.13
N ALA A 1022 -20.93 40.08 -3.13
CA ALA A 1022 -22.02 39.97 -2.18
C ALA A 1022 -21.98 41.12 -1.17
N THR A 1023 -23.16 41.66 -0.86
CA THR A 1023 -23.27 42.88 -0.04
C THR A 1023 -23.39 42.58 1.45
N GLU A 1024 -22.71 43.40 2.25
CA GLU A 1024 -22.63 43.22 3.69
C GLU A 1024 -23.88 43.72 4.42
N SER A 1025 -24.76 44.40 3.70
CA SER A 1025 -25.95 44.99 4.27
C SER A 1025 -27.01 43.93 4.50
N SER A 1026 -27.88 44.18 5.46
CA SER A 1026 -29.04 43.31 5.70
C SER A 1026 -30.15 43.64 4.70
N SER A 1027 -29.98 43.15 3.48
CA SER A 1027 -30.95 43.37 2.40
C SER A 1027 -32.37 42.86 2.70
N SER A 1028 -32.45 41.68 3.35
CA SER A 1028 -33.74 40.97 3.53
C SER A 1028 -34.12 40.74 5.01
N ASN A 1029 -35.40 40.97 5.31
CA ASN A 1029 -35.98 40.63 6.61
C ASN A 1029 -36.68 39.26 6.60
N ASP A 1030 -36.56 38.56 5.46
CA ASP A 1030 -37.28 37.28 5.25
C ASP A 1030 -36.84 36.11 6.13
N GLY A 1031 -35.68 36.21 6.79
CA GLY A 1031 -35.24 35.17 7.73
C GLY A 1031 -34.32 34.13 7.06
N SER A 1032 -34.40 34.10 5.73
CA SER A 1032 -33.68 33.16 4.89
C SER A 1032 -32.18 33.44 4.87
N VAL A 1033 -31.39 32.40 4.58
CA VAL A 1033 -29.96 32.48 4.49
C VAL A 1033 -29.56 32.81 3.04
N PHE A 1034 -29.68 31.85 2.13
CA PHE A 1034 -29.31 32.08 0.75
C PHE A 1034 -30.40 32.82 -0.01
N HIS A 1035 -29.98 33.61 -0.99
CA HIS A 1035 -30.91 34.33 -1.86
C HIS A 1035 -30.41 34.23 -3.29
N SER A 1036 -31.30 33.82 -4.21
CA SER A 1036 -30.90 33.70 -5.60
C SER A 1036 -30.85 35.10 -6.17
N ASN A 1037 -29.65 35.53 -6.52
CA ASN A 1037 -29.43 36.84 -7.11
C ASN A 1037 -28.11 36.85 -7.85
N ALA A 1038 -27.73 37.99 -8.40
CA ALA A 1038 -26.52 38.09 -9.22
C ALA A 1038 -25.27 37.72 -8.44
N ALA A 1039 -25.25 38.03 -7.14
CA ALA A 1039 -24.10 37.68 -6.30
C ALA A 1039 -23.96 36.18 -6.12
N LEU A 1040 -25.03 35.50 -5.73
CA LEU A 1040 -25.00 34.05 -5.57
C LEU A 1040 -24.67 33.41 -6.91
N ASP A 1041 -25.21 33.95 -8.01
CA ASP A 1041 -24.96 33.42 -9.36
C ASP A 1041 -23.50 33.55 -9.78
N SER A 1042 -22.75 34.45 -9.14
CA SER A 1042 -21.33 34.63 -9.44
C SER A 1042 -20.45 33.52 -8.90
N ASN A 1043 -21.02 32.57 -8.15
CA ASN A 1043 -20.28 31.43 -7.63
C ASN A 1043 -20.29 30.25 -8.55
N VAL A 1044 -19.25 29.43 -8.44
CA VAL A 1044 -19.19 28.14 -9.13
C VAL A 1044 -18.57 27.12 -8.18
N ILE A 1045 -19.23 25.99 -8.01
CA ILE A 1045 -18.69 24.91 -7.20
C ILE A 1045 -18.01 23.90 -8.09
N TYR A 1046 -16.87 23.40 -7.66
CA TYR A 1046 -16.19 22.35 -8.39
C TYR A 1046 -16.22 21.13 -7.52
N GLU A 1047 -16.88 20.10 -8.02
CA GLU A 1047 -16.90 18.82 -7.34
C GLU A 1047 -15.68 18.09 -7.83
N GLY A 1048 -14.64 18.08 -7.00
CA GLY A 1048 -13.28 17.75 -7.49
C GLY A 1048 -12.74 16.37 -7.10
N PHE A 1049 -13.47 15.32 -7.40
CA PHE A 1049 -13.02 13.98 -7.15
C PHE A 1049 -13.93 13.11 -7.93
N SER A 1050 -13.50 11.88 -8.10
CA SER A 1050 -14.29 10.82 -8.71
C SER A 1050 -14.17 9.59 -7.82
N ASN A 1051 -15.27 8.87 -7.64
CA ASN A 1051 -15.22 7.63 -6.85
C ASN A 1051 -14.35 6.54 -7.40
N PHE A 1052 -13.97 6.65 -8.68
CA PHE A 1052 -13.25 5.60 -9.34
C PHE A 1052 -11.79 5.90 -9.62
N GLN A 1053 -11.26 6.90 -8.94
CA GLN A 1053 -9.84 7.19 -8.98
C GLN A 1053 -9.09 5.98 -8.48
N ALA A 1054 -7.92 5.73 -9.05
CA ALA A 1054 -7.00 4.74 -8.50
C ALA A 1054 -6.36 5.23 -7.20
N MET A 1055 -5.82 4.30 -6.42
CA MET A 1055 -5.08 4.66 -5.21
C MET A 1055 -3.80 5.35 -5.66
N PRO A 1056 -3.32 6.35 -4.89
CA PRO A 1056 -2.06 7.00 -5.24
C PRO A 1056 -0.89 6.03 -5.38
N THR A 1057 -0.19 6.11 -6.50
CA THR A 1057 1.00 5.28 -6.70
C THR A 1057 2.14 5.78 -5.81
N SER A 1058 2.13 7.07 -5.50
CA SER A 1058 3.12 7.68 -4.60
C SER A 1058 2.48 8.81 -3.79
N PRO A 1059 3.04 9.10 -2.61
CA PRO A 1059 2.54 10.26 -1.83
C PRO A 1059 2.48 11.61 -2.57
N GLU A 1060 3.35 11.81 -3.57
CA GLU A 1060 3.40 13.07 -4.31
C GLU A 1060 2.19 13.24 -5.23
N GLN A 1061 1.55 12.13 -5.63
CA GLN A 1061 0.41 12.17 -6.56
C GLN A 1061 -0.96 12.02 -5.86
N SER A 1062 -0.97 12.11 -4.54
CA SER A 1062 -2.22 12.09 -3.81
C SER A 1062 -3.02 13.36 -4.12
N THR A 1063 -4.32 13.17 -4.28
CA THR A 1063 -5.25 14.22 -4.64
C THR A 1063 -4.98 15.55 -3.96
N ASN A 1064 -4.88 15.55 -2.64
CA ASN A 1064 -4.79 16.80 -1.87
C ASN A 1064 -3.44 17.52 -2.00
N VAL A 1065 -2.38 16.76 -2.29
CA VAL A 1065 -1.09 17.34 -2.63
C VAL A 1065 -1.24 18.06 -3.97
N VAL A 1066 -1.78 17.35 -4.95
CA VAL A 1066 -2.03 17.92 -6.28
C VAL A 1066 -2.93 19.16 -6.20
N ILE A 1067 -3.99 19.14 -5.39
CA ILE A 1067 -4.89 20.29 -5.27
C ILE A 1067 -4.12 21.52 -4.81
N ALA A 1068 -3.19 21.34 -3.86
CA ALA A 1068 -2.36 22.45 -3.38
C ALA A 1068 -1.49 23.06 -4.49
N THR A 1069 -0.78 22.23 -5.25
CA THR A 1069 0.04 22.77 -6.34
C THR A 1069 -0.83 23.45 -7.42
N LYS A 1070 -2.03 22.94 -7.66
CA LYS A 1070 -2.91 23.39 -8.75
C LYS A 1070 -4.03 24.40 -8.38
N ALA A 1071 -4.07 24.88 -7.15
CA ALA A 1071 -5.13 25.81 -6.72
C ALA A 1071 -5.33 26.97 -7.68
N ASN A 1072 -4.24 27.64 -8.06
CA ASN A 1072 -4.20 28.64 -9.14
C ASN A 1072 -5.16 28.37 -10.31
N LEU A 1073 -5.04 27.19 -10.92
CA LEU A 1073 -5.81 26.83 -12.12
C LEU A 1073 -7.32 27.01 -11.97
N PHE A 1074 -7.83 26.74 -10.76
CA PHE A 1074 -9.25 26.86 -10.44
C PHE A 1074 -9.70 28.27 -10.13
N LYS A 1075 -8.81 29.11 -9.61
CA LYS A 1075 -9.14 30.50 -9.42
C LYS A 1075 -9.50 31.11 -10.77
N GLU A 1076 -8.70 30.80 -11.79
CA GLU A 1076 -8.87 31.36 -13.14
C GLU A 1076 -10.04 30.78 -13.94
N LEU A 1077 -10.57 29.63 -13.50
CA LEU A 1077 -11.84 29.10 -14.03
C LEU A 1077 -13.07 29.59 -13.29
N GLY A 1078 -12.86 30.39 -12.26
CA GLY A 1078 -13.98 31.03 -11.55
C GLY A 1078 -14.60 30.18 -10.47
N ILE A 1079 -13.88 29.15 -10.00
CA ILE A 1079 -14.37 28.35 -8.91
C ILE A 1079 -14.27 29.21 -7.68
N THR A 1080 -15.38 29.38 -6.97
CA THR A 1080 -15.38 30.07 -5.70
C THR A 1080 -15.49 29.12 -4.51
N SER A 1081 -15.95 27.87 -4.74
CA SER A 1081 -15.90 26.81 -3.71
C SER A 1081 -15.48 25.44 -4.27
N PHE A 1082 -14.59 24.76 -3.56
CA PHE A 1082 -14.05 23.48 -3.96
C PHE A 1082 -14.67 22.39 -3.12
N GLU A 1083 -15.48 21.55 -3.75
CA GLU A 1083 -16.10 20.43 -3.05
C GLU A 1083 -15.12 19.29 -3.08
N LEU A 1084 -14.51 19.02 -1.93
CA LEU A 1084 -13.55 17.93 -1.76
C LEU A 1084 -14.28 16.65 -1.42
N ALA A 1085 -13.71 15.53 -1.82
CA ALA A 1085 -14.22 14.22 -1.45
C ALA A 1085 -14.31 14.10 0.08
N PRO A 1086 -15.12 13.15 0.58
CA PRO A 1086 -15.16 12.87 2.00
C PRO A 1086 -13.83 12.31 2.45
N GLN A 1087 -13.25 12.92 3.48
CA GLN A 1087 -11.85 12.66 3.85
C GLN A 1087 -11.68 11.59 4.90
N TYR A 1088 -12.73 10.82 5.17
CA TYR A 1088 -12.75 9.91 6.32
C TYR A 1088 -12.05 8.61 5.95
N ARG A 1089 -11.41 7.99 6.91
CA ARG A 1089 -10.63 6.77 6.61
C ARG A 1089 -11.52 5.62 6.15
N SER A 1090 -11.17 5.05 5.00
CA SER A 1090 -11.96 3.97 4.42
C SER A 1090 -11.95 2.72 5.30
N SER A 1091 -13.11 2.07 5.34
CA SER A 1091 -13.25 0.77 5.99
C SER A 1091 -12.66 -0.35 5.12
N GLY A 1092 -12.43 -0.05 3.85
CA GLY A 1092 -11.60 -0.91 3.00
C GLY A 1092 -12.20 -2.27 2.67
N ASP A 1093 -11.37 -3.31 2.77
CA ASP A 1093 -11.80 -4.68 2.50
C ASP A 1093 -12.46 -5.35 3.70
N THR A 1094 -12.48 -4.68 4.86
CA THR A 1094 -13.06 -5.24 6.08
C THR A 1094 -14.54 -5.50 5.91
N ASN A 1095 -14.97 -6.70 6.28
CA ASN A 1095 -16.33 -7.16 5.99
C ASN A 1095 -16.73 -8.28 6.95
N TYR A 1096 -17.52 -7.90 7.95
CA TYR A 1096 -17.91 -8.81 9.04
C TYR A 1096 -19.05 -9.77 8.65
N GLY A 1097 -19.86 -9.35 7.71
CA GLY A 1097 -20.83 -10.23 7.08
C GLY A 1097 -21.49 -9.43 5.98
N GLY A 1098 -22.25 -10.12 5.15
CA GLY A 1098 -23.07 -9.44 4.15
C GLY A 1098 -22.29 -8.95 2.96
N MET A 1099 -22.97 -8.22 2.09
CA MET A 1099 -22.35 -7.72 0.88
C MET A 1099 -21.50 -6.49 1.18
N SER A 1100 -20.27 -6.50 0.69
CA SER A 1100 -19.41 -5.33 0.71
C SER A 1100 -19.95 -4.36 -0.36
N PHE A 1101 -19.79 -3.06 -0.14
CA PHE A 1101 -20.20 -2.06 -1.14
C PHE A 1101 -18.98 -1.41 -1.80
N LEU A 1102 -19.14 -0.89 -3.03
CA LEU A 1102 -18.01 -0.31 -3.77
C LEU A 1102 -17.34 0.91 -3.09
N ASP A 1103 -18.13 1.70 -2.36
CA ASP A 1103 -17.58 2.78 -1.53
C ASP A 1103 -16.48 2.28 -0.62
N SER A 1104 -16.65 1.09 -0.08
CA SER A 1104 -15.75 0.55 0.92
C SER A 1104 -14.49 0.04 0.24
N PHE A 1105 -14.63 -0.81 -0.75
CA PHE A 1105 -13.45 -1.41 -1.36
C PHE A 1105 -12.74 -0.51 -2.38
N LEU A 1106 -13.42 0.54 -2.84
CA LEU A 1106 -12.74 1.58 -3.62
C LEU A 1106 -12.22 2.76 -2.77
N ASN A 1107 -12.32 2.65 -1.46
CA ASN A 1107 -11.70 3.61 -0.57
C ASN A 1107 -12.01 5.07 -0.85
N ASN A 1108 -13.22 5.33 -1.34
CA ASN A 1108 -13.56 6.68 -1.77
C ASN A 1108 -13.90 7.62 -0.64
N GLY A 1109 -14.05 7.08 0.56
CA GLY A 1109 -14.28 7.91 1.76
C GLY A 1109 -15.71 7.97 2.23
N TYR A 1110 -16.65 7.55 1.38
CA TYR A 1110 -18.06 7.45 1.79
C TYR A 1110 -18.33 6.30 2.74
N ALA A 1111 -17.44 5.31 2.79
CA ALA A 1111 -17.57 4.19 3.73
C ALA A 1111 -16.40 4.22 4.68
N PHE A 1112 -16.68 4.46 5.95
CA PHE A 1112 -15.66 4.66 6.93
C PHE A 1112 -15.96 4.00 8.26
N THR A 1113 -14.90 3.68 9.00
CA THR A 1113 -15.00 3.15 10.36
C THR A 1113 -14.93 4.26 11.41
N ASP A 1114 -14.06 5.24 11.19
CA ASP A 1114 -13.79 6.32 12.13
C ASP A 1114 -14.13 7.66 11.49
N ARG A 1115 -15.13 8.35 12.03
CA ARG A 1115 -15.60 9.59 11.41
C ARG A 1115 -14.59 10.73 11.56
N TYR A 1116 -13.72 10.66 12.57
CA TYR A 1116 -12.82 11.75 12.87
C TYR A 1116 -11.39 11.54 12.35
N ASP A 1117 -11.08 10.35 11.84
CA ASP A 1117 -9.76 10.06 11.26
C ASP A 1117 -9.76 10.50 9.79
N LEU A 1118 -9.12 11.63 9.52
CA LEU A 1118 -9.02 12.18 8.16
C LEU A 1118 -7.61 12.00 7.54
N GLY A 1119 -6.85 11.05 8.06
CA GLY A 1119 -5.56 10.70 7.51
C GLY A 1119 -4.40 10.80 8.49
N PHE A 1120 -4.68 10.63 9.79
CA PHE A 1120 -3.63 10.72 10.79
C PHE A 1120 -2.68 9.54 10.75
N ASN A 1121 -1.49 9.74 11.29
CA ASN A 1121 -0.50 8.68 11.37
C ASN A 1121 -0.94 7.54 12.30
N LYS A 1122 -0.44 6.33 12.05
CA LYS A 1122 -0.62 5.23 12.98
C LYS A 1122 -0.03 5.66 14.31
N ALA A 1123 -0.42 5.00 15.39
CA ALA A 1123 0.07 5.36 16.74
C ALA A 1123 1.57 5.07 16.89
N ASP A 1124 2.10 4.14 16.10
CA ASP A 1124 3.54 3.87 16.05
C ASP A 1124 4.34 4.98 15.35
N GLY A 1125 3.66 5.95 14.75
CA GLY A 1125 4.33 7.08 14.11
C GLY A 1125 4.42 7.00 12.59
N ASN A 1126 4.08 5.84 12.04
CA ASN A 1126 4.10 5.66 10.59
C ASN A 1126 2.95 6.40 9.91
N PRO A 1127 3.21 6.91 8.69
CA PRO A 1127 2.14 7.50 7.89
C PRO A 1127 1.01 6.51 7.53
N ASN A 1128 -0.20 7.04 7.44
CA ASN A 1128 -1.38 6.25 7.14
C ASN A 1128 -2.36 7.13 6.39
N PRO A 1129 -2.01 7.49 5.15
CA PRO A 1129 -2.90 8.31 4.37
C PRO A 1129 -4.22 7.65 4.04
N THR A 1130 -5.23 8.47 3.79
CA THR A 1130 -6.44 8.03 3.15
C THR A 1130 -6.11 7.86 1.67
N LYS A 1131 -7.11 7.71 0.83
CA LYS A 1131 -6.91 7.68 -0.61
C LYS A 1131 -6.41 9.05 -1.12
N TYR A 1132 -6.68 10.08 -0.34
CA TYR A 1132 -6.41 11.46 -0.72
C TYR A 1132 -5.17 12.09 -0.01
N GLY A 1133 -4.55 11.34 0.91
CA GLY A 1133 -3.34 11.80 1.59
C GLY A 1133 -3.49 11.93 3.08
N THR A 1134 -2.44 12.43 3.73
CA THR A 1134 -2.42 12.58 5.19
C THR A 1134 -3.30 13.74 5.65
N ASP A 1135 -3.44 13.89 6.97
CA ASP A 1135 -4.18 15.03 7.54
C ASP A 1135 -3.49 16.36 7.24
N GLN A 1136 -2.15 16.38 7.24
CA GLN A 1136 -1.41 17.59 6.85
C GLN A 1136 -1.66 17.92 5.38
N ASP A 1137 -1.70 16.91 4.51
CA ASP A 1137 -1.98 17.14 3.10
C ASP A 1137 -3.32 17.86 2.92
N LEU A 1138 -4.30 17.49 3.73
CA LEU A 1138 -5.64 18.09 3.68
C LEU A 1138 -5.61 19.55 4.15
N ARG A 1139 -4.96 19.79 5.29
CA ARG A 1139 -4.83 21.16 5.80
C ARG A 1139 -4.07 22.05 4.81
N ASN A 1140 -3.06 21.51 4.15
CA ASN A 1140 -2.34 22.27 3.12
C ASN A 1140 -3.21 22.53 1.90
N ALA A 1141 -4.01 21.54 1.52
CA ALA A 1141 -4.91 21.69 0.39
C ALA A 1141 -5.95 22.78 0.68
N ILE A 1142 -6.48 22.79 1.88
CA ILE A 1142 -7.51 23.74 2.27
C ILE A 1142 -6.93 25.16 2.33
N GLU A 1143 -5.75 25.31 2.95
CA GLU A 1143 -5.08 26.60 3.02
C GLU A 1143 -4.81 27.16 1.61
N ALA A 1144 -4.26 26.32 0.74
CA ALA A 1144 -3.97 26.69 -0.63
C ALA A 1144 -5.21 27.21 -1.34
N LEU A 1145 -6.37 26.65 -1.04
CA LEU A 1145 -7.61 27.13 -1.65
C LEU A 1145 -8.00 28.49 -1.10
N HIS A 1146 -7.74 28.74 0.19
CA HIS A 1146 -7.98 30.07 0.76
C HIS A 1146 -6.99 31.12 0.25
N LYS A 1147 -5.73 30.78 0.14
CA LYS A 1147 -4.75 31.63 -0.52
C LYS A 1147 -5.17 32.02 -1.96
N ASN A 1148 -5.96 31.18 -2.64
CA ASN A 1148 -6.52 31.50 -3.96
C ASN A 1148 -8.01 31.84 -3.92
N GLY A 1149 -8.49 32.29 -2.77
CA GLY A 1149 -9.84 32.86 -2.62
C GLY A 1149 -10.97 31.90 -2.91
N MET A 1150 -10.73 30.62 -2.69
CA MET A 1150 -11.75 29.59 -2.83
C MET A 1150 -12.08 28.98 -1.48
N GLN A 1151 -13.34 28.58 -1.32
CA GLN A 1151 -13.80 27.89 -0.14
C GLN A 1151 -13.61 26.39 -0.24
N ALA A 1152 -13.61 25.70 0.88
CA ALA A 1152 -13.51 24.24 0.91
C ALA A 1152 -14.77 23.65 1.55
N ILE A 1153 -15.37 22.72 0.82
CA ILE A 1153 -16.60 22.05 1.28
C ILE A 1153 -16.28 20.69 1.89
N ALA A 1154 -16.78 20.49 3.10
CA ALA A 1154 -16.68 19.21 3.79
C ALA A 1154 -17.88 18.35 3.48
N ASP A 1155 -17.66 17.09 3.13
CA ASP A 1155 -18.78 16.15 2.92
C ASP A 1155 -19.24 15.63 4.29
N TRP A 1156 -20.41 16.06 4.72
CA TRP A 1156 -21.00 15.65 6.00
C TRP A 1156 -21.88 14.41 5.76
N VAL A 1157 -21.47 13.29 6.35
CA VAL A 1157 -22.04 11.98 6.07
C VAL A 1157 -22.64 11.34 7.31
N PRO A 1158 -23.77 11.85 7.79
CA PRO A 1158 -24.35 11.37 9.03
C PRO A 1158 -25.19 10.07 8.97
N ASP A 1159 -25.53 9.59 7.77
CA ASP A 1159 -26.46 8.44 7.66
C ASP A 1159 -25.89 7.12 8.17
N GLN A 1160 -24.61 6.83 7.93
CA GLN A 1160 -24.09 5.49 8.27
C GLN A 1160 -22.62 5.44 8.62
N ILE A 1161 -22.20 4.28 9.09
CA ILE A 1161 -20.81 3.99 9.41
C ILE A 1161 -20.59 2.51 9.15
N TYR A 1162 -19.39 2.12 8.71
CA TYR A 1162 -19.10 0.73 8.30
C TYR A 1162 -18.20 -0.02 9.26
N ALA A 1163 -18.23 -1.34 9.15
CA ALA A 1163 -17.22 -2.22 9.73
C ALA A 1163 -16.83 -1.87 11.16
N LEU A 1164 -17.80 -2.00 12.08
CA LEU A 1164 -17.57 -1.83 13.51
C LEU A 1164 -17.13 -3.19 14.10
N PRO A 1165 -16.01 -3.23 14.84
CA PRO A 1165 -15.38 -4.51 15.18
C PRO A 1165 -16.01 -5.31 16.33
N GLY A 1166 -16.89 -4.69 17.11
CA GLY A 1166 -17.43 -5.33 18.31
C GLY A 1166 -18.86 -5.79 18.14
N LYS A 1167 -19.14 -7.02 18.59
CA LYS A 1167 -20.46 -7.65 18.40
C LYS A 1167 -21.37 -7.45 19.58
N GLU A 1168 -22.66 -7.27 19.30
CA GLU A 1168 -23.70 -7.22 20.32
C GLU A 1168 -24.89 -8.02 19.82
N VAL A 1169 -25.80 -8.35 20.73
CA VAL A 1169 -27.00 -9.08 20.36
C VAL A 1169 -28.14 -8.09 20.34
N VAL A 1170 -28.73 -7.91 19.17
CA VAL A 1170 -29.86 -7.00 18.98
C VAL A 1170 -31.14 -7.83 18.75
N THR A 1171 -32.29 -7.18 18.90
CA THR A 1171 -33.57 -7.74 18.49
C THR A 1171 -33.95 -7.12 17.15
N ALA A 1172 -34.10 -7.95 16.12
CA ALA A 1172 -34.16 -7.46 14.76
C ALA A 1172 -35.35 -7.97 13.99
N THR A 1173 -35.88 -7.12 13.13
CA THR A 1173 -36.94 -7.46 12.20
C THR A 1173 -36.48 -7.16 10.79
N ARG A 1174 -36.81 -8.04 9.84
CA ARG A 1174 -36.45 -7.86 8.43
C ARG A 1174 -37.34 -6.83 7.78
N VAL A 1175 -36.72 -5.80 7.22
CA VAL A 1175 -37.45 -4.62 6.73
C VAL A 1175 -36.95 -4.20 5.38
N ASP A 1176 -37.79 -3.41 4.70
CA ASP A 1176 -37.43 -2.76 3.44
C ASP A 1176 -36.81 -1.40 3.72
N GLU A 1177 -36.44 -0.68 2.67
CA GLU A 1177 -35.72 0.59 2.87
C GLU A 1177 -36.42 1.59 3.78
N ARG A 1178 -37.76 1.54 3.81
CA ARG A 1178 -38.56 2.41 4.68
C ARG A 1178 -38.75 1.90 6.11
N GLY A 1179 -38.15 0.76 6.44
CA GLY A 1179 -38.31 0.20 7.77
C GLY A 1179 -39.65 -0.47 8.03
N ASN A 1180 -40.33 -0.87 6.97
CA ASN A 1180 -41.57 -1.60 7.06
C ASN A 1180 -41.29 -3.07 6.93
N GLN A 1181 -41.92 -3.83 7.78
CA GLN A 1181 -41.68 -5.26 7.84
C GLN A 1181 -42.00 -5.84 6.48
N LEU A 1182 -41.15 -6.75 5.97
CA LEU A 1182 -41.44 -7.43 4.69
C LEU A 1182 -42.73 -8.20 4.86
N LYS A 1183 -43.52 -8.31 3.80
CA LYS A 1183 -44.87 -8.91 3.88
C LYS A 1183 -44.86 -10.37 4.35
N ASP A 1184 -43.96 -11.18 3.79
CA ASP A 1184 -43.95 -12.63 4.05
C ASP A 1184 -42.66 -13.07 4.74
N THR A 1185 -42.40 -12.52 5.92
CA THR A 1185 -41.18 -12.83 6.63
C THR A 1185 -41.46 -13.43 8.00
N ASP A 1186 -40.71 -14.48 8.31
CA ASP A 1186 -40.72 -15.06 9.63
C ASP A 1186 -39.72 -14.35 10.51
N PHE A 1187 -38.87 -13.51 9.92
CA PHE A 1187 -37.86 -12.78 10.66
C PHE A 1187 -38.48 -11.55 11.32
N VAL A 1188 -39.09 -11.76 12.47
CA VAL A 1188 -39.69 -10.70 13.26
C VAL A 1188 -39.27 -10.82 14.71
N ASN A 1189 -38.80 -9.71 15.29
CA ASN A 1189 -38.34 -9.65 16.67
C ASN A 1189 -37.45 -10.81 17.09
N LEU A 1190 -36.52 -11.21 16.22
CA LEU A 1190 -35.55 -12.29 16.52
C LEU A 1190 -34.21 -11.76 17.02
N LEU A 1191 -33.53 -12.55 17.85
CA LEU A 1191 -32.23 -12.14 18.35
C LEU A 1191 -31.20 -12.42 17.28
N TYR A 1192 -30.27 -11.47 17.14
CA TYR A 1192 -29.32 -11.47 16.04
C TYR A 1192 -28.03 -10.90 16.55
N VAL A 1193 -26.91 -11.43 16.05
CA VAL A 1193 -25.60 -10.90 16.37
C VAL A 1193 -25.24 -9.93 15.27
N ALA A 1194 -25.09 -8.66 15.63
CA ALA A 1194 -24.70 -7.63 14.69
C ALA A 1194 -23.35 -7.05 15.09
N ASN A 1195 -22.69 -6.39 14.14
CA ASN A 1195 -21.45 -5.68 14.42
C ASN A 1195 -21.75 -4.18 14.57
N THR A 1196 -21.91 -3.75 15.82
CA THR A 1196 -22.45 -2.42 16.13
C THR A 1196 -21.56 -1.56 17.01
N LYS A 1197 -20.52 -2.14 17.59
CA LYS A 1197 -19.74 -1.48 18.62
C LYS A 1197 -18.40 -1.05 18.07
N SER A 1198 -18.06 0.21 18.25
CA SER A 1198 -16.77 0.75 17.80
C SER A 1198 -15.62 0.34 18.73
N SER A 1199 -14.38 0.53 18.26
CA SER A 1199 -13.19 0.06 19.03
C SER A 1199 -13.05 0.74 20.38
N GLY A 1200 -13.51 1.98 20.49
CA GLY A 1200 -13.40 2.75 21.72
C GLY A 1200 -12.02 3.35 21.95
N VAL A 1201 -11.10 3.12 21.02
CA VAL A 1201 -9.73 3.58 21.16
C VAL A 1201 -9.26 4.22 19.84
N ASP A 1202 -10.24 4.75 19.09
CA ASP A 1202 -10.05 5.36 17.77
C ASP A 1202 -10.21 6.88 17.91
N TYR A 1203 -10.25 7.62 16.80
CA TYR A 1203 -10.41 9.08 16.87
C TYR A 1203 -11.83 9.51 17.25
N GLN A 1204 -12.82 8.64 17.06
CA GLN A 1204 -14.17 8.86 17.61
C GLN A 1204 -14.15 8.90 19.13
N ALA A 1205 -13.25 8.14 19.75
CA ALA A 1205 -13.09 8.17 21.21
C ALA A 1205 -12.36 9.42 21.66
N LYS A 1206 -11.34 9.82 20.93
CA LYS A 1206 -10.60 11.03 21.26
C LYS A 1206 -11.48 12.27 21.18
N TYR A 1207 -12.08 12.49 20.01
CA TYR A 1207 -12.80 13.74 19.72
C TYR A 1207 -14.32 13.70 19.95
N GLY A 1208 -14.91 12.54 20.18
CA GLY A 1208 -16.36 12.43 20.38
C GLY A 1208 -16.85 13.33 21.50
N GLY A 1209 -17.90 14.12 21.22
CA GLY A 1209 -18.50 15.04 22.20
C GLY A 1209 -17.64 16.12 22.86
N GLU A 1210 -16.37 16.23 22.50
CA GLU A 1210 -15.42 17.12 23.21
C GLU A 1210 -15.71 18.62 23.07
N PHE A 1211 -16.34 19.02 21.98
CA PHE A 1211 -16.55 20.44 21.67
C PHE A 1211 -17.90 20.97 22.12
N LEU A 1212 -18.78 20.09 22.61
CA LEU A 1212 -20.15 20.45 22.94
C LEU A 1212 -20.28 21.36 24.15
N ASP A 1213 -19.46 21.11 25.17
CA ASP A 1213 -19.54 21.90 26.39
C ASP A 1213 -19.12 23.34 26.14
N LYS A 1214 -18.02 23.55 25.41
CA LYS A 1214 -17.62 24.89 25.00
C LYS A 1214 -18.72 25.57 24.18
N LEU A 1215 -19.37 24.80 23.31
CA LEU A 1215 -20.46 25.31 22.46
C LEU A 1215 -21.73 25.66 23.25
N ARG A 1216 -22.06 24.89 24.29
CA ARG A 1216 -23.27 25.14 25.10
C ARG A 1216 -23.08 26.40 25.94
N GLU A 1217 -21.89 26.56 26.51
CA GLU A 1217 -21.52 27.78 27.23
C GLU A 1217 -21.64 29.02 26.32
N GLU A 1218 -21.12 28.94 25.09
CA GLU A 1218 -21.10 30.10 24.19
C GLU A 1218 -22.42 30.39 23.46
N TYR A 1219 -23.16 29.34 23.11
CA TYR A 1219 -24.40 29.52 22.31
C TYR A 1219 -25.52 28.67 22.89
N PRO A 1220 -26.00 29.01 24.09
CA PRO A 1220 -26.97 28.16 24.81
C PRO A 1220 -28.17 27.73 23.96
N SER A 1221 -28.67 28.63 23.11
CA SER A 1221 -29.94 28.41 22.42
C SER A 1221 -29.91 27.20 21.48
N LEU A 1222 -28.76 26.90 20.90
CA LEU A 1222 -28.60 25.70 20.08
C LEU A 1222 -29.02 24.43 20.83
N PHE A 1223 -28.73 24.39 22.11
CA PHE A 1223 -28.98 23.23 22.96
C PHE A 1223 -30.33 23.30 23.69
N LYS A 1224 -30.97 24.47 23.63
CA LYS A 1224 -32.30 24.67 24.23
C LYS A 1224 -33.44 24.68 23.20
N GLN A 1225 -33.14 24.94 21.94
CA GLN A 1225 -34.16 24.95 20.88
C GLN A 1225 -34.68 23.56 20.55
N ASN A 1226 -36.01 23.41 20.51
CA ASN A 1226 -36.63 22.13 20.14
C ASN A 1226 -36.57 21.83 18.66
N GLN A 1227 -36.26 20.58 18.35
CA GLN A 1227 -36.26 20.03 17.01
C GLN A 1227 -37.65 19.50 16.68
N VAL A 1228 -38.02 19.51 15.41
CA VAL A 1228 -39.38 19.24 15.00
C VAL A 1228 -39.78 17.78 15.14
N SER A 1229 -38.94 16.87 14.68
CA SER A 1229 -39.30 15.45 14.63
C SER A 1229 -39.49 14.84 16.00
N THR A 1230 -38.80 15.38 17.02
CA THR A 1230 -38.80 14.81 18.37
C THR A 1230 -39.55 15.60 19.44
N GLY A 1231 -39.80 16.88 19.19
CA GLY A 1231 -40.35 17.76 20.20
C GLY A 1231 -39.35 18.13 21.30
N GLN A 1232 -38.10 17.67 21.15
CA GLN A 1232 -37.06 17.81 22.17
C GLN A 1232 -35.91 18.60 21.59
N PRO A 1233 -35.07 19.19 22.47
CA PRO A 1233 -33.83 19.77 21.99
C PRO A 1233 -32.73 18.70 21.92
N ILE A 1234 -31.64 19.01 21.24
CA ILE A 1234 -30.50 18.11 21.24
C ILE A 1234 -29.95 17.98 22.66
N ASP A 1235 -29.33 16.83 22.92
CA ASP A 1235 -28.92 16.47 24.26
C ASP A 1235 -27.41 16.23 24.27
N ALA A 1236 -26.67 17.22 24.74
CA ALA A 1236 -25.23 17.07 24.96
C ALA A 1236 -24.88 16.55 26.36
N SER A 1237 -25.88 16.17 27.16
CA SER A 1237 -25.62 15.66 28.51
C SER A 1237 -24.95 14.27 28.49
N THR A 1238 -25.01 13.60 27.33
CA THR A 1238 -24.35 12.32 27.12
C THR A 1238 -23.46 12.40 25.87
N LYS A 1239 -22.21 11.97 26.00
CA LYS A 1239 -21.25 12.05 24.91
C LYS A 1239 -21.04 10.67 24.28
N ILE A 1240 -20.82 10.62 22.96
CA ILE A 1240 -20.60 9.35 22.24
C ILE A 1240 -19.12 9.23 21.87
N LYS A 1241 -18.35 8.58 22.74
CA LYS A 1241 -16.96 8.21 22.46
C LYS A 1241 -16.87 6.83 21.78
N GLN A 1242 -17.94 6.04 21.90
CA GLN A 1242 -18.00 4.71 21.32
C GLN A 1242 -19.38 4.45 20.75
N TRP A 1243 -19.46 4.08 19.47
CA TRP A 1243 -20.74 3.68 18.91
C TRP A 1243 -21.14 2.31 19.45
N SER A 1244 -22.44 2.08 19.52
CA SER A 1244 -23.01 0.79 19.86
C SER A 1244 -24.44 0.73 19.33
N ALA A 1245 -25.06 -0.44 19.38
CA ALA A 1245 -26.33 -0.70 18.73
C ALA A 1245 -27.43 0.26 19.16
N LYS A 1246 -27.41 0.71 20.41
CA LYS A 1246 -28.47 1.57 20.90
C LYS A 1246 -28.58 2.89 20.13
N TYR A 1247 -27.52 3.29 19.45
CA TYR A 1247 -27.53 4.48 18.63
C TYR A 1247 -27.80 4.21 17.15
N MET A 1248 -28.18 2.99 16.83
CA MET A 1248 -28.39 2.56 15.44
C MET A 1248 -29.83 2.17 15.17
N ASN A 1249 -30.29 2.43 13.95
CA ASN A 1249 -31.58 1.96 13.49
C ASN A 1249 -31.52 0.54 13.00
N GLY A 1250 -30.40 0.15 12.44
CA GLY A 1250 -30.28 -1.21 11.94
C GLY A 1250 -29.03 -1.45 11.14
N THR A 1251 -29.09 -2.47 10.29
CA THR A 1251 -27.95 -2.91 9.51
C THR A 1251 -28.43 -3.58 8.23
N ASN A 1252 -27.55 -3.66 7.24
CA ASN A 1252 -27.76 -4.54 6.13
C ASN A 1252 -27.61 -5.97 6.67
N ILE A 1253 -28.33 -6.92 6.07
CA ILE A 1253 -28.30 -8.30 6.53
C ILE A 1253 -26.86 -8.84 6.50
N LEU A 1254 -26.49 -9.54 7.57
CA LEU A 1254 -25.11 -10.00 7.76
C LEU A 1254 -24.87 -11.48 7.44
N HIS A 1255 -25.89 -12.14 6.87
CA HIS A 1255 -25.75 -13.54 6.40
C HIS A 1255 -25.47 -14.56 7.52
N ARG A 1256 -25.98 -14.27 8.71
CA ARG A 1256 -25.67 -15.08 9.87
C ARG A 1256 -26.79 -16.07 10.22
N GLY A 1257 -28.03 -15.69 9.92
CA GLY A 1257 -29.16 -16.57 10.05
C GLY A 1257 -30.17 -16.06 11.06
N ALA A 1258 -31.42 -16.51 10.91
CA ALA A 1258 -32.47 -16.12 11.82
C ALA A 1258 -32.26 -16.68 13.22
N TYR A 1259 -31.60 -17.84 13.32
CA TYR A 1259 -31.40 -18.50 14.64
C TYR A 1259 -29.96 -18.91 14.86
N TYR A 1260 -29.03 -18.01 14.55
CA TYR A 1260 -27.62 -18.14 14.89
C TYR A 1260 -27.45 -17.93 16.41
N VAL A 1261 -28.35 -17.13 17.00
CA VAL A 1261 -28.45 -17.01 18.44
C VAL A 1261 -29.33 -18.17 18.93
N LEU A 1262 -28.76 -19.03 19.77
CA LEU A 1262 -29.35 -20.34 20.05
C LEU A 1262 -30.53 -20.32 21.01
N LYS A 1263 -31.49 -21.18 20.70
CA LYS A 1263 -32.83 -21.13 21.25
C LYS A 1263 -33.35 -22.54 21.44
N ASP A 1264 -34.20 -22.73 22.44
CA ASP A 1264 -34.89 -23.99 22.66
C ASP A 1264 -36.24 -23.92 21.99
N TRP A 1265 -36.55 -24.88 21.11
CA TRP A 1265 -37.77 -24.79 20.32
C TRP A 1265 -38.99 -24.92 21.17
N ALA A 1266 -38.87 -25.67 22.25
CA ALA A 1266 -40.01 -26.06 23.07
C ALA A 1266 -40.62 -24.91 23.85
N THR A 1267 -39.76 -24.15 24.52
CA THR A 1267 -40.16 -23.01 25.33
C THR A 1267 -39.98 -21.68 24.62
N ASN A 1268 -39.24 -21.69 23.52
CA ASN A 1268 -38.84 -20.50 22.75
C ASN A 1268 -37.98 -19.51 23.52
N GLN A 1269 -37.36 -19.96 24.62
CA GLN A 1269 -36.45 -19.14 25.39
C GLN A 1269 -35.03 -19.31 24.85
N TYR A 1270 -34.26 -18.23 24.85
CA TYR A 1270 -32.90 -18.26 24.31
C TYR A 1270 -31.94 -18.63 25.44
N PHE A 1271 -30.89 -19.36 25.13
CA PHE A 1271 -29.94 -19.72 26.18
C PHE A 1271 -29.17 -18.49 26.63
N ASN A 1272 -28.89 -18.41 27.92
CA ASN A 1272 -28.11 -17.30 28.47
C ASN A 1272 -27.32 -17.70 29.72
N ILE A 1273 -26.16 -17.07 29.89
CA ILE A 1273 -25.25 -17.38 31.01
C ILE A 1273 -24.64 -16.15 31.71
N ALA A 1274 -25.22 -14.96 31.49
CA ALA A 1274 -24.60 -13.72 31.93
C ALA A 1274 -24.63 -13.56 33.45
N LYS A 1275 -25.80 -13.79 34.02
CA LYS A 1275 -25.99 -13.68 35.46
C LYS A 1275 -26.42 -15.03 36.02
N THR A 1276 -25.70 -15.48 37.05
CA THR A 1276 -25.92 -16.80 37.68
C THR A 1276 -27.36 -17.06 38.19
N ASN A 1277 -28.12 -15.99 38.46
CA ASN A 1277 -29.53 -16.13 38.92
C ASN A 1277 -30.57 -16.34 37.80
N GLU A 1278 -30.15 -16.24 36.53
CA GLU A 1278 -31.06 -16.36 35.40
C GLU A 1278 -30.41 -17.14 34.24
N VAL A 1279 -29.72 -18.22 34.60
CA VAL A 1279 -29.09 -19.11 33.63
C VAL A 1279 -30.15 -19.95 32.94
N PHE A 1280 -30.00 -20.13 31.63
CA PHE A 1280 -30.81 -21.08 30.91
C PHE A 1280 -29.88 -21.82 29.95
N LEU A 1281 -29.71 -23.12 30.17
CA LEU A 1281 -28.89 -23.96 29.30
C LEU A 1281 -29.63 -25.25 29.00
N PRO A 1282 -29.18 -25.99 27.96
CA PRO A 1282 -29.70 -27.32 27.78
C PRO A 1282 -29.33 -28.15 28.99
N LEU A 1283 -30.19 -29.10 29.39
CA LEU A 1283 -29.95 -29.85 30.62
C LEU A 1283 -28.73 -30.75 30.54
N GLN A 1284 -28.34 -31.22 29.34
CA GLN A 1284 -27.14 -32.07 29.18
C GLN A 1284 -25.93 -31.35 29.71
N LEU A 1285 -25.87 -30.04 29.46
CA LEU A 1285 -24.71 -29.25 29.77
C LEU A 1285 -24.57 -29.00 31.26
N GLN A 1286 -25.66 -29.13 32.02
CA GLN A 1286 -25.60 -29.00 33.48
C GLN A 1286 -25.60 -30.33 34.23
N ASN A 1287 -25.29 -31.39 33.50
CA ASN A 1287 -25.30 -32.76 34.04
C ASN A 1287 -26.63 -33.11 34.64
N LYS A 1288 -27.71 -32.80 33.93
CA LYS A 1288 -29.02 -33.21 34.35
C LYS A 1288 -29.52 -34.04 33.23
N ASP A 1289 -30.60 -34.76 33.46
CA ASP A 1289 -31.15 -35.68 32.48
C ASP A 1289 -32.14 -35.00 31.56
N ALA A 1290 -31.84 -35.03 30.27
CA ALA A 1290 -32.63 -34.39 29.25
C ALA A 1290 -33.40 -35.47 28.53
N GLN A 1291 -34.72 -35.44 28.59
CA GLN A 1291 -35.51 -36.43 27.92
C GLN A 1291 -36.08 -35.80 26.69
N THR A 1292 -36.15 -36.56 25.62
CA THR A 1292 -36.59 -35.98 24.36
C THR A 1292 -37.48 -36.92 23.60
N GLY A 1293 -38.55 -36.38 23.03
CA GLY A 1293 -39.44 -37.18 22.23
C GLY A 1293 -40.87 -36.88 22.53
N PHE A 1294 -41.74 -37.58 21.82
CA PHE A 1294 -43.16 -37.48 21.99
C PHE A 1294 -43.62 -38.59 22.96
N ILE A 1295 -44.41 -38.21 23.97
CA ILE A 1295 -44.96 -39.20 24.90
C ILE A 1295 -46.44 -38.95 25.05
N SER A 1296 -47.24 -40.00 24.90
CA SER A 1296 -48.68 -39.92 25.11
C SER A 1296 -49.00 -40.10 26.57
N ASP A 1297 -50.10 -39.47 26.99
CA ASP A 1297 -50.75 -39.77 28.27
C ASP A 1297 -52.30 -39.77 28.10
N ALA A 1298 -53.03 -39.98 29.18
CA ALA A 1298 -54.47 -40.08 29.10
C ALA A 1298 -55.08 -38.83 28.51
N SER A 1299 -54.52 -37.67 28.82
CA SER A 1299 -55.01 -36.40 28.28
C SER A 1299 -54.62 -36.12 26.82
N GLY A 1300 -53.40 -36.47 26.43
CA GLY A 1300 -52.95 -36.20 25.08
C GLY A 1300 -51.47 -36.43 24.85
N VAL A 1301 -50.93 -35.88 23.77
CA VAL A 1301 -49.51 -36.07 23.43
C VAL A 1301 -48.67 -34.89 23.85
N LYS A 1302 -47.51 -35.17 24.43
CA LYS A 1302 -46.55 -34.16 24.85
C LYS A 1302 -45.27 -34.33 24.08
N TYR A 1303 -44.42 -33.31 24.05
CA TYR A 1303 -43.12 -33.41 23.40
C TYR A 1303 -42.04 -32.73 24.21
N TYR A 1304 -40.87 -33.34 24.25
CA TYR A 1304 -39.73 -32.78 24.95
C TYR A 1304 -38.59 -32.57 23.95
N SER A 1305 -37.98 -31.39 23.97
CA SER A 1305 -36.90 -31.05 23.06
C SER A 1305 -35.58 -31.73 23.41
N ILE A 1306 -34.60 -31.65 22.51
CA ILE A 1306 -33.29 -32.25 22.75
C ILE A 1306 -32.64 -31.71 24.03
N SER A 1307 -33.02 -30.51 24.44
CA SER A 1307 -32.48 -29.90 25.64
C SER A 1307 -33.25 -30.30 26.90
N GLY A 1308 -34.27 -31.12 26.75
CA GLY A 1308 -34.98 -31.65 27.89
C GLY A 1308 -36.19 -30.91 28.42
N TYR A 1309 -36.74 -29.98 27.64
CA TYR A 1309 -37.86 -29.15 28.15
C TYR A 1309 -39.14 -29.43 27.40
N GLN A 1310 -40.27 -29.27 28.09
CA GLN A 1310 -41.56 -29.55 27.51
C GLN A 1310 -42.01 -28.47 26.56
N ALA A 1311 -42.59 -28.88 25.43
CA ALA A 1311 -43.13 -27.95 24.44
C ALA A 1311 -44.44 -27.39 24.93
N LYS A 1312 -44.48 -26.09 25.13
CA LYS A 1312 -45.72 -25.37 25.43
C LYS A 1312 -45.82 -24.13 24.59
N ASP A 1313 -46.99 -23.94 23.96
CA ASP A 1313 -47.30 -22.75 23.18
C ASP A 1313 -46.23 -22.55 22.12
N THR A 1314 -46.11 -23.55 21.25
CA THR A 1314 -45.05 -23.56 20.25
C THR A 1314 -45.36 -24.57 19.17
N PHE A 1315 -44.82 -24.33 17.99
CA PHE A 1315 -44.92 -25.26 16.87
C PHE A 1315 -43.67 -26.15 16.85
N ILE A 1316 -43.83 -27.41 16.55
CA ILE A 1316 -42.74 -28.39 16.60
C ILE A 1316 -42.81 -29.28 15.38
N GLU A 1317 -41.65 -29.54 14.82
CA GLU A 1317 -41.54 -30.40 13.63
C GLU A 1317 -40.86 -31.71 14.00
N ASP A 1318 -41.45 -32.82 13.59
CA ASP A 1318 -40.85 -34.12 13.87
C ASP A 1318 -39.78 -34.48 12.84
N GLY A 1319 -39.22 -35.66 12.99
CA GLY A 1319 -38.15 -36.14 12.14
C GLY A 1319 -38.57 -36.48 10.72
N ASN A 1320 -39.84 -36.78 10.51
CA ASN A 1320 -40.38 -37.05 9.17
C ASN A 1320 -40.92 -35.83 8.41
N GLY A 1321 -40.83 -34.65 9.00
CA GLY A 1321 -41.26 -33.45 8.32
C GLY A 1321 -42.66 -32.97 8.63
N ASN A 1322 -43.36 -33.67 9.53
CA ASN A 1322 -44.68 -33.24 9.97
C ASN A 1322 -44.61 -32.16 11.03
N TRP A 1323 -45.58 -31.24 11.01
CA TRP A 1323 -45.63 -30.14 11.96
C TRP A 1323 -46.78 -30.32 12.92
N TYR A 1324 -46.54 -29.88 14.16
CA TYR A 1324 -47.53 -29.94 15.23
C TYR A 1324 -47.58 -28.63 16.01
N TYR A 1325 -48.73 -28.35 16.63
CA TYR A 1325 -48.83 -27.24 17.58
C TYR A 1325 -49.16 -27.76 18.98
N PHE A 1326 -48.38 -27.31 19.96
CA PHE A 1326 -48.61 -27.65 21.34
C PHE A 1326 -49.15 -26.44 22.08
N ASP A 1327 -50.29 -26.63 22.74
CA ASP A 1327 -51.01 -25.53 23.42
C ASP A 1327 -50.33 -25.06 24.71
N LYS A 1328 -50.90 -24.06 25.34
CA LYS A 1328 -50.38 -23.55 26.60
C LYS A 1328 -50.22 -24.63 27.66
N ASP A 1329 -51.13 -25.59 27.68
CA ASP A 1329 -51.09 -26.70 28.67
C ASP A 1329 -50.02 -27.76 28.40
N GLY A 1330 -49.43 -27.73 27.22
CA GLY A 1330 -48.33 -28.62 26.85
C GLY A 1330 -48.79 -29.81 26.04
N TYR A 1331 -49.96 -29.72 25.43
CA TYR A 1331 -50.57 -30.83 24.71
C TYR A 1331 -50.75 -30.53 23.24
N MET A 1332 -50.35 -31.47 22.40
CA MET A 1332 -50.56 -31.42 20.97
C MET A 1332 -52.03 -31.19 20.68
N VAL A 1333 -52.32 -30.34 19.70
CA VAL A 1333 -53.69 -30.09 19.27
C VAL A 1333 -54.04 -31.11 18.21
N ARG A 1334 -55.21 -31.73 18.34
CA ARG A 1334 -55.64 -32.79 17.45
C ARG A 1334 -57.14 -32.71 17.23
N SER A 1335 -57.61 -33.04 16.04
CA SER A 1335 -59.04 -32.98 15.77
C SER A 1335 -59.75 -34.18 16.37
N GLN A 1336 -60.93 -33.92 16.93
CA GLN A 1336 -61.76 -34.93 17.56
C GLN A 1336 -62.82 -35.32 16.54
N GLN A 1337 -63.46 -36.48 16.71
CA GLN A 1337 -64.52 -36.92 15.79
C GLN A 1337 -65.75 -35.99 15.87
N GLY A 1338 -66.32 -35.66 14.70
CA GLY A 1338 -67.50 -34.79 14.58
C GLY A 1338 -67.35 -33.34 14.97
N GLU A 1339 -66.09 -32.90 15.14
CA GLU A 1339 -65.76 -31.54 15.60
C GLU A 1339 -64.89 -30.88 14.54
N ASN A 1340 -64.82 -29.54 14.54
CA ASN A 1340 -64.06 -28.79 13.54
C ASN A 1340 -62.56 -28.97 13.70
N PRO A 1341 -61.88 -29.47 12.66
CA PRO A 1341 -60.42 -29.62 12.72
C PRO A 1341 -59.69 -28.30 12.63
N ILE A 1342 -60.34 -27.25 12.14
CA ILE A 1342 -59.71 -25.94 12.01
C ILE A 1342 -59.62 -25.28 13.37
N ARG A 1343 -58.43 -24.86 13.74
CA ARG A 1343 -58.21 -24.21 15.02
C ARG A 1343 -57.48 -22.90 14.82
N THR A 1344 -57.90 -21.89 15.58
CA THR A 1344 -57.25 -20.60 15.63
C THR A 1344 -56.16 -20.67 16.64
N VAL A 1345 -54.94 -20.34 16.24
CA VAL A 1345 -53.78 -20.38 17.11
C VAL A 1345 -53.25 -18.98 17.39
N GLU A 1346 -53.09 -18.65 18.68
CA GLU A 1346 -52.39 -17.45 19.15
C GLU A 1346 -51.15 -17.82 19.96
N THR A 1347 -49.95 -17.58 19.42
CA THR A 1347 -48.67 -18.04 20.00
C THR A 1347 -47.77 -16.89 20.43
N SER A 1348 -46.84 -17.20 21.34
CA SER A 1348 -45.73 -16.29 21.67
C SER A 1348 -45.01 -15.78 20.42
N VAL A 1349 -44.77 -16.69 19.46
CA VAL A 1349 -44.28 -16.33 18.15
C VAL A 1349 -45.46 -15.81 17.32
N ASN A 1350 -45.65 -14.49 17.27
CA ASN A 1350 -46.82 -13.81 16.67
C ASN A 1350 -47.00 -14.00 15.19
N THR A 1351 -45.90 -14.15 14.47
CA THR A 1351 -45.96 -14.30 13.03
C THR A 1351 -46.72 -15.57 12.64
N ARG A 1352 -46.65 -16.58 13.51
CA ARG A 1352 -47.32 -17.85 13.27
C ARG A 1352 -48.81 -17.82 13.57
N ASN A 1353 -49.33 -16.74 14.14
CA ASN A 1353 -50.77 -16.64 14.41
C ASN A 1353 -51.59 -16.81 13.16
N GLY A 1354 -52.75 -17.46 13.28
CA GLY A 1354 -53.57 -17.80 12.12
C GLY A 1354 -54.47 -18.98 12.38
N ASN A 1355 -55.17 -19.44 11.34
CA ASN A 1355 -56.04 -20.60 11.41
C ASN A 1355 -55.40 -21.80 10.77
N TYR A 1356 -55.28 -22.87 11.56
CA TYR A 1356 -54.62 -24.09 11.11
C TYR A 1356 -55.58 -25.25 11.06
N TYR A 1357 -55.22 -26.29 10.31
CA TYR A 1357 -56.01 -27.51 10.22
C TYR A 1357 -55.21 -28.71 10.77
N PHE A 1358 -55.49 -29.14 11.99
CA PHE A 1358 -54.78 -30.30 12.57
C PHE A 1358 -55.58 -31.59 12.45
N MET A 1359 -54.90 -32.68 12.08
CA MET A 1359 -55.59 -33.94 11.84
C MET A 1359 -55.78 -34.70 13.15
N PRO A 1360 -56.44 -35.85 13.12
CA PRO A 1360 -56.66 -36.53 14.40
C PRO A 1360 -55.34 -36.97 15.07
N ASN A 1361 -54.30 -37.18 14.27
CA ASN A 1361 -52.98 -37.47 14.79
C ASN A 1361 -52.13 -36.22 14.97
N GLY A 1362 -52.73 -35.04 14.81
CA GLY A 1362 -52.08 -33.75 15.15
C GLY A 1362 -51.23 -33.14 14.08
N VAL A 1363 -51.13 -33.82 12.94
CA VAL A 1363 -50.37 -33.35 11.80
C VAL A 1363 -51.07 -32.12 11.23
N GLU A 1364 -50.28 -31.10 10.96
CA GLU A 1364 -50.79 -29.86 10.35
C GLU A 1364 -50.87 -30.03 8.83
N LEU A 1365 -52.01 -29.67 8.26
CA LEU A 1365 -52.21 -29.70 6.80
C LEU A 1365 -51.52 -28.49 6.19
N ARG A 1366 -50.79 -28.73 5.10
CA ARG A 1366 -49.98 -27.70 4.45
C ARG A 1366 -50.07 -27.80 2.94
N LYS A 1367 -50.35 -26.67 2.28
CA LYS A 1367 -50.35 -26.60 0.82
C LYS A 1367 -51.47 -27.49 0.27
N GLY A 1368 -52.66 -27.34 0.83
CA GLY A 1368 -53.77 -28.21 0.44
C GLY A 1368 -55.13 -27.85 1.01
N PHE A 1369 -56.16 -28.50 0.49
CA PHE A 1369 -57.51 -28.20 0.87
C PHE A 1369 -57.99 -29.05 2.04
N GLY A 1370 -58.79 -28.45 2.93
CA GLY A 1370 -59.25 -29.11 4.14
C GLY A 1370 -60.70 -28.87 4.38
N THR A 1371 -61.47 -29.94 4.53
CA THR A 1371 -62.92 -29.86 4.75
C THR A 1371 -63.19 -29.76 6.24
N ASP A 1372 -64.10 -28.86 6.63
CA ASP A 1372 -64.55 -28.75 8.01
C ASP A 1372 -65.66 -29.76 8.28
N ASN A 1373 -66.16 -29.79 9.51
CA ASN A 1373 -67.24 -30.73 9.90
C ASN A 1373 -68.55 -30.53 9.11
N SER A 1374 -68.77 -29.31 8.62
CA SER A 1374 -70.00 -28.95 7.94
C SER A 1374 -69.91 -29.03 6.39
N GLY A 1375 -68.79 -29.50 5.84
CA GLY A 1375 -68.69 -29.65 4.37
C GLY A 1375 -68.08 -28.48 3.60
N ASN A 1376 -67.75 -27.39 4.27
CA ASN A 1376 -67.06 -26.26 3.64
C ASN A 1376 -65.58 -26.53 3.40
N VAL A 1377 -65.06 -26.13 2.25
CA VAL A 1377 -63.67 -26.38 1.92
C VAL A 1377 -62.85 -25.11 2.09
N TYR A 1378 -61.69 -25.24 2.74
CA TYR A 1378 -60.74 -24.14 2.93
C TYR A 1378 -59.40 -24.57 2.36
N TYR A 1379 -58.48 -23.62 2.17
CA TYR A 1379 -57.12 -23.94 1.74
C TYR A 1379 -56.11 -23.43 2.74
N PHE A 1380 -55.01 -24.18 2.88
CA PHE A 1380 -53.97 -23.87 3.84
C PHE A 1380 -52.61 -23.82 3.14
N ASP A 1381 -51.84 -22.78 3.43
CA ASP A 1381 -50.63 -22.48 2.67
C ASP A 1381 -49.39 -23.32 3.06
N ASP A 1382 -48.26 -23.03 2.42
CA ASP A 1382 -46.98 -23.72 2.66
C ASP A 1382 -46.69 -23.94 4.14
N GLN A 1383 -47.07 -22.97 4.98
CA GLN A 1383 -46.78 -23.05 6.42
C GLN A 1383 -47.96 -23.39 7.31
N GLY A 1384 -49.05 -23.86 6.69
CA GLY A 1384 -50.23 -24.30 7.41
C GLY A 1384 -51.33 -23.29 7.65
N LYS A 1385 -51.07 -22.00 7.36
CA LYS A 1385 -52.06 -20.92 7.60
C LYS A 1385 -53.20 -20.96 6.58
N MET A 1386 -54.41 -20.65 7.03
CA MET A 1386 -55.56 -20.52 6.14
C MET A 1386 -55.35 -19.30 5.26
N VAL A 1387 -55.77 -19.40 4.02
CA VAL A 1387 -55.70 -18.30 3.07
C VAL A 1387 -57.11 -17.74 2.84
N ARG A 1388 -57.18 -16.41 2.80
CA ARG A 1388 -58.46 -15.68 2.69
C ARG A 1388 -58.42 -14.62 1.57
N ASP A 1389 -59.56 -14.46 0.89
CA ASP A 1389 -59.77 -13.34 -0.04
C ASP A 1389 -58.71 -13.26 -1.13
N LYS A 1390 -58.60 -14.32 -1.91
CA LYS A 1390 -57.77 -14.29 -3.13
C LYS A 1390 -58.02 -15.49 -4.03
N TYR A 1391 -57.61 -15.35 -5.28
CA TYR A 1391 -57.68 -16.44 -6.23
C TYR A 1391 -56.38 -17.22 -6.05
N ILE A 1392 -56.47 -18.52 -6.24
CA ILE A 1392 -55.36 -19.43 -6.02
C ILE A 1392 -55.22 -20.30 -7.27
N ASN A 1393 -54.00 -20.47 -7.77
CA ASN A 1393 -53.78 -21.31 -8.95
C ASN A 1393 -53.03 -22.61 -8.63
N ASP A 1394 -53.20 -23.55 -9.55
CA ASP A 1394 -52.78 -24.94 -9.44
C ASP A 1394 -51.81 -25.25 -10.62
N ASP A 1395 -50.88 -26.19 -10.44
CA ASP A 1395 -49.94 -26.61 -11.49
C ASP A 1395 -50.64 -27.11 -12.78
N ALA A 1396 -51.83 -27.72 -12.64
CA ALA A 1396 -52.59 -28.25 -13.77
C ALA A 1396 -53.52 -27.23 -14.37
N ASN A 1397 -53.41 -25.98 -13.93
CA ASN A 1397 -54.23 -24.87 -14.47
C ASN A 1397 -55.65 -24.80 -13.88
N ASN A 1398 -55.86 -25.43 -12.72
CA ASN A 1398 -57.11 -25.30 -11.98
C ASN A 1398 -57.10 -24.02 -11.16
N PHE A 1399 -58.19 -23.26 -11.22
CA PHE A 1399 -58.29 -22.03 -10.47
C PHE A 1399 -59.33 -22.16 -9.38
N TYR A 1400 -59.05 -21.61 -8.21
CA TYR A 1400 -60.03 -21.56 -7.11
C TYR A 1400 -60.04 -20.17 -6.49
N HIS A 1401 -61.14 -19.84 -5.83
CA HIS A 1401 -61.27 -18.57 -5.12
C HIS A 1401 -61.62 -18.83 -3.68
N LEU A 1402 -60.99 -18.06 -2.80
CA LEU A 1402 -61.28 -18.14 -1.40
C LEU A 1402 -61.90 -16.82 -0.95
N ASN A 1403 -63.10 -16.95 -0.37
CA ASN A 1403 -63.88 -15.82 0.12
C ASN A 1403 -63.14 -15.16 1.29
N VAL A 1404 -63.74 -14.10 1.82
CA VAL A 1404 -63.15 -13.39 2.98
C VAL A 1404 -63.21 -14.30 4.21
N ASP A 1405 -64.35 -14.96 4.40
CA ASP A 1405 -64.51 -15.87 5.54
C ASP A 1405 -63.70 -17.17 5.41
N GLY A 1406 -62.93 -17.32 4.33
CA GLY A 1406 -62.06 -18.47 4.12
C GLY A 1406 -62.62 -19.52 3.15
N THR A 1407 -63.94 -19.53 2.95
CA THR A 1407 -64.56 -20.61 2.18
C THR A 1407 -64.16 -20.52 0.72
N MET A 1408 -64.20 -21.66 0.06
CA MET A 1408 -63.86 -21.76 -1.36
C MET A 1408 -65.12 -21.76 -2.24
N SER A 1409 -65.32 -20.66 -2.97
CA SER A 1409 -66.39 -20.59 -3.95
C SER A 1409 -66.02 -21.45 -5.17
N ARG A 1410 -64.73 -21.39 -5.56
CA ARG A 1410 -64.18 -22.11 -6.74
C ARG A 1410 -64.94 -21.78 -8.03
N GLN B 234 16.27 42.32 -4.46
CA GLN B 234 16.25 40.83 -4.66
C GLN B 234 14.84 40.26 -4.43
N THR B 235 14.12 40.75 -3.43
CA THR B 235 12.82 40.16 -3.07
C THR B 235 11.68 41.18 -2.96
N TYR B 236 10.56 40.89 -3.62
CA TYR B 236 9.36 41.73 -3.58
C TYR B 236 8.16 40.87 -3.17
N TYR B 237 7.05 41.53 -2.83
CA TYR B 237 5.75 40.87 -2.63
C TYR B 237 4.65 41.64 -3.35
N PHE B 238 3.70 40.93 -3.96
CA PHE B 238 2.66 41.60 -4.74
C PHE B 238 1.23 41.43 -4.18
N ASP B 239 0.53 42.55 -4.05
CA ASP B 239 -0.72 42.64 -3.31
C ASP B 239 -1.92 43.12 -4.14
N GLY B 240 -1.69 43.53 -5.40
CA GLY B 240 -2.75 44.12 -6.21
C GLY B 240 -2.67 43.58 -7.62
N ASN B 241 -3.06 42.32 -7.77
CA ASN B 241 -2.96 41.61 -9.05
C ASN B 241 -1.53 41.61 -9.60
N GLY B 242 -0.55 41.32 -8.72
CA GLY B 242 0.87 41.25 -9.12
C GLY B 242 1.66 42.53 -8.90
N GLN B 243 0.99 43.57 -8.38
CA GLN B 243 1.66 44.87 -8.16
C GLN B 243 2.54 44.81 -6.87
N PRO B 244 3.67 45.55 -6.87
CA PRO B 244 4.60 45.52 -5.75
C PRO B 244 4.13 46.39 -4.60
N LEU B 245 4.58 46.12 -3.39
CA LEU B 245 4.21 46.94 -2.25
C LEU B 245 5.32 47.94 -1.91
N ILE B 246 5.10 49.20 -2.25
CA ILE B 246 6.05 50.27 -1.92
C ILE B 246 5.63 50.89 -0.59
N GLY B 247 5.88 50.18 0.50
CA GLY B 247 5.60 50.71 1.83
C GLY B 247 6.07 49.84 2.98
N LEU B 248 6.08 50.41 4.18
CA LEU B 248 6.25 49.63 5.39
C LEU B 248 4.92 48.95 5.61
N GLN B 249 4.91 47.64 5.50
CA GLN B 249 3.66 46.90 5.58
C GLN B 249 3.82 45.63 6.41
N THR B 250 2.72 45.21 7.04
CA THR B 250 2.73 44.01 7.86
C THR B 250 2.07 42.84 7.12
N ILE B 251 2.72 42.36 6.06
CA ILE B 251 2.29 41.14 5.37
C ILE B 251 2.44 40.00 6.37
N ASP B 252 1.39 39.17 6.52
CA ASP B 252 1.21 38.27 7.68
C ASP B 252 2.45 37.47 8.09
N GLY B 253 2.88 37.63 9.35
CA GLY B 253 4.09 37.00 9.90
C GLY B 253 5.34 37.86 10.08
N ASN B 254 5.27 39.10 9.60
CA ASN B 254 6.27 40.14 9.92
C ASN B 254 5.79 41.57 9.62
N LEU B 255 6.43 42.52 10.29
CA LEU B 255 6.39 43.91 9.89
C LEU B 255 7.60 44.14 8.99
N GLN B 256 7.36 44.43 7.72
CA GLN B 256 8.44 44.51 6.71
C GLN B 256 8.43 45.88 6.01
N TYR B 257 9.59 46.27 5.47
CA TYR B 257 9.72 47.54 4.72
C TYR B 257 10.16 47.28 3.28
N PHE B 258 9.45 47.91 2.34
CA PHE B 258 9.77 47.79 0.92
C PHE B 258 10.08 49.18 0.36
N ASN B 259 11.14 49.26 -0.44
CA ASN B 259 11.62 50.56 -0.93
C ASN B 259 10.72 51.24 -1.98
N GLN B 260 11.14 52.41 -2.43
CA GLN B 260 10.44 53.16 -3.50
C GLN B 260 10.27 52.32 -4.76
N GLN B 261 11.32 51.56 -5.08
CA GLN B 261 11.31 50.72 -6.25
C GLN B 261 10.68 49.38 -5.96
N GLY B 262 10.15 49.20 -4.74
CA GLY B 262 9.41 47.97 -4.39
C GLY B 262 10.16 46.75 -3.86
N VAL B 263 11.45 46.93 -3.54
CA VAL B 263 12.33 45.79 -3.13
C VAL B 263 12.61 45.76 -1.62
N GLN B 264 12.78 44.56 -1.03
CA GLN B 264 12.89 44.46 0.44
C GLN B 264 14.24 44.71 1.09
N ILE B 265 14.14 45.39 2.22
CA ILE B 265 15.29 45.77 2.98
C ILE B 265 15.60 44.65 3.94
N LYS B 266 16.85 44.21 3.90
CA LYS B 266 17.31 43.20 4.83
C LYS B 266 18.65 43.57 5.44
N GLY B 267 18.81 43.27 6.71
CA GLY B 267 20.05 43.51 7.38
C GLY B 267 20.36 45.00 7.40
N GLY B 268 19.36 45.82 7.71
CA GLY B 268 19.56 47.27 7.75
C GLY B 268 18.52 48.04 8.52
N PHE B 269 18.98 49.12 9.14
CA PHE B 269 18.08 50.07 9.77
C PHE B 269 17.43 50.89 8.68
N GLN B 270 16.11 51.05 8.73
CA GLN B 270 15.39 51.89 7.79
C GLN B 270 14.62 52.95 8.55
N ASP B 271 14.76 54.21 8.15
CA ASP B 271 13.98 55.27 8.77
C ASP B 271 12.65 55.41 8.05
N VAL B 272 11.64 54.71 8.54
CA VAL B 272 10.28 54.83 8.00
C VAL B 272 9.40 55.36 9.12
N ASN B 273 8.61 56.37 8.84
CA ASN B 273 7.96 57.21 9.86
C ASN B 273 9.03 57.92 10.70
N ASN B 274 8.77 58.10 11.98
CA ASN B 274 9.77 58.69 12.85
C ASN B 274 10.39 57.65 13.79
N LYS B 275 10.32 56.39 13.37
CA LYS B 275 10.97 55.29 14.04
C LYS B 275 12.12 54.76 13.17
N ARG B 276 13.30 54.53 13.75
CA ARG B 276 14.42 53.89 13.05
C ARG B 276 14.39 52.38 13.29
N ILE B 277 13.54 51.69 12.54
CA ILE B 277 13.40 50.24 12.69
C ILE B 277 14.60 49.50 12.11
N TYR B 278 14.84 48.26 12.55
CA TYR B 278 15.80 47.37 11.92
C TYR B 278 15.18 46.08 11.36
N PHE B 279 15.69 45.64 10.21
CA PHE B 279 15.14 44.45 9.57
C PHE B 279 16.19 43.36 9.43
N ALA B 280 15.80 42.12 9.71
CA ALA B 280 16.70 40.99 9.74
C ALA B 280 17.31 40.68 8.36
N PRO B 281 18.51 40.11 8.30
CA PRO B 281 19.22 39.83 7.03
C PRO B 281 18.50 38.93 5.97
N ASN B 282 17.89 37.83 6.40
CA ASN B 282 17.24 36.92 5.44
C ASN B 282 15.74 36.94 5.54
N THR B 283 15.20 36.97 6.75
CA THR B 283 13.74 37.04 6.90
C THR B 283 13.22 38.42 6.51
N GLY B 284 13.99 39.46 6.80
CA GLY B 284 13.56 40.83 6.48
C GLY B 284 12.33 41.24 7.28
N ASN B 285 12.31 40.79 8.54
CA ASN B 285 11.21 41.07 9.47
C ASN B 285 11.75 41.96 10.58
N ALA B 286 10.91 42.85 11.08
CA ALA B 286 11.35 43.79 12.12
C ALA B 286 11.78 43.08 13.40
N VAL B 287 12.91 43.51 13.95
CA VAL B 287 13.49 42.95 15.18
C VAL B 287 14.28 44.02 15.90
N ALA B 288 14.48 43.85 17.20
CA ALA B 288 15.28 44.79 17.96
C ALA B 288 16.76 44.68 17.59
N ASN B 289 17.45 45.82 17.62
CA ASN B 289 18.89 45.84 17.36
C ASN B 289 19.57 47.03 18.03
N THR B 290 20.89 46.91 18.17
CA THR B 290 21.68 47.93 18.84
C THR B 290 22.59 48.61 17.84
N GLU B 291 22.74 49.92 17.97
CA GLU B 291 23.52 50.72 17.06
C GLU B 291 24.42 51.63 17.88
N ILE B 292 25.53 52.07 17.30
CA ILE B 292 26.40 53.03 17.98
C ILE B 292 26.13 54.47 17.50
N ILE B 293 25.74 55.34 18.44
CA ILE B 293 25.57 56.76 18.17
C ILE B 293 26.63 57.47 19.02
N ASN B 294 27.40 58.35 18.39
CA ASN B 294 28.64 58.89 18.99
C ASN B 294 29.59 57.70 19.30
N GLY B 295 30.16 57.66 20.51
CA GLY B 295 30.98 56.49 20.91
C GLY B 295 30.21 55.53 21.77
N LYS B 296 28.88 55.63 21.76
CA LYS B 296 28.04 54.90 22.70
C LYS B 296 27.02 54.03 21.97
N LEU B 297 26.41 53.13 22.74
CA LEU B 297 25.38 52.24 22.24
C LEU B 297 23.95 52.62 22.71
N GLN B 298 23.01 52.46 21.77
CA GLN B 298 21.57 52.65 21.98
C GLN B 298 20.87 51.40 21.49
N GLY B 299 19.63 51.22 21.92
CA GLY B 299 18.86 50.05 21.52
C GLY B 299 17.56 50.47 20.87
N ARG B 300 17.15 49.71 19.87
CA ARG B 300 15.90 49.94 19.16
C ARG B 300 15.01 48.70 19.33
N ASP B 301 13.74 48.92 19.66
CA ASP B 301 12.84 47.78 19.85
C ASP B 301 12.37 47.24 18.48
N ALA B 302 11.37 46.37 18.49
CA ALA B 302 10.80 45.84 17.25
C ALA B 302 10.07 46.92 16.49
N ASN B 303 9.48 47.88 17.19
CA ASN B 303 8.77 48.99 16.55
C ASN B 303 9.67 50.09 16.00
N GLY B 304 10.96 50.03 16.31
CA GLY B 304 11.91 51.09 15.89
C GLY B 304 12.09 52.20 16.92
N ASN B 305 11.38 52.11 18.03
CA ASN B 305 11.58 53.05 19.13
C ASN B 305 12.85 52.71 19.91
N GLN B 306 13.52 53.77 20.39
CA GLN B 306 14.69 53.61 21.27
C GLN B 306 14.30 53.01 22.63
N VAL B 307 15.22 52.31 23.28
CA VAL B 307 14.90 51.70 24.57
C VAL B 307 15.58 52.40 25.75
N LYS B 308 14.79 52.64 26.80
CA LYS B 308 15.27 53.17 28.06
C LYS B 308 14.65 52.39 29.21
N ASN B 309 15.39 52.30 30.30
CA ASN B 309 14.95 51.61 31.52
C ASN B 309 14.45 50.21 31.20
N ALA B 310 15.20 49.49 30.40
CA ALA B 310 14.74 48.21 29.93
C ALA B 310 15.84 47.37 29.34
N PHE B 311 15.58 46.08 29.33
CA PHE B 311 16.47 45.13 28.71
C PHE B 311 16.17 45.10 27.24
N SER B 312 17.20 44.97 26.43
CA SER B 312 17.00 44.82 25.00
C SER B 312 18.09 44.02 24.34
N LYS B 313 17.74 43.45 23.20
CA LYS B 313 18.63 42.57 22.48
C LYS B 313 19.22 43.21 21.21
N ASP B 314 20.29 42.60 20.72
CA ASP B 314 20.80 42.89 19.39
C ASP B 314 20.61 41.66 18.51
N VAL B 315 20.61 41.89 17.21
CA VAL B 315 20.37 40.84 16.24
C VAL B 315 21.31 39.69 16.47
N ALA B 316 22.51 39.96 16.95
CA ALA B 316 23.45 38.88 17.28
C ALA B 316 22.90 37.92 18.34
N GLY B 317 22.14 38.46 19.31
CA GLY B 317 21.56 37.63 20.38
C GLY B 317 21.92 38.03 21.79
N ASN B 318 22.68 39.11 21.94
CA ASN B 318 23.04 39.66 23.23
C ASN B 318 21.94 40.50 23.84
N THR B 319 21.82 40.41 25.16
CA THR B 319 20.92 41.26 25.89
C THR B 319 21.72 42.33 26.62
N PHE B 320 21.20 43.55 26.58
CA PHE B 320 21.76 44.69 27.30
C PHE B 320 20.66 45.28 28.13
N TYR B 321 21.06 46.18 29.02
CA TYR B 321 20.12 46.98 29.75
C TYR B 321 20.44 48.44 29.47
N PHE B 322 19.43 49.23 29.11
CA PHE B 322 19.65 50.62 28.82
C PHE B 322 18.91 51.42 29.87
N ASP B 323 19.57 52.43 30.41
CA ASP B 323 19.00 53.22 31.52
C ASP B 323 18.00 54.29 31.06
N ALA B 324 17.49 55.06 32.03
CA ALA B 324 16.49 56.10 31.80
C ALA B 324 16.94 57.12 30.78
N ASN B 325 18.24 57.36 30.71
CA ASN B 325 18.83 58.22 29.68
C ASN B 325 19.21 57.45 28.41
N GLY B 326 18.79 56.20 28.32
CA GLY B 326 19.05 55.37 27.13
C GLY B 326 20.44 54.77 27.00
N VAL B 327 21.28 54.98 28.01
CA VAL B 327 22.67 54.57 27.96
C VAL B 327 22.83 53.14 28.46
N MET B 328 23.56 52.35 27.71
CA MET B 328 23.82 50.96 28.09
C MET B 328 24.55 50.88 29.41
N LEU B 329 24.11 50.01 30.30
CA LEU B 329 24.77 49.81 31.59
C LEU B 329 25.81 48.68 31.56
N THR B 330 26.71 48.74 32.51
CA THR B 330 27.76 47.75 32.68
C THR B 330 27.95 47.42 34.14
N GLY B 331 28.38 46.19 34.39
CA GLY B 331 28.66 45.71 35.75
C GLY B 331 27.49 45.14 36.52
N LEU B 332 27.68 45.04 37.81
CA LEU B 332 26.69 44.51 38.71
C LEU B 332 25.58 45.58 38.87
N GLN B 333 24.35 45.20 38.55
CA GLN B 333 23.22 46.13 38.61
C GLN B 333 22.06 45.53 39.34
N THR B 334 21.41 46.32 40.16
CA THR B 334 20.21 45.88 40.85
C THR B 334 19.04 46.60 40.22
N ILE B 335 18.22 45.85 39.49
CA ILE B 335 17.09 46.42 38.82
C ILE B 335 15.86 45.73 39.36
N SER B 336 14.87 46.54 39.77
CA SER B 336 13.56 46.04 40.24
C SER B 336 13.64 44.88 41.25
N GLY B 337 14.46 45.08 42.29
CA GLY B 337 14.58 44.12 43.40
C GLY B 337 15.39 42.88 43.11
N LYS B 338 16.08 42.87 41.97
CA LYS B 338 16.93 41.76 41.59
C LYS B 338 18.24 42.24 41.03
N THR B 339 19.25 41.37 41.14
CA THR B 339 20.60 41.68 40.74
C THR B 339 21.00 40.83 39.55
N TYR B 340 21.45 41.50 38.50
CA TYR B 340 21.89 40.90 37.25
C TYR B 340 23.34 41.31 37.08
N TYR B 341 24.12 40.53 36.35
CA TYR B 341 25.52 40.85 36.12
C TYR B 341 25.80 41.06 34.64
N LEU B 342 26.27 42.26 34.29
CA LEU B 342 26.58 42.62 32.90
C LEU B 342 28.08 42.74 32.75
N ASP B 343 28.64 42.22 31.68
CA ASP B 343 30.07 42.32 31.48
C ASP B 343 30.47 43.65 30.88
N GLU B 344 31.78 43.85 30.76
CA GLU B 344 32.33 45.12 30.28
C GLU B 344 31.70 45.62 28.98
N GLN B 345 31.25 44.69 28.15
CA GLN B 345 30.53 45.00 26.92
C GLN B 345 29.03 45.20 27.11
N GLY B 346 28.55 45.06 28.34
CA GLY B 346 27.14 45.23 28.65
C GLY B 346 26.30 43.99 28.39
N HIS B 347 26.94 42.87 28.04
CA HIS B 347 26.19 41.63 27.79
C HIS B 347 25.62 41.11 29.10
N LEU B 348 24.36 40.72 29.08
CA LEU B 348 23.73 40.07 30.24
C LEU B 348 24.26 38.68 30.27
N ARG B 349 24.73 38.27 31.44
CA ARG B 349 25.36 36.96 31.59
C ARG B 349 24.40 36.01 32.32
N LYS B 350 23.98 34.99 31.59
CA LYS B 350 23.11 33.98 32.11
C LYS B 350 23.93 32.71 32.30
N ASN B 351 23.48 31.89 33.25
CA ASN B 351 24.17 30.67 33.68
C ASN B 351 25.64 30.93 34.03
N TYR B 352 25.82 31.93 34.87
CA TYR B 352 27.14 32.45 35.21
C TYR B 352 27.28 32.41 36.72
N ALA B 353 28.27 31.68 37.21
CA ALA B 353 28.52 31.60 38.65
C ALA B 353 29.69 32.48 39.02
N GLY B 354 29.61 33.13 40.18
CA GLY B 354 30.76 33.82 40.71
C GLY B 354 30.57 34.44 42.08
N THR B 355 31.68 34.92 42.63
CA THR B 355 31.66 35.63 43.90
C THR B 355 31.75 37.12 43.62
N PHE B 356 30.73 37.85 44.04
CA PHE B 356 30.66 39.28 43.82
C PHE B 356 30.23 39.91 45.14
N ASN B 357 30.84 41.06 45.47
CA ASN B 357 30.74 41.66 46.82
C ASN B 357 30.89 40.61 47.97
N ASN B 358 32.00 39.86 47.87
CA ASN B 358 32.44 38.88 48.88
C ASN B 358 31.47 37.71 49.16
N GLN B 359 30.45 37.48 48.30
CA GLN B 359 29.54 36.35 48.42
C GLN B 359 29.34 35.67 47.10
N PHE B 360 29.11 34.35 47.15
CA PHE B 360 28.75 33.57 45.98
C PHE B 360 27.41 33.99 45.42
N MET B 361 27.28 34.00 44.09
CA MET B 361 26.02 34.28 43.43
C MET B 361 25.99 33.65 42.06
N TYR B 362 24.97 32.84 41.81
CA TYR B 362 24.75 32.18 40.51
C TYR B 362 23.68 32.95 39.75
N PHE B 363 24.00 33.35 38.52
CA PHE B 363 23.06 34.08 37.69
C PHE B 363 22.29 33.14 36.76
N ASP B 364 20.97 33.14 36.96
CA ASP B 364 19.99 32.24 36.35
C ASP B 364 20.18 31.99 34.87
N ALA B 365 19.94 30.76 34.43
CA ALA B 365 19.94 30.43 33.00
C ALA B 365 18.74 31.07 32.29
N ASP B 366 17.62 31.18 33.00
CA ASP B 366 16.37 31.72 32.45
C ASP B 366 16.44 33.23 32.22
N THR B 367 16.57 33.97 33.32
CA THR B 367 16.45 35.43 33.37
C THR B 367 17.77 36.21 33.65
N GLY B 368 18.79 35.48 34.10
CA GLY B 368 20.03 36.09 34.62
C GLY B 368 19.98 36.69 36.03
N ALA B 369 18.87 36.53 36.73
CA ALA B 369 18.72 37.10 38.07
C ALA B 369 19.53 36.31 39.05
N GLY B 370 20.20 37.00 39.98
CA GLY B 370 21.14 36.38 40.93
C GLY B 370 20.52 35.64 42.09
N LYS B 371 20.81 34.35 42.22
CA LYS B 371 20.31 33.54 43.32
C LYS B 371 21.48 33.35 44.25
N THR B 372 21.19 33.05 45.49
CA THR B 372 22.24 32.74 46.43
C THR B 372 22.77 31.30 46.27
N ALA B 373 21.99 30.40 45.68
CA ALA B 373 22.28 28.96 45.52
C ALA B 373 22.43 28.15 46.80
N ILE B 374 21.79 28.67 47.84
CA ILE B 374 21.82 28.09 49.16
C ILE B 374 20.74 27.02 49.20
N GLU B 375 19.65 27.28 48.51
CA GLU B 375 18.49 26.38 48.48
C GLU B 375 18.62 25.12 47.62
N TYR B 376 18.26 23.96 48.16
CA TYR B 376 18.43 22.69 47.44
C TYR B 376 17.40 22.54 46.32
N GLN B 377 17.89 22.22 45.14
CA GLN B 377 17.04 22.08 43.96
C GLN B 377 16.50 20.66 43.82
N PHE B 378 17.09 19.69 44.50
CA PHE B 378 16.54 18.33 44.48
C PHE B 378 15.22 18.40 45.22
N ASP B 379 14.24 17.66 44.72
CA ASP B 379 12.87 17.68 45.28
C ASP B 379 12.37 16.30 45.74
N GLN B 380 13.26 15.36 45.98
CA GLN B 380 12.86 14.00 46.36
C GLN B 380 13.49 13.64 47.70
N GLY B 381 12.66 13.56 48.74
CA GLY B 381 13.15 13.26 50.09
C GLY B 381 13.32 11.77 50.26
N LEU B 382 14.01 11.35 51.32
CA LEU B 382 14.25 9.93 51.48
C LEU B 382 12.92 9.27 51.71
N VAL B 383 12.62 8.26 50.91
CA VAL B 383 11.29 7.62 50.95
C VAL B 383 11.46 6.11 50.87
N SER B 384 10.79 5.39 51.75
CA SER B 384 10.84 3.94 51.77
C SER B 384 9.81 3.42 50.78
N GLN B 385 10.24 2.51 49.93
CA GLN B 385 9.38 2.00 48.87
C GLN B 385 8.60 0.75 49.29
N SER B 386 9.04 0.05 50.33
CA SER B 386 8.42 -1.21 50.69
C SER B 386 6.98 -1.02 51.14
N ASN B 387 6.13 -1.93 50.69
CA ASN B 387 4.74 -1.97 51.08
C ASN B 387 4.17 -3.40 50.95
N GLU B 388 2.84 -3.54 50.96
CA GLU B 388 2.23 -4.86 50.90
C GLU B 388 2.55 -5.64 49.61
N ASN B 389 2.75 -4.95 48.50
CA ASN B 389 3.00 -5.64 47.22
C ASN B 389 4.44 -6.15 47.06
N THR B 390 5.35 -5.62 47.88
CA THR B 390 6.77 -6.01 47.78
C THR B 390 7.01 -7.52 47.92
N PRO B 391 6.37 -8.16 48.92
CA PRO B 391 6.57 -9.63 49.07
C PRO B 391 6.10 -10.39 47.85
N HIS B 392 5.02 -9.92 47.25
CA HIS B 392 4.43 -10.57 46.08
C HIS B 392 5.28 -10.44 44.80
N ASN B 393 5.89 -9.26 44.61
CA ASN B 393 6.72 -9.01 43.42
C ASN B 393 8.19 -9.38 43.54
N ALA B 394 8.67 -9.68 44.74
CA ALA B 394 10.08 -10.06 44.91
C ALA B 394 10.42 -11.33 44.11
N ALA B 395 11.68 -11.44 43.75
CA ALA B 395 12.15 -12.59 43.00
C ALA B 395 11.96 -13.87 43.80
N LYS B 396 11.46 -14.90 43.12
CA LYS B 396 11.30 -16.24 43.70
C LYS B 396 12.65 -16.80 44.09
N SER B 397 13.66 -16.46 43.30
CA SER B 397 14.98 -17.05 43.42
C SER B 397 15.97 -16.02 42.89
N TYR B 398 17.20 -16.04 43.41
CA TYR B 398 18.25 -15.12 42.98
C TYR B 398 19.30 -15.86 42.12
N ASP B 399 18.88 -16.29 40.94
CA ASP B 399 19.72 -17.12 40.07
C ASP B 399 19.12 -17.21 38.65
N LYS B 400 19.79 -17.96 37.78
CA LYS B 400 19.39 -18.06 36.38
C LYS B 400 18.00 -18.65 36.14
N SER B 401 17.47 -19.40 37.10
CA SER B 401 16.10 -19.95 36.98
C SER B 401 15.08 -18.84 36.86
N SER B 402 15.13 -17.91 37.82
CA SER B 402 14.11 -16.88 37.99
C SER B 402 14.38 -15.59 37.22
N PHE B 403 15.54 -15.51 36.56
CA PHE B 403 15.93 -14.30 35.83
C PHE B 403 16.43 -14.59 34.43
N GLU B 404 15.80 -14.00 33.41
CA GLU B 404 16.34 -14.04 32.06
C GLU B 404 17.60 -13.17 32.02
N ASN B 405 18.67 -13.69 31.44
CA ASN B 405 19.99 -13.08 31.58
C ASN B 405 20.97 -13.45 30.48
N VAL B 406 22.08 -12.72 30.44
CA VAL B 406 23.21 -13.02 29.60
C VAL B 406 24.47 -13.05 30.48
N ASP B 407 25.15 -14.20 30.51
CA ASP B 407 26.33 -14.43 31.36
C ASP B 407 26.15 -13.94 32.80
N GLY B 408 24.94 -14.08 33.33
CA GLY B 408 24.62 -13.65 34.70
C GLY B 408 24.05 -12.24 34.81
N TYR B 409 24.37 -11.38 33.86
CA TYR B 409 23.93 -9.99 33.92
C TYR B 409 22.49 -9.86 33.46
N LEU B 410 21.83 -8.76 33.82
CA LEU B 410 20.43 -8.50 33.45
C LEU B 410 20.38 -7.43 32.36
N THR B 411 19.29 -7.41 31.59
CA THR B 411 19.12 -6.47 30.51
C THR B 411 17.80 -5.74 30.67
N ALA B 412 17.66 -4.61 29.97
CA ALA B 412 16.45 -3.82 30.06
C ALA B 412 15.19 -4.65 29.83
N ASP B 413 15.27 -5.60 28.91
CA ASP B 413 14.12 -6.44 28.57
C ASP B 413 14.17 -7.84 29.23
N THR B 414 14.94 -7.95 30.30
CA THR B 414 14.84 -9.08 31.19
C THR B 414 13.42 -9.21 31.74
N TRP B 415 12.93 -10.45 31.72
CA TRP B 415 11.76 -10.85 32.50
C TRP B 415 12.26 -11.74 33.64
N TYR B 416 11.55 -11.69 34.77
CA TYR B 416 11.90 -12.50 35.97
C TYR B 416 10.66 -13.20 36.53
N ARG B 417 10.88 -14.11 37.48
CA ARG B 417 9.79 -14.84 38.12
C ARG B 417 9.52 -14.21 39.48
N PRO B 418 8.41 -13.44 39.62
CA PRO B 418 8.08 -12.92 40.95
C PRO B 418 7.57 -14.03 41.88
N THR B 419 7.73 -13.85 43.19
CA THR B 419 7.27 -14.83 44.17
C THR B 419 5.79 -15.15 43.95
N ASP B 420 4.95 -14.12 43.87
CA ASP B 420 3.52 -14.25 43.60
C ASP B 420 3.13 -13.41 42.37
N ILE B 421 1.97 -13.74 41.81
CA ILE B 421 1.41 -13.11 40.60
C ILE B 421 -0.01 -12.67 40.88
N LEU B 422 -0.32 -11.41 40.57
CA LEU B 422 -1.67 -10.87 40.77
C LEU B 422 -2.55 -11.29 39.60
N LYS B 423 -2.92 -12.56 39.57
CA LYS B 423 -3.70 -13.10 38.44
C LYS B 423 -4.97 -12.30 38.28
N ASN B 424 -5.15 -11.76 37.06
CA ASN B 424 -6.35 -11.01 36.65
C ASN B 424 -6.65 -9.69 37.40
N GLY B 425 -5.66 -9.19 38.15
CA GLY B 425 -5.79 -7.96 38.91
C GLY B 425 -6.56 -8.02 40.21
N ASP B 426 -6.74 -9.22 40.77
CA ASP B 426 -7.48 -9.33 42.04
C ASP B 426 -6.93 -10.31 43.09
N THR B 427 -6.12 -11.30 42.70
CA THR B 427 -5.61 -12.28 43.67
C THR B 427 -4.14 -12.67 43.43
N TRP B 428 -3.40 -12.78 44.51
CA TRP B 428 -2.03 -13.27 44.45
C TRP B 428 -1.98 -14.80 44.51
N THR B 429 -1.38 -15.39 43.48
CA THR B 429 -1.24 -16.84 43.42
C THR B 429 0.20 -17.19 43.14
N ALA B 430 0.71 -18.18 43.86
CA ALA B 430 2.12 -18.57 43.75
C ALA B 430 2.49 -18.83 42.30
N SER B 431 3.65 -18.37 41.87
CA SER B 431 4.02 -18.49 40.47
C SER B 431 4.55 -19.88 40.12
N THR B 432 4.38 -20.24 38.86
CA THR B 432 4.95 -21.46 38.28
C THR B 432 6.26 -21.12 37.56
N GLU B 433 6.96 -22.13 37.05
CA GLU B 433 8.21 -21.88 36.32
C GLU B 433 7.95 -21.01 35.10
N THR B 434 6.80 -21.20 34.44
CA THR B 434 6.46 -20.45 33.22
C THR B 434 5.99 -19.02 33.50
N ASP B 435 5.66 -18.70 34.74
CA ASP B 435 5.17 -17.36 35.06
C ASP B 435 6.32 -16.36 35.12
N MET B 436 6.61 -15.74 33.99
CA MET B 436 7.69 -14.77 33.89
C MET B 436 7.14 -13.40 33.57
N ARG B 437 7.63 -12.41 34.30
CA ARG B 437 7.14 -11.06 34.13
C ARG B 437 8.31 -10.15 33.80
N PRO B 438 8.05 -9.10 33.00
CA PRO B 438 9.11 -8.09 32.73
C PRO B 438 9.56 -7.37 33.99
N LEU B 439 10.88 -7.20 34.11
CA LEU B 439 11.49 -6.50 35.23
C LEU B 439 10.97 -5.06 35.37
N LEU B 440 10.73 -4.40 34.24
CA LEU B 440 10.24 -3.03 34.22
C LEU B 440 8.79 -2.82 34.75
N MET B 441 8.09 -3.93 35.07
CA MET B 441 6.78 -3.89 35.75
C MET B 441 6.91 -3.61 37.24
N THR B 442 8.11 -3.83 37.77
CA THR B 442 8.39 -3.73 39.20
C THR B 442 9.61 -2.86 39.57
N TRP B 443 10.60 -2.72 38.68
CA TRP B 443 11.84 -2.00 38.98
C TRP B 443 12.25 -1.13 37.81
N TRP B 444 12.83 0.03 38.10
CA TRP B 444 13.36 0.95 37.08
C TRP B 444 14.73 1.47 37.51
N PRO B 445 15.60 1.81 36.55
CA PRO B 445 16.96 2.28 36.89
C PRO B 445 16.98 3.66 37.52
N ASP B 446 15.95 4.46 37.24
CA ASP B 446 15.87 5.86 37.68
C ASP B 446 14.46 6.40 37.46
N LYS B 447 14.18 7.58 38.02
CA LYS B 447 12.81 8.11 37.94
C LYS B 447 12.41 8.45 36.50
N GLN B 448 13.34 8.99 35.72
CA GLN B 448 13.05 9.38 34.33
C GLN B 448 12.54 8.18 33.56
N THR B 449 13.25 7.06 33.66
CA THR B 449 12.82 5.84 33.01
C THR B 449 11.50 5.36 33.56
N GLN B 450 11.34 5.41 34.88
CA GLN B 450 10.07 5.02 35.49
C GLN B 450 8.95 5.86 34.94
N ALA B 451 9.13 7.18 34.87
CA ALA B 451 8.07 8.09 34.40
C ALA B 451 7.79 7.82 32.92
N ASN B 452 8.80 7.48 32.14
CA ASN B 452 8.61 7.19 30.72
C ASN B 452 7.88 5.90 30.50
N TYR B 453 8.28 4.86 31.21
CA TYR B 453 7.59 3.56 31.13
C TYR B 453 6.10 3.73 31.37
N LEU B 454 5.74 4.47 32.41
CA LEU B 454 4.35 4.67 32.76
C LEU B 454 3.62 5.32 31.63
N ASN B 455 4.23 6.33 31.01
CA ASN B 455 3.59 7.06 29.90
C ASN B 455 3.38 6.19 28.68
N PHE B 456 4.37 5.36 28.35
CA PHE B 456 4.28 4.47 27.20
C PHE B 456 3.18 3.42 27.32
N MET B 457 3.07 2.79 28.49
CA MET B 457 2.00 1.81 28.73
C MET B 457 0.60 2.42 28.75
N SER B 458 0.45 3.60 29.34
CA SER B 458 -0.84 4.33 29.31
C SER B 458 -1.33 4.59 27.88
N SER B 459 -0.41 4.93 26.99
CA SER B 459 -0.73 5.25 25.59
C SER B 459 -1.42 4.05 24.89
N LYS B 460 -1.08 2.85 25.34
CA LYS B 460 -1.61 1.63 24.75
C LYS B 460 -2.94 1.18 25.39
N GLY B 461 -3.72 2.13 25.92
CA GLY B 461 -5.05 1.87 26.46
C GLY B 461 -5.06 1.44 27.91
N LEU B 462 -3.87 1.39 28.53
CA LEU B 462 -3.72 0.98 29.94
C LEU B 462 -3.87 2.17 30.86
N THR B 465 -2.70 9.33 27.66
CA THR B 465 -1.36 9.18 28.20
C THR B 465 -1.22 9.79 29.63
N THR B 466 -0.31 9.24 30.41
CA THR B 466 -0.09 9.64 31.79
C THR B 466 0.48 11.07 31.91
N THR B 467 1.45 11.41 31.06
CA THR B 467 2.27 12.63 31.16
C THR B 467 3.03 12.83 32.50
N TYR B 468 3.55 11.76 33.07
CA TYR B 468 4.46 11.86 34.22
C TYR B 468 5.85 12.36 33.81
N THR B 469 6.62 12.82 34.80
CA THR B 469 8.01 13.24 34.58
C THR B 469 8.93 12.75 35.69
N ALA B 470 10.23 12.92 35.49
CA ALA B 470 11.22 12.61 36.52
C ALA B 470 10.99 13.42 37.79
N ALA B 471 10.44 14.62 37.66
CA ALA B 471 10.09 15.46 38.81
C ALA B 471 8.95 14.94 39.66
N THR B 472 8.10 14.11 39.07
CA THR B 472 6.99 13.49 39.79
C THR B 472 7.55 12.70 40.97
N SER B 473 6.81 12.67 42.07
CA SER B 473 7.30 12.05 43.29
C SER B 473 7.38 10.54 43.12
N GLN B 474 8.29 9.91 43.86
CA GLN B 474 8.51 8.47 43.75
C GLN B 474 7.27 7.71 44.18
N LYS B 475 6.58 8.19 45.20
CA LYS B 475 5.34 7.57 45.67
C LYS B 475 4.30 7.52 44.56
N THR B 476 4.09 8.66 43.90
CA THR B 476 3.11 8.75 42.84
C THR B 476 3.44 7.81 41.70
N LEU B 477 4.70 7.75 41.31
CA LEU B 477 5.14 6.90 40.21
C LEU B 477 4.90 5.45 40.53
N ASN B 478 5.23 5.04 41.75
CA ASN B 478 5.02 3.66 42.18
C ASN B 478 3.54 3.28 42.24
N ASP B 479 2.70 4.20 42.71
CA ASP B 479 1.26 3.97 42.69
C ASP B 479 0.76 3.79 41.26
N ALA B 480 1.25 4.63 40.36
CA ALA B 480 0.87 4.56 38.97
C ALA B 480 1.38 3.26 38.34
N ALA B 481 2.55 2.80 38.77
CA ALA B 481 3.12 1.55 38.28
C ALA B 481 2.24 0.37 38.64
N PHE B 482 1.67 0.39 39.83
CA PHE B 482 0.83 -0.72 40.25
C PHE B 482 -0.48 -0.75 39.46
N VAL B 483 -1.06 0.41 39.16
CA VAL B 483 -2.29 0.40 38.34
C VAL B 483 -2.02 -0.19 36.95
N ILE B 484 -0.84 0.12 36.41
CA ILE B 484 -0.43 -0.46 35.14
C ILE B 484 -0.23 -1.96 35.29
N GLN B 485 0.32 -2.40 36.43
CA GLN B 485 0.52 -3.82 36.65
C GLN B 485 -0.82 -4.54 36.64
N THR B 486 -1.80 -3.95 37.32
CA THR B 486 -3.15 -4.49 37.37
C THR B 486 -3.72 -4.64 35.95
N ALA B 487 -3.61 -3.56 35.18
CA ALA B 487 -4.07 -3.57 33.78
C ALA B 487 -3.37 -4.65 32.95
N ILE B 488 -2.06 -4.80 33.18
CA ILE B 488 -1.28 -5.81 32.47
C ILE B 488 -1.81 -7.21 32.75
N GLU B 489 -2.10 -7.49 34.03
CA GLU B 489 -2.59 -8.79 34.41
C GLU B 489 -3.97 -9.02 33.80
N GLN B 490 -4.80 -7.98 33.75
CA GLN B 490 -6.13 -8.09 33.15
C GLN B 490 -6.04 -8.35 31.65
N GLN B 491 -5.13 -7.68 30.98
CA GLN B 491 -5.00 -7.85 29.54
C GLN B 491 -4.41 -9.21 29.21
N ILE B 492 -3.47 -9.67 30.04
CA ILE B 492 -2.91 -11.01 29.89
C ILE B 492 -4.03 -12.03 29.94
N SER B 493 -4.85 -11.94 30.98
CA SER B 493 -5.92 -12.90 31.18
C SER B 493 -6.89 -12.89 30.00
N LEU B 494 -7.28 -11.70 29.54
CA LEU B 494 -8.19 -11.59 28.42
C LEU B 494 -7.59 -12.21 27.18
N LYS B 495 -6.33 -11.86 26.90
CA LYS B 495 -5.64 -12.41 25.75
C LYS B 495 -5.17 -13.85 25.98
N LYS B 496 -4.88 -14.20 27.23
CA LYS B 496 -4.32 -15.52 27.59
C LYS B 496 -2.94 -15.76 26.96
N SER B 497 -2.19 -14.68 26.77
CA SER B 497 -0.86 -14.71 26.18
C SER B 497 -0.02 -13.58 26.79
N THR B 498 1.30 -13.73 26.80
CA THR B 498 2.18 -12.64 27.24
C THR B 498 2.94 -12.04 26.07
N GLU B 499 2.60 -12.40 24.83
CA GLU B 499 3.34 -11.92 23.66
C GLU B 499 3.11 -10.44 23.40
N TRP B 500 1.88 -9.98 23.60
CA TRP B 500 1.59 -8.56 23.47
C TRP B 500 2.57 -7.73 24.33
N LEU B 501 2.87 -8.22 25.53
CA LEU B 501 3.74 -7.56 26.47
C LEU B 501 5.19 -7.59 26.01
N ARG B 502 5.64 -8.74 25.49
CA ARG B 502 7.01 -8.87 24.96
C ARG B 502 7.27 -7.79 23.92
N ASP B 503 6.32 -7.64 22.99
CA ASP B 503 6.44 -6.66 21.93
C ASP B 503 6.36 -5.25 22.51
N ALA B 504 5.50 -5.05 23.51
CA ALA B 504 5.36 -3.74 24.17
C ALA B 504 6.66 -3.34 24.90
N ILE B 505 7.23 -4.27 25.67
CA ILE B 505 8.47 -4.00 26.37
C ILE B 505 9.61 -3.77 25.36
N ASP B 506 9.69 -4.59 24.32
CA ASP B 506 10.75 -4.43 23.29
C ASP B 506 10.72 -3.07 22.67
N SER B 507 9.51 -2.62 22.30
CA SER B 507 9.31 -1.30 21.70
C SER B 507 9.64 -0.15 22.63
N PHE B 508 9.18 -0.24 23.89
CA PHE B 508 9.46 0.79 24.88
C PHE B 508 10.95 0.93 25.13
N VAL B 509 11.65 -0.20 25.19
CA VAL B 509 13.08 -0.20 25.50
C VAL B 509 13.90 0.55 24.47
N LYS B 510 13.52 0.42 23.20
CA LYS B 510 14.26 1.06 22.12
C LYS B 510 14.15 2.56 22.15
N THR B 511 13.03 3.07 22.66
CA THR B 511 12.83 4.53 22.78
C THR B 511 13.82 5.22 23.75
N GLN B 512 14.33 4.51 24.74
CA GLN B 512 15.22 5.13 25.73
C GLN B 512 16.65 5.25 25.22
N ALA B 513 17.26 6.43 25.38
CA ALA B 513 18.62 6.72 24.89
C ALA B 513 19.68 5.77 25.40
N ASN B 514 19.61 5.41 26.67
CA ASN B 514 20.53 4.43 27.25
C ASN B 514 20.35 3.00 26.69
N TRP B 515 19.21 2.72 26.08
CA TRP B 515 18.96 1.42 25.47
C TRP B 515 18.83 1.51 23.93
N ASN B 516 19.46 2.53 23.35
CA ASN B 516 19.49 2.67 21.92
C ASN B 516 20.83 3.26 21.42
N LYS B 517 20.92 3.47 20.10
CA LYS B 517 22.18 3.89 19.47
C LYS B 517 22.57 5.33 19.80
N GLN B 518 21.61 6.10 20.32
CA GLN B 518 21.86 7.48 20.72
C GLN B 518 22.98 7.54 21.69
N THR B 519 23.12 6.51 22.49
CA THR B 519 24.25 6.42 23.39
C THR B 519 25.39 5.63 22.80
N GLU B 520 25.33 5.32 21.51
CA GLU B 520 26.43 4.57 20.84
C GLU B 520 27.32 5.41 19.92
N ASP B 521 27.01 6.70 19.84
CA ASP B 521 27.80 7.61 19.03
C ASP B 521 28.00 7.15 17.59
N GLU B 522 26.89 6.85 16.91
CA GLU B 522 26.91 6.57 15.48
C GLU B 522 27.73 7.64 14.73
N ALA B 523 28.66 7.18 13.89
CA ALA B 523 29.49 8.05 13.04
C ALA B 523 29.73 7.36 11.70
N PHE B 524 29.97 8.15 10.65
CA PHE B 524 30.16 7.59 9.30
C PHE B 524 31.49 8.01 8.64
N ASP B 525 32.48 8.38 9.43
CA ASP B 525 33.82 8.68 8.91
C ASP B 525 34.50 7.41 8.48
N GLY B 526 35.09 7.42 7.28
CA GLY B 526 35.88 6.30 6.83
C GLY B 526 35.00 5.08 6.68
N LEU B 527 35.50 3.93 7.12
CA LEU B 527 34.79 2.65 6.99
C LEU B 527 33.58 2.51 7.89
N GLN B 528 33.45 3.41 8.84
CA GLN B 528 32.25 3.51 9.64
C GLN B 528 31.03 3.79 8.74
N TRP B 529 31.28 4.34 7.56
CA TRP B 529 30.26 4.58 6.55
C TRP B 529 29.38 3.37 6.30
N LEU B 530 29.94 2.17 6.43
CA LEU B 530 29.24 0.96 6.04
C LEU B 530 28.15 0.61 6.99
N GLN B 531 28.47 0.61 8.29
CA GLN B 531 27.51 0.15 9.30
C GLN B 531 27.27 1.05 10.52
N GLY B 532 27.92 2.19 10.55
CA GLY B 532 27.60 3.20 11.53
C GLY B 532 28.51 3.30 12.74
N GLY B 533 29.50 2.41 12.85
CA GLY B 533 30.51 2.54 13.91
C GLY B 533 30.92 1.23 14.55
N PHE B 534 32.07 1.22 15.21
CA PHE B 534 32.63 -0.01 15.78
C PHE B 534 32.91 0.06 17.28
N LEU B 535 32.85 -1.12 17.89
CA LEU B 535 33.20 -1.32 19.30
C LEU B 535 34.35 -2.29 19.36
N ALA B 536 35.40 -1.95 20.09
CA ALA B 536 36.50 -2.89 20.31
C ALA B 536 36.32 -3.61 21.64
N TYR B 537 36.35 -4.93 21.61
CA TYR B 537 36.20 -5.70 22.83
C TYR B 537 37.48 -5.62 23.67
N GLN B 538 37.31 -5.67 24.99
CA GLN B 538 38.45 -5.54 25.90
C GLN B 538 38.69 -6.80 26.72
N ASP B 539 39.95 -6.98 27.12
CA ASP B 539 40.35 -8.07 28.04
C ASP B 539 40.08 -7.63 29.48
N ASP B 540 39.03 -8.16 30.09
CA ASP B 540 38.54 -7.70 31.40
C ASP B 540 38.14 -8.93 32.21
N SER B 541 39.15 -9.57 32.79
CA SER B 541 38.98 -10.79 33.55
C SER B 541 38.09 -10.69 34.81
N HIS B 542 37.96 -9.50 35.40
CA HIS B 542 37.10 -9.36 36.57
C HIS B 542 35.61 -9.48 36.24
N ARG B 543 35.16 -8.76 35.20
CA ARG B 543 33.72 -8.66 34.89
C ARG B 543 33.24 -9.60 33.79
N THR B 544 34.13 -9.94 32.87
CA THR B 544 33.71 -10.60 31.64
C THR B 544 34.80 -11.58 31.16
N PRO B 545 35.15 -12.54 32.02
CA PRO B 545 36.30 -13.41 31.75
C PRO B 545 36.13 -14.34 30.54
N ASN B 546 34.89 -14.72 30.21
CA ASN B 546 34.65 -15.60 29.05
C ASN B 546 35.10 -14.95 27.75
N THR B 547 35.09 -13.63 27.79
CA THR B 547 35.34 -12.78 26.64
C THR B 547 36.82 -12.35 26.52
N ASP B 548 37.68 -12.79 27.45
CA ASP B 548 39.08 -12.39 27.47
C ASP B 548 39.97 -13.16 26.49
N SER B 549 40.80 -12.43 25.75
CA SER B 549 41.60 -13.00 24.67
C SER B 549 43.00 -13.42 25.04
N GLY B 550 43.41 -13.17 26.28
CA GLY B 550 44.74 -13.55 26.71
C GLY B 550 45.82 -12.71 26.05
N ASN B 551 45.60 -11.40 26.00
CA ASN B 551 46.56 -10.45 25.43
C ASN B 551 46.86 -10.68 23.94
N ASN B 552 45.80 -10.95 23.19
CA ASN B 552 45.88 -11.34 21.80
C ASN B 552 45.06 -10.54 20.83
N ARG B 553 45.02 -9.22 20.95
CA ARG B 553 44.20 -8.49 19.98
C ARG B 553 44.98 -7.40 19.34
N LYS B 554 46.01 -7.77 18.56
CA LYS B 554 46.81 -6.79 17.87
C LYS B 554 46.02 -6.28 16.67
N LEU B 555 45.72 -4.98 16.69
CA LEU B 555 44.89 -4.38 15.68
C LEU B 555 45.75 -3.70 14.61
N GLY B 556 45.28 -3.77 13.36
CA GLY B 556 45.84 -2.98 12.29
C GLY B 556 47.20 -3.48 11.88
N ARG B 557 47.44 -4.78 12.03
CA ARG B 557 48.71 -5.37 11.59
C ARG B 557 48.72 -5.68 10.09
N GLN B 558 48.55 -4.64 9.28
CA GLN B 558 48.50 -4.78 7.84
C GLN B 558 49.93 -4.97 7.30
N PRO B 559 50.08 -5.21 6.00
CA PRO B 559 51.42 -5.49 5.51
C PRO B 559 52.45 -4.41 5.87
N ILE B 560 52.03 -3.14 5.85
CA ILE B 560 52.93 -2.06 6.23
C ILE B 560 53.02 -1.85 7.75
N ASN B 561 52.12 -2.45 8.53
CA ASN B 561 52.17 -2.32 9.98
C ASN B 561 52.12 -3.67 10.66
N ILE B 562 52.71 -4.66 10.01
CA ILE B 562 52.64 -6.02 10.52
C ILE B 562 53.24 -6.13 11.95
N ASP B 563 54.22 -5.28 12.25
CA ASP B 563 54.87 -5.30 13.57
C ASP B 563 54.40 -4.22 14.56
N GLY B 564 53.33 -3.53 14.23
CA GLY B 564 52.84 -2.46 15.07
C GLY B 564 53.63 -1.17 15.06
N SER B 565 54.70 -1.09 14.27
CA SER B 565 55.60 0.09 14.29
C SER B 565 54.97 1.38 13.79
N LYS B 566 53.81 1.29 13.16
CA LYS B 566 53.05 2.47 12.74
C LYS B 566 51.72 2.63 13.47
N ASP B 567 51.57 2.05 14.67
CA ASP B 567 50.30 2.11 15.42
C ASP B 567 49.79 3.51 15.72
N THR B 568 50.69 4.47 15.89
CA THR B 568 50.30 5.84 16.29
C THR B 568 50.02 6.77 15.10
N THR B 569 50.19 6.26 13.88
CA THR B 569 49.95 7.02 12.66
C THR B 569 48.78 6.43 11.87
N ASP B 570 48.46 7.06 10.73
CA ASP B 570 47.42 6.56 9.84
C ASP B 570 47.85 5.28 9.09
N GLY B 571 49.13 4.93 9.18
CA GLY B 571 49.63 3.64 8.70
C GLY B 571 49.20 2.44 9.53
N LYS B 572 48.55 2.65 10.68
CA LYS B 572 47.91 1.54 11.36
C LYS B 572 46.73 1.12 10.52
N GLY B 573 46.56 -0.17 10.39
CA GLY B 573 45.52 -0.74 9.54
C GLY B 573 44.14 -0.54 10.10
N SER B 574 43.19 -0.40 9.19
CA SER B 574 41.81 -0.29 9.54
C SER B 574 41.30 -1.71 9.77
N GLU B 575 41.49 -2.20 11.00
CA GLU B 575 41.16 -3.55 11.37
C GLU B 575 39.67 -3.83 11.28
N PHE B 576 38.87 -2.80 11.55
CA PHE B 576 37.45 -2.98 11.54
C PHE B 576 36.88 -2.57 10.22
N LEU B 577 36.08 -3.45 9.64
CA LEU B 577 35.49 -3.25 8.33
C LEU B 577 34.00 -3.52 8.41
N LEU B 578 33.65 -4.78 8.64
CA LEU B 578 32.26 -5.17 8.68
C LEU B 578 32.03 -6.25 9.73
N ALA B 579 30.84 -6.21 10.29
CA ALA B 579 30.34 -7.22 11.21
C ALA B 579 31.24 -7.53 12.42
N ASN B 580 31.43 -8.79 12.74
CA ASN B 580 32.31 -9.20 13.81
C ASN B 580 33.70 -9.38 13.30
N ASP B 581 34.64 -8.54 13.74
CA ASP B 581 35.99 -8.61 13.20
C ASP B 581 36.72 -9.73 13.93
N ILE B 582 37.06 -10.76 13.16
CA ILE B 582 37.76 -11.91 13.69
C ILE B 582 39.16 -11.50 14.11
N ASP B 583 39.57 -11.97 15.27
CA ASP B 583 40.91 -11.69 15.79
C ASP B 583 41.93 -12.64 15.13
N ASN B 584 42.36 -12.26 13.94
CA ASN B 584 43.42 -12.98 13.24
C ASN B 584 44.85 -12.81 13.80
N SER B 585 45.02 -12.04 14.88
CA SER B 585 46.32 -11.95 15.56
C SER B 585 46.53 -13.05 16.59
N ASN B 586 45.46 -13.79 16.91
CA ASN B 586 45.51 -14.89 17.85
C ASN B 586 45.98 -16.20 17.17
N PRO B 587 47.12 -16.77 17.62
CA PRO B 587 47.63 -18.01 17.04
C PRO B 587 46.58 -19.12 16.88
N ILE B 588 45.68 -19.27 17.85
CA ILE B 588 44.61 -20.27 17.76
C ILE B 588 43.69 -19.99 16.56
N VAL B 589 43.35 -18.72 16.35
CA VAL B 589 42.49 -18.33 15.23
C VAL B 589 43.24 -18.46 13.90
N GLN B 590 44.53 -18.15 13.91
CA GLN B 590 45.37 -18.35 12.74
C GLN B 590 45.40 -19.80 12.29
N ALA B 591 45.48 -20.73 13.24
CA ALA B 591 45.45 -22.16 12.94
C ALA B 591 44.12 -22.53 12.30
N GLU B 592 43.04 -21.96 12.82
CA GLU B 592 41.70 -22.24 12.29
C GLU B 592 41.57 -21.73 10.86
N GLN B 593 42.20 -20.60 10.60
CA GLN B 593 42.19 -19.99 9.29
C GLN B 593 42.91 -20.88 8.27
N LEU B 594 43.96 -21.57 8.72
CA LEU B 594 44.64 -22.59 7.91
C LEU B 594 43.80 -23.87 7.68
N ASN B 595 43.07 -24.29 8.72
CA ASN B 595 42.16 -25.40 8.60
C ASN B 595 41.13 -25.12 7.52
N TRP B 596 40.55 -23.94 7.56
CA TRP B 596 39.57 -23.52 6.57
C TRP B 596 40.18 -23.51 5.19
N LEU B 597 41.40 -22.99 5.10
CA LEU B 597 42.14 -22.95 3.84
C LEU B 597 42.38 -24.32 3.28
N HIS B 598 42.74 -25.27 4.15
CA HIS B 598 42.92 -26.64 3.72
C HIS B 598 41.62 -27.20 3.19
N TYR B 599 40.56 -26.93 3.94
CA TYR B 599 39.22 -27.40 3.59
C TYR B 599 38.81 -26.94 2.19
N LEU B 600 39.16 -25.71 1.83
CA LEU B 600 38.79 -25.17 0.52
C LEU B 600 39.64 -25.79 -0.60
N MET B 601 40.94 -25.92 -0.35
CA MET B 601 41.86 -26.49 -1.36
C MET B 601 41.68 -27.99 -1.50
N ASN B 602 41.00 -28.62 -0.54
CA ASN B 602 40.62 -30.02 -0.66
C ASN B 602 39.11 -30.18 -0.56
N PHE B 603 38.35 -29.19 -1.03
CA PHE B 603 36.89 -29.26 -0.85
C PHE B 603 36.29 -30.53 -1.44
N GLY B 604 36.63 -30.82 -2.69
CA GLY B 604 36.10 -31.99 -3.39
C GLY B 604 36.46 -33.32 -2.74
N SER B 605 37.69 -33.48 -2.30
CA SER B 605 38.12 -34.71 -1.66
C SER B 605 37.34 -35.01 -0.37
N ILE B 606 37.14 -33.98 0.44
CA ILE B 606 36.53 -34.11 1.76
C ILE B 606 35.02 -34.26 1.69
N THR B 607 34.38 -33.43 0.87
CA THR B 607 32.92 -33.34 0.85
C THR B 607 32.29 -34.38 -0.10
N GLY B 608 32.98 -34.75 -1.19
CA GLY B 608 32.41 -35.68 -2.17
C GLY B 608 33.29 -36.87 -2.59
N ASN B 609 34.41 -37.10 -1.92
CA ASN B 609 35.41 -38.10 -2.37
C ASN B 609 35.76 -37.94 -3.86
N ASN B 610 36.00 -36.70 -4.31
CA ASN B 610 36.29 -36.37 -5.70
C ASN B 610 37.56 -35.50 -5.80
N ASP B 611 38.70 -36.10 -6.13
CA ASP B 611 39.96 -35.37 -6.23
C ASP B 611 40.03 -34.40 -7.40
N ASN B 612 39.02 -34.37 -8.25
CA ASN B 612 38.97 -33.39 -9.34
C ASN B 612 37.99 -32.24 -9.10
N ALA B 613 37.42 -32.16 -7.89
CA ALA B 613 36.49 -31.11 -7.55
C ALA B 613 37.07 -30.18 -6.48
N ASN B 614 38.38 -29.93 -6.55
CA ASN B 614 39.10 -29.11 -5.55
C ASN B 614 39.53 -27.76 -6.09
N PHE B 615 39.43 -26.70 -5.27
CA PHE B 615 39.93 -25.38 -5.66
C PHE B 615 41.46 -25.42 -5.82
N ASP B 616 41.98 -24.56 -6.69
CA ASP B 616 43.43 -24.50 -6.95
C ASP B 616 44.09 -23.24 -6.38
N GLY B 617 43.43 -22.11 -6.49
CA GLY B 617 44.00 -20.84 -6.08
C GLY B 617 43.01 -20.17 -5.18
N ILE B 618 43.57 -19.24 -4.39
CA ILE B 618 42.76 -18.45 -3.47
C ILE B 618 42.86 -17.00 -3.84
N ARG B 619 41.81 -16.26 -3.52
CA ARG B 619 41.85 -14.82 -3.44
C ARG B 619 41.80 -14.47 -1.98
N VAL B 620 42.68 -13.58 -1.52
CA VAL B 620 42.66 -13.15 -0.12
C VAL B 620 41.86 -11.86 -0.02
N ASP B 621 40.65 -11.97 0.55
CA ASP B 621 39.75 -10.83 0.73
C ASP B 621 40.25 -9.92 1.84
N ALA B 622 40.23 -8.61 1.60
CA ALA B 622 40.37 -7.60 2.64
C ALA B 622 41.73 -7.69 3.33
N VAL B 623 42.79 -7.70 2.52
CA VAL B 623 44.15 -7.88 3.03
C VAL B 623 44.54 -6.83 4.08
N ASP B 624 44.19 -5.59 3.81
CA ASP B 624 44.56 -4.51 4.69
C ASP B 624 43.70 -4.41 5.98
N ASN B 625 42.64 -5.21 6.07
CA ASN B 625 41.74 -5.16 7.23
C ASN B 625 41.92 -6.31 8.26
N VAL B 626 43.03 -7.05 8.11
CA VAL B 626 43.34 -8.23 8.91
C VAL B 626 44.84 -8.28 9.22
N ASP B 627 45.23 -9.24 10.04
CA ASP B 627 46.64 -9.46 10.39
C ASP B 627 47.41 -10.09 9.21
N ALA B 628 48.46 -9.41 8.77
CA ALA B 628 49.19 -9.81 7.58
C ALA B 628 49.93 -11.15 7.68
N ASP B 629 50.03 -11.70 8.89
CA ASP B 629 50.52 -13.08 9.06
C ASP B 629 49.78 -14.06 8.16
N LEU B 630 48.50 -13.81 7.91
CA LEU B 630 47.69 -14.73 7.10
C LEU B 630 48.25 -14.93 5.71
N LEU B 631 48.97 -13.93 5.18
CA LEU B 631 49.60 -14.08 3.87
C LEU B 631 50.71 -15.11 3.91
N LYS B 632 51.51 -15.05 4.98
CA LYS B 632 52.62 -15.98 5.18
C LYS B 632 52.09 -17.39 5.42
N ILE B 633 51.05 -17.51 6.25
CA ILE B 633 50.43 -18.79 6.55
C ILE B 633 49.94 -19.44 5.26
N ALA B 634 49.23 -18.67 4.45
CA ALA B 634 48.75 -19.13 3.16
C ALA B 634 49.88 -19.48 2.20
N GLY B 635 50.87 -18.60 2.08
CA GLY B 635 52.01 -18.84 1.20
C GLY B 635 52.78 -20.10 1.54
N ASP B 636 53.12 -20.24 2.81
CA ASP B 636 53.86 -21.39 3.31
C ASP B 636 53.10 -22.71 3.17
N TYR B 637 51.79 -22.66 3.31
CA TYR B 637 50.94 -23.83 3.11
C TYR B 637 51.04 -24.32 1.67
N PHE B 638 50.87 -23.41 0.73
CA PHE B 638 51.03 -23.74 -0.68
C PHE B 638 52.45 -24.25 -1.03
N LYS B 639 53.47 -23.72 -0.35
CA LYS B 639 54.83 -24.17 -0.56
C LYS B 639 54.97 -25.62 -0.11
N ALA B 640 54.48 -25.92 1.10
CA ALA B 640 54.60 -27.24 1.67
C ALA B 640 53.84 -28.30 0.85
N LEU B 641 52.61 -28.00 0.45
CA LEU B 641 51.75 -29.00 -0.21
C LEU B 641 51.91 -29.10 -1.71
N TYR B 642 52.31 -28.03 -2.36
CA TYR B 642 52.41 -28.01 -3.84
C TYR B 642 53.78 -27.60 -4.38
N GLY B 643 54.75 -27.32 -3.52
CA GLY B 643 56.07 -26.90 -3.97
C GLY B 643 56.04 -25.71 -4.91
N THR B 644 55.25 -24.69 -4.56
CA THR B 644 55.10 -23.49 -5.40
C THR B 644 56.39 -22.71 -5.57
N ASP B 645 57.31 -22.84 -4.62
CA ASP B 645 58.61 -22.17 -4.72
C ASP B 645 59.66 -22.97 -5.52
N LYS B 646 59.28 -24.13 -6.06
CA LYS B 646 60.22 -25.01 -6.77
C LYS B 646 60.34 -24.65 -8.25
N SER B 647 59.21 -24.31 -8.86
CA SER B 647 59.17 -24.02 -10.29
C SER B 647 58.03 -23.11 -10.64
N ASP B 648 58.09 -22.51 -11.82
CA ASP B 648 56.98 -21.70 -12.34
C ASP B 648 55.75 -22.54 -12.66
N ALA B 649 55.96 -23.79 -13.06
CA ALA B 649 54.85 -24.71 -13.36
C ALA B 649 54.03 -25.05 -12.11
N ASN B 650 54.72 -25.27 -10.99
CA ASN B 650 54.07 -25.52 -9.71
C ASN B 650 53.33 -24.27 -9.21
N ALA B 651 54.04 -23.14 -9.24
CA ALA B 651 53.49 -21.84 -8.84
C ALA B 651 52.24 -21.51 -9.66
N ASN B 652 52.36 -21.60 -10.98
CA ASN B 652 51.28 -21.19 -11.88
C ASN B 652 50.15 -22.19 -11.95
N LYS B 653 50.32 -23.41 -11.43
CA LYS B 653 49.22 -24.38 -11.30
C LYS B 653 48.24 -24.00 -10.17
N HIS B 654 48.65 -23.07 -9.32
CA HIS B 654 47.82 -22.63 -8.19
C HIS B 654 47.81 -21.10 -8.13
N LEU B 655 47.41 -20.48 -9.24
CA LEU B 655 47.30 -19.02 -9.33
C LEU B 655 46.50 -18.51 -8.16
N SER B 656 47.07 -17.51 -7.48
CA SER B 656 46.48 -16.90 -6.28
C SER B 656 46.64 -15.37 -6.30
N ILE B 657 45.60 -14.65 -5.89
CA ILE B 657 45.62 -13.17 -5.91
C ILE B 657 45.27 -12.55 -4.55
N LEU B 658 45.63 -11.29 -4.40
CA LEU B 658 45.36 -10.52 -3.20
C LEU B 658 44.49 -9.29 -3.54
N GLU B 659 43.50 -9.03 -2.70
CA GLU B 659 42.82 -7.76 -2.67
C GLU B 659 43.64 -6.91 -1.73
N ASP B 660 44.64 -6.21 -2.26
CA ASP B 660 45.57 -5.43 -1.46
C ASP B 660 45.61 -3.99 -1.95
N TRP B 661 44.76 -3.15 -1.38
CA TRP B 661 44.54 -1.82 -1.93
C TRP B 661 45.64 -0.81 -1.62
N ASN B 662 46.39 -0.96 -0.55
CA ASN B 662 47.36 0.07 -0.15
C ASN B 662 48.41 0.22 -1.21
N GLY B 663 48.77 1.47 -1.52
CA GLY B 663 49.74 1.77 -2.56
C GLY B 663 51.15 1.26 -2.28
N LYS B 664 51.46 0.88 -1.04
CA LYS B 664 52.76 0.30 -0.69
C LYS B 664 52.72 -1.24 -0.58
N ASP B 665 51.57 -1.85 -0.80
CA ASP B 665 51.44 -3.32 -0.71
C ASP B 665 52.25 -4.06 -1.80
N PRO B 666 52.26 -3.56 -3.05
CA PRO B 666 53.05 -4.23 -4.08
C PRO B 666 54.47 -4.51 -3.68
N GLN B 667 55.14 -3.52 -3.09
CA GLN B 667 56.53 -3.67 -2.72
C GLN B 667 56.67 -4.63 -1.54
N TYR B 668 55.75 -4.58 -0.57
CA TYR B 668 55.73 -5.53 0.53
C TYR B 668 55.62 -6.96 -0.01
N VAL B 669 54.63 -7.20 -0.86
CA VAL B 669 54.38 -8.52 -1.39
C VAL B 669 55.63 -9.06 -2.09
N ASN B 670 56.32 -8.19 -2.82
CA ASN B 670 57.53 -8.57 -3.52
C ASN B 670 58.70 -8.87 -2.58
N GLN B 671 58.81 -8.13 -1.47
CA GLN B 671 59.82 -8.43 -0.45
C GLN B 671 59.54 -9.81 0.16
N GLN B 672 58.27 -10.14 0.34
CA GLN B 672 57.90 -11.42 0.95
C GLN B 672 57.81 -12.58 -0.06
N GLY B 673 58.27 -12.37 -1.30
CA GLY B 673 58.42 -13.45 -2.28
C GLY B 673 57.25 -13.70 -3.21
N ASN B 674 56.30 -12.80 -3.27
CA ASN B 674 55.14 -12.95 -4.17
C ASN B 674 54.39 -14.28 -4.04
N ALA B 675 54.05 -14.70 -2.83
CA ALA B 675 53.26 -15.93 -2.61
C ALA B 675 51.86 -15.85 -3.22
N GLN B 676 51.30 -14.65 -3.29
CA GLN B 676 50.08 -14.40 -4.04
C GLN B 676 50.34 -13.15 -4.84
N LEU B 677 49.67 -13.02 -5.98
CA LEU B 677 49.89 -11.86 -6.85
C LEU B 677 49.27 -10.60 -6.31
N THR B 678 50.04 -9.53 -6.24
CA THR B 678 49.47 -8.22 -5.93
C THR B 678 48.62 -7.71 -7.08
N MET B 679 47.64 -6.88 -6.74
CA MET B 679 46.94 -6.09 -7.76
C MET B 679 47.84 -4.96 -8.21
N ASP B 680 47.54 -4.40 -9.37
CA ASP B 680 48.29 -3.26 -9.88
C ASP B 680 47.31 -2.12 -10.07
N TYR B 681 47.02 -1.43 -8.96
CA TYR B 681 46.05 -0.34 -8.99
C TYR B 681 46.56 0.82 -9.82
N THR B 682 47.86 0.94 -10.00
CA THR B 682 48.42 2.09 -10.71
C THR B 682 47.90 2.15 -12.15
N VAL B 683 47.76 0.99 -12.78
CA VAL B 683 47.21 0.90 -14.13
C VAL B 683 45.68 1.02 -14.13
N THR B 684 45.02 0.40 -13.16
CA THR B 684 43.56 0.56 -13.02
C THR B 684 43.18 2.03 -12.77
N SER B 685 43.97 2.69 -11.93
CA SER B 685 43.79 4.10 -11.63
C SER B 685 43.91 4.96 -12.88
N GLN B 686 44.95 4.70 -13.67
CA GLN B 686 45.19 5.49 -14.88
C GLN B 686 44.09 5.28 -15.91
N PHE B 687 43.48 4.09 -15.94
CA PHE B 687 42.29 3.88 -16.80
C PHE B 687 41.17 4.80 -16.36
N GLY B 688 41.02 4.95 -15.04
CA GLY B 688 40.01 5.85 -14.46
C GLY B 688 40.16 7.27 -14.96
N ASN B 689 41.38 7.81 -14.89
CA ASN B 689 41.64 9.20 -15.21
C ASN B 689 41.73 9.48 -16.69
N SER B 690 42.32 8.57 -17.46
CA SER B 690 42.54 8.79 -18.88
C SER B 690 41.37 8.35 -19.78
N LEU B 691 40.61 7.31 -19.41
CA LEU B 691 39.61 6.71 -20.32
C LEU B 691 38.23 6.54 -19.71
N THR B 692 38.17 5.81 -18.59
CA THR B 692 36.90 5.29 -18.06
C THR B 692 36.03 6.28 -17.32
N HIS B 693 36.63 7.24 -16.61
CA HIS B 693 35.83 8.17 -15.79
C HIS B 693 35.64 9.54 -16.41
N GLY B 694 34.40 10.02 -16.37
CA GLY B 694 34.09 11.38 -16.73
C GLY B 694 33.96 11.52 -18.23
N ALA B 695 33.00 12.33 -18.67
CA ALA B 695 32.75 12.50 -20.09
C ALA B 695 33.70 13.52 -20.72
N ASN B 696 34.40 14.33 -19.91
CA ASN B 696 35.12 15.48 -20.45
C ASN B 696 36.58 15.60 -20.10
N ASN B 697 36.91 16.07 -18.89
CA ASN B 697 38.29 16.44 -18.61
C ASN B 697 39.04 15.25 -18.09
N ARG B 698 39.78 14.63 -18.99
CA ARG B 698 40.40 13.34 -18.75
C ARG B 698 41.89 13.55 -18.85
N SER B 699 42.65 12.90 -17.98
CA SER B 699 44.11 13.03 -18.08
C SER B 699 44.52 12.53 -19.44
N ASN B 700 45.59 13.09 -19.99
CA ASN B 700 46.13 12.58 -21.24
C ASN B 700 46.64 11.13 -21.18
N MET B 701 46.59 10.48 -22.34
CA MET B 701 47.15 9.15 -22.52
C MET B 701 48.65 9.12 -22.23
N TRP B 702 49.32 10.26 -22.45
CA TRP B 702 50.71 10.46 -22.01
C TRP B 702 50.99 9.89 -20.61
N TYR B 703 50.06 10.02 -19.68
CA TYR B 703 50.28 9.60 -18.28
C TYR B 703 50.50 8.10 -18.15
N PHE B 704 50.00 7.31 -19.09
CA PHE B 704 50.24 5.86 -19.08
C PHE B 704 51.72 5.49 -19.21
N LEU B 705 52.49 6.33 -19.89
CA LEU B 705 53.90 6.06 -20.15
C LEU B 705 54.84 6.12 -18.89
N ASP B 706 54.56 7.03 -17.95
CA ASP B 706 55.41 7.22 -16.76
C ASP B 706 56.86 7.42 -17.24
N THR B 707 57.06 8.46 -18.04
CA THR B 707 58.36 8.75 -18.60
C THR B 707 59.44 9.12 -17.55
N GLY B 708 59.02 9.74 -16.45
CA GLY B 708 59.96 10.06 -15.37
C GLY B 708 60.82 8.86 -15.04
N TYR B 709 60.30 7.69 -15.35
CA TYR B 709 61.04 6.46 -15.25
C TYR B 709 62.37 6.54 -15.98
N TYR B 710 62.50 7.44 -16.95
CA TYR B 710 63.78 7.63 -17.62
C TYR B 710 64.42 8.97 -17.24
N LEU B 711 65.75 8.96 -17.14
CA LEU B 711 66.47 10.16 -16.77
C LEU B 711 66.12 11.28 -17.72
N ASN B 712 65.79 12.45 -17.14
CA ASN B 712 65.36 13.63 -17.88
C ASN B 712 64.08 13.40 -18.67
N GLY B 713 63.42 12.27 -18.44
CA GLY B 713 62.31 11.84 -19.26
C GLY B 713 62.62 11.79 -20.76
N ASP B 714 63.82 11.33 -21.14
CA ASP B 714 64.41 11.60 -22.46
C ASP B 714 63.79 10.86 -23.66
N LEU B 715 63.66 9.54 -23.58
CA LEU B 715 63.03 8.74 -24.66
C LEU B 715 63.89 8.57 -25.90
N ASN B 716 64.98 9.29 -26.03
CA ASN B 716 65.93 8.98 -27.07
C ASN B 716 67.13 8.21 -26.56
N LYS B 717 67.51 8.46 -25.32
CA LYS B 717 68.61 7.76 -24.68
C LYS B 717 68.16 6.54 -23.87
N LYS B 718 66.94 6.59 -23.31
CA LYS B 718 66.34 5.49 -22.56
C LYS B 718 67.18 5.05 -21.37
N ILE B 719 67.68 6.00 -20.59
CA ILE B 719 68.52 5.66 -19.45
C ILE B 719 67.67 5.73 -18.19
N VAL B 720 67.56 4.60 -17.48
CA VAL B 720 66.64 4.49 -16.35
C VAL B 720 67.18 5.28 -15.16
N ASP B 721 66.29 5.91 -14.41
CA ASP B 721 66.71 6.70 -13.28
C ASP B 721 66.78 5.79 -12.04
N LYS B 722 68.00 5.50 -11.60
CA LYS B 722 68.23 4.62 -10.44
C LYS B 722 67.71 5.25 -9.15
N ASN B 723 67.98 6.54 -8.98
CA ASN B 723 67.49 7.27 -7.83
C ASN B 723 66.18 8.01 -8.14
N ARG B 724 65.06 7.31 -8.02
CA ARG B 724 63.75 7.95 -8.17
C ARG B 724 62.87 7.58 -6.99
N PRO B 725 62.18 8.58 -6.40
CA PRO B 725 61.45 8.30 -5.15
C PRO B 725 60.39 7.20 -5.27
N ASN B 726 59.52 7.36 -6.27
CA ASN B 726 58.51 6.37 -6.56
C ASN B 726 58.15 6.41 -8.04
N SER B 727 57.65 5.30 -8.54
CA SER B 727 57.31 5.17 -9.95
C SER B 727 55.82 5.44 -10.10
N GLY B 728 55.45 6.15 -11.16
CA GLY B 728 54.07 6.42 -11.48
C GLY B 728 53.30 5.17 -11.84
N THR B 729 53.95 4.23 -12.52
CA THR B 729 53.35 2.95 -12.82
C THR B 729 54.24 1.75 -12.42
N LEU B 730 53.64 0.64 -12.00
CA LEU B 730 54.38 -0.52 -11.47
C LEU B 730 55.34 -1.15 -12.47
N VAL B 731 54.91 -1.22 -13.72
CA VAL B 731 55.69 -1.82 -14.78
C VAL B 731 55.80 -0.83 -15.94
N ASN B 732 57.01 -0.44 -16.27
CA ASN B 732 57.22 0.42 -17.41
C ASN B 732 57.09 -0.36 -18.70
N ARG B 733 56.35 0.24 -19.61
CA ARG B 733 56.08 -0.39 -20.86
C ARG B 733 56.50 0.48 -22.03
N ILE B 734 57.26 1.55 -21.74
CA ILE B 734 57.68 2.46 -22.81
C ILE B 734 58.54 1.64 -23.74
N ALA B 735 59.50 0.91 -23.19
CA ALA B 735 60.33 -0.03 -24.00
C ALA B 735 60.70 -1.24 -23.18
N ASN B 736 59.72 -2.12 -22.97
CA ASN B 736 59.87 -3.26 -22.09
C ASN B 736 60.34 -4.47 -22.86
N SER B 737 61.64 -4.77 -22.79
CA SER B 737 62.23 -5.92 -23.49
C SER B 737 62.42 -7.15 -22.59
N GLY B 738 61.81 -7.15 -21.40
CA GLY B 738 61.97 -8.24 -20.44
C GLY B 738 63.29 -8.27 -19.69
N ASP B 739 64.13 -7.24 -19.84
CA ASP B 739 65.48 -7.25 -19.27
C ASP B 739 65.50 -6.84 -17.79
N THR B 740 64.45 -6.18 -17.33
CA THR B 740 64.40 -5.74 -15.96
C THR B 740 63.40 -6.59 -15.21
N LYS B 741 63.76 -6.97 -13.99
CA LYS B 741 62.85 -7.69 -13.11
C LYS B 741 61.70 -6.76 -12.70
N VAL B 742 60.49 -7.28 -12.67
CA VAL B 742 59.31 -6.47 -12.35
C VAL B 742 58.46 -7.23 -11.35
N ILE B 743 57.62 -6.51 -10.60
CA ILE B 743 56.80 -7.16 -9.60
C ILE B 743 55.63 -7.88 -10.28
N PRO B 744 55.54 -9.19 -10.12
CA PRO B 744 54.41 -9.92 -10.74
C PRO B 744 53.09 -9.50 -10.16
N ASN B 745 52.08 -9.46 -11.03
CA ASN B 745 50.83 -8.81 -10.68
C ASN B 745 49.65 -9.20 -11.54
N TYR B 746 48.45 -9.03 -11.00
CA TYR B 746 47.23 -9.06 -11.82
C TYR B 746 46.66 -7.66 -11.97
N SER B 747 45.91 -7.40 -13.03
CA SER B 747 45.36 -6.09 -13.28
C SER B 747 43.96 -6.17 -13.85
N PHE B 748 43.16 -5.13 -13.64
CA PHE B 748 41.80 -5.12 -14.12
C PHE B 748 41.30 -3.72 -14.43
N VAL B 749 40.20 -3.64 -15.19
CA VAL B 749 39.55 -2.38 -15.48
C VAL B 749 38.42 -2.15 -14.49
N ARG B 750 37.64 -3.21 -14.23
CA ARG B 750 36.56 -3.17 -13.23
C ARG B 750 36.57 -4.45 -12.41
N ALA B 751 35.85 -4.42 -11.29
CA ALA B 751 35.72 -5.58 -10.43
C ALA B 751 34.34 -5.63 -9.79
N HIS B 752 34.02 -6.77 -9.17
CA HIS B 752 32.74 -6.97 -8.50
C HIS B 752 32.55 -5.89 -7.46
N ASP B 753 33.68 -5.39 -6.96
CA ASP B 753 33.72 -4.34 -5.95
C ASP B 753 34.43 -3.08 -6.43
N TYR B 754 34.58 -2.89 -7.72
CA TYR B 754 35.18 -1.65 -8.23
C TYR B 754 34.44 -1.17 -9.48
N ASP B 755 33.98 0.08 -9.41
CA ASP B 755 33.10 0.67 -10.44
C ASP B 755 31.82 -0.13 -10.73
N ALA B 756 31.28 -0.77 -9.68
CA ALA B 756 30.02 -1.50 -9.81
C ALA B 756 29.03 -1.07 -8.73
N GLN B 757 29.38 -1.37 -7.48
CA GLN B 757 28.53 -1.12 -6.31
C GLN B 757 28.03 0.33 -6.16
N ASP B 758 28.88 1.29 -6.45
CA ASP B 758 28.49 2.68 -6.36
C ASP B 758 27.59 3.14 -7.52
N PRO B 759 28.05 3.00 -8.77
CA PRO B 759 27.14 3.29 -9.90
C PRO B 759 25.76 2.61 -9.81
N ILE B 760 25.70 1.32 -9.50
CA ILE B 760 24.42 0.62 -9.40
C ILE B 760 23.49 1.27 -8.36
N ARG B 761 24.06 1.74 -7.24
CA ARG B 761 23.26 2.40 -6.20
C ARG B 761 22.92 3.84 -6.56
N LYS B 762 23.92 4.57 -7.06
CA LYS B 762 23.73 5.95 -7.48
C LYS B 762 22.58 6.01 -8.47
N ALA B 763 22.52 5.05 -9.38
CA ALA B 763 21.43 4.99 -10.33
C ALA B 763 20.13 4.86 -9.55
N MET B 764 20.12 4.01 -8.53
CA MET B 764 18.90 3.80 -7.75
C MET B 764 18.51 5.10 -7.04
N ILE B 765 19.51 5.81 -6.54
CA ILE B 765 19.29 7.07 -5.84
C ILE B 765 18.70 8.12 -6.79
N ASP B 766 19.28 8.23 -7.98
CA ASP B 766 18.84 9.20 -8.97
C ASP B 766 17.38 9.01 -9.36
N HIS B 767 16.92 7.76 -9.35
CA HIS B 767 15.54 7.47 -9.75
C HIS B 767 14.58 7.29 -8.57
N GLY B 768 15.00 7.76 -7.40
CA GLY B 768 14.16 7.75 -6.21
C GLY B 768 13.85 6.38 -5.62
N ILE B 769 14.61 5.36 -6.01
CA ILE B 769 14.33 4.02 -5.54
C ILE B 769 14.82 3.86 -4.12
N ILE B 770 15.94 4.49 -3.80
CA ILE B 770 16.42 4.53 -2.42
C ILE B 770 16.89 5.95 -2.16
N LYS B 771 17.04 6.26 -0.88
CA LYS B 771 17.49 7.57 -0.45
C LYS B 771 19.01 7.53 -0.26
N ASN B 772 19.49 6.44 0.31
CA ASN B 772 20.89 6.35 0.74
C ASN B 772 21.61 5.11 0.25
N MET B 773 22.93 5.23 0.18
CA MET B 773 23.79 4.12 -0.23
C MET B 773 23.74 2.96 0.77
N GLN B 774 23.57 3.26 2.05
CA GLN B 774 23.44 2.21 3.09
C GLN B 774 21.99 1.76 3.31
N ASP B 775 21.09 2.44 2.63
CA ASP B 775 19.70 2.13 2.70
C ASP B 775 19.58 0.63 2.39
N THR B 776 18.82 -0.11 3.17
CA THR B 776 18.51 -1.49 2.83
C THR B 776 17.64 -1.47 1.58
N PHE B 777 17.79 -2.47 0.72
CA PHE B 777 16.89 -2.61 -0.40
C PHE B 777 16.59 -4.07 -0.72
N THR B 778 15.56 -4.21 -1.54
CA THR B 778 15.03 -5.48 -1.99
C THR B 778 15.56 -5.83 -3.37
N PHE B 779 15.47 -7.11 -3.76
CA PHE B 779 15.78 -7.47 -5.14
C PHE B 779 14.82 -6.77 -6.10
N ASP B 780 13.51 -6.96 -5.96
CA ASP B 780 12.58 -6.18 -6.78
C ASP B 780 13.06 -4.74 -6.99
N GLN B 781 13.48 -4.10 -5.92
CA GLN B 781 14.05 -2.76 -6.01
C GLN B 781 15.32 -2.72 -6.84
N LEU B 782 16.19 -3.70 -6.62
CA LEU B 782 17.43 -3.81 -7.39
C LEU B 782 17.15 -3.97 -8.90
N ALA B 783 16.22 -4.86 -9.24
CA ALA B 783 15.86 -5.18 -10.63
C ALA B 783 15.38 -3.95 -11.38
N GLN B 784 14.56 -3.12 -10.71
CA GLN B 784 14.05 -1.87 -11.31
C GLN B 784 15.17 -0.89 -11.58
N GLY B 785 16.06 -0.71 -10.60
CA GLY B 785 17.21 0.18 -10.76
C GLY B 785 18.12 -0.30 -11.87
N MET B 786 18.32 -1.61 -11.90
CA MET B 786 19.15 -2.22 -12.91
C MET B 786 18.68 -1.91 -14.31
N GLU B 787 17.36 -1.82 -14.52
CA GLU B 787 16.82 -1.52 -15.85
C GLU B 787 17.26 -0.13 -16.32
N PHE B 788 17.34 0.82 -15.41
CA PHE B 788 17.84 2.17 -15.74
C PHE B 788 19.34 2.16 -15.98
N TYR B 789 20.06 1.41 -15.15
CA TYR B 789 21.51 1.22 -15.24
C TYR B 789 21.87 0.63 -16.61
N TYR B 790 21.13 -0.39 -17.04
CA TYR B 790 21.36 -0.97 -18.36
C TYR B 790 21.08 0.05 -19.48
N LYS B 791 19.97 0.78 -19.37
CA LYS B 791 19.60 1.79 -20.37
C LYS B 791 20.70 2.85 -20.52
N ASP B 792 21.23 3.30 -19.40
CA ASP B 792 22.31 4.29 -19.36
C ASP B 792 23.62 3.76 -19.95
N GLN B 793 23.97 2.53 -19.61
CA GLN B 793 25.19 1.88 -20.08
C GLN B 793 25.20 1.82 -21.61
N GLU B 794 24.04 1.48 -22.18
CA GLU B 794 23.90 1.26 -23.61
C GLU B 794 23.42 2.51 -24.36
N ASN B 795 23.52 3.68 -23.74
CA ASN B 795 22.92 4.90 -24.32
C ASN B 795 23.54 5.21 -25.67
N PRO B 796 22.69 5.39 -26.69
CA PRO B 796 23.18 5.64 -28.07
C PRO B 796 23.87 7.01 -28.20
N SER B 797 23.44 7.98 -27.41
CA SER B 797 24.09 9.28 -27.35
C SER B 797 25.59 9.13 -27.14
N GLY B 798 25.95 8.19 -26.28
CA GLY B 798 27.32 7.97 -25.89
C GLY B 798 27.66 8.56 -24.55
N PHE B 799 26.69 9.18 -23.90
CA PHE B 799 26.89 9.78 -22.58
C PHE B 799 26.49 8.78 -21.51
N LYS B 800 27.28 8.72 -20.44
CA LYS B 800 27.06 7.79 -19.34
C LYS B 800 27.05 8.54 -18.02
N LYS B 801 25.95 8.37 -17.27
CA LYS B 801 25.74 9.04 -16.01
C LYS B 801 26.37 8.28 -14.85
N TYR B 802 26.24 6.95 -14.86
CA TYR B 802 26.79 6.07 -13.81
C TYR B 802 27.92 5.22 -14.35
N ASN B 803 27.78 4.76 -15.59
CA ASN B 803 28.70 3.80 -16.20
C ASN B 803 29.99 4.41 -16.70
N ASP B 804 30.92 3.51 -17.01
CA ASP B 804 32.26 3.84 -17.48
C ASP B 804 32.37 4.00 -19.01
N TYR B 805 33.19 4.95 -19.43
CA TYR B 805 33.42 5.25 -20.81
C TYR B 805 34.67 4.57 -21.34
N ASN B 806 34.57 3.93 -22.50
CA ASN B 806 35.72 3.33 -23.21
C ASN B 806 36.19 1.93 -22.76
N LEU B 807 35.29 1.19 -22.16
CA LEU B 807 35.65 -0.12 -21.65
C LEU B 807 36.33 -1.00 -22.68
N PRO B 808 35.83 -0.99 -23.94
CA PRO B 808 36.57 -1.70 -24.99
C PRO B 808 38.03 -1.26 -25.16
N SER B 809 38.25 0.05 -25.18
CA SER B 809 39.59 0.59 -25.35
C SER B 809 40.48 0.24 -24.14
N ALA B 810 39.90 0.29 -22.94
CA ALA B 810 40.58 -0.11 -21.73
C ALA B 810 40.99 -1.58 -21.77
N TYR B 811 40.07 -2.45 -22.20
CA TYR B 811 40.40 -3.87 -22.36
C TYR B 811 41.45 -4.12 -23.44
N ALA B 812 41.41 -3.34 -24.50
CA ALA B 812 42.43 -3.46 -25.54
C ALA B 812 43.84 -3.31 -24.94
N MET B 813 43.98 -2.35 -24.05
CA MET B 813 45.26 -2.13 -23.37
C MET B 813 45.52 -3.20 -22.32
N LEU B 814 44.51 -3.50 -21.51
CA LEU B 814 44.66 -4.50 -20.44
C LEU B 814 45.18 -5.81 -21.00
N LEU B 815 44.60 -6.21 -22.13
CA LEU B 815 44.81 -7.52 -22.70
C LEU B 815 46.05 -7.65 -23.57
N THR B 816 46.71 -6.54 -23.89
CA THR B 816 47.96 -6.58 -24.65
C THR B 816 49.21 -6.24 -23.80
N ASN B 817 49.02 -5.77 -22.57
CA ASN B 817 50.14 -5.39 -21.70
C ASN B 817 51.03 -6.57 -21.30
N LYS B 818 52.33 -6.38 -21.46
CA LYS B 818 53.31 -7.33 -20.96
C LYS B 818 53.44 -7.23 -19.44
N ASP B 819 53.89 -8.33 -18.83
CA ASP B 819 54.19 -8.43 -17.41
C ASP B 819 52.96 -8.09 -16.57
N THR B 820 51.89 -8.83 -16.80
CA THR B 820 50.70 -8.80 -15.96
C THR B 820 49.85 -10.04 -16.25
N VAL B 821 49.10 -10.49 -15.25
CA VAL B 821 48.02 -11.42 -15.48
C VAL B 821 46.73 -10.60 -15.51
N PRO B 822 46.15 -10.40 -16.69
CA PRO B 822 44.93 -9.60 -16.71
C PRO B 822 43.76 -10.34 -16.10
N ARG B 823 42.83 -9.59 -15.49
CA ARG B 823 41.58 -10.13 -15.01
C ARG B 823 40.38 -9.47 -15.69
N VAL B 824 39.43 -10.31 -16.10
CA VAL B 824 38.25 -9.86 -16.80
C VAL B 824 37.01 -9.98 -15.90
N TYR B 825 36.22 -8.91 -15.87
CA TYR B 825 35.05 -8.81 -15.02
C TYR B 825 33.78 -9.29 -15.73
N TYR B 826 33.15 -10.31 -15.15
CA TYR B 826 31.86 -10.84 -15.62
C TYR B 826 30.92 -9.74 -16.10
N GLY B 827 30.83 -8.67 -15.35
CA GLY B 827 29.88 -7.58 -15.61
C GLY B 827 30.21 -6.66 -16.77
N ASP B 828 31.40 -6.81 -17.33
CA ASP B 828 31.75 -6.18 -18.61
C ASP B 828 31.41 -7.11 -19.78
N MET B 829 31.16 -8.38 -19.48
CA MET B 829 30.85 -9.40 -20.48
C MET B 829 29.36 -9.69 -20.52
N TYR B 830 28.74 -9.77 -19.36
CA TYR B 830 27.31 -10.02 -19.24
C TYR B 830 26.73 -8.95 -18.32
N LEU B 831 25.42 -8.79 -18.32
CA LEU B 831 24.80 -7.75 -17.51
C LEU B 831 24.83 -8.11 -16.04
N GLU B 832 25.10 -7.11 -15.19
CA GLU B 832 25.40 -7.34 -13.76
C GLU B 832 24.25 -7.77 -12.88
N GLY B 833 23.02 -7.56 -13.35
CA GLY B 833 21.83 -7.99 -12.62
C GLY B 833 21.11 -9.16 -13.27
N GLY B 834 20.01 -9.56 -12.65
CA GLY B 834 19.20 -10.65 -13.16
C GLY B 834 19.97 -11.95 -13.07
N GLN B 835 19.75 -12.81 -14.05
CA GLN B 835 20.20 -14.17 -14.01
C GLN B 835 21.61 -14.31 -14.52
N TYR B 836 22.32 -15.36 -14.07
CA TYR B 836 23.72 -15.53 -14.46
C TYR B 836 23.83 -15.78 -15.96
N MET B 837 24.61 -14.95 -16.65
CA MET B 837 24.80 -15.07 -18.08
C MET B 837 23.49 -14.93 -18.88
N GLU B 838 22.55 -14.15 -18.36
CA GLU B 838 21.25 -14.01 -19.01
C GLU B 838 21.30 -13.28 -20.35
N LYS B 839 22.13 -12.26 -20.40
CA LYS B 839 22.26 -11.44 -21.59
C LYS B 839 23.65 -10.83 -21.66
N GLY B 840 24.33 -10.99 -22.79
CA GLY B 840 25.63 -10.35 -22.99
C GLY B 840 25.51 -8.85 -23.01
N THR B 841 26.63 -8.15 -22.79
CA THR B 841 26.71 -6.70 -22.87
C THR B 841 27.05 -6.29 -24.28
N ILE B 842 26.97 -5.01 -24.57
CA ILE B 842 27.36 -4.52 -25.89
C ILE B 842 28.89 -4.63 -26.13
N TYR B 843 29.65 -4.67 -25.04
CA TYR B 843 31.10 -4.80 -25.14
C TYR B 843 31.59 -6.22 -25.44
N ASN B 844 30.74 -7.21 -25.19
CA ASN B 844 31.12 -8.64 -25.33
C ASN B 844 31.89 -9.02 -26.60
N PRO B 845 31.38 -8.64 -27.77
CA PRO B 845 32.05 -9.06 -29.00
C PRO B 845 33.47 -8.51 -29.14
N VAL B 846 33.65 -7.24 -28.84
CA VAL B 846 34.97 -6.60 -28.94
C VAL B 846 35.93 -7.25 -27.94
N ILE B 847 35.46 -7.45 -26.73
CA ILE B 847 36.29 -8.02 -25.68
C ILE B 847 36.58 -9.49 -25.99
N SER B 848 35.60 -10.20 -26.53
CA SER B 848 35.79 -11.60 -26.90
C SER B 848 36.84 -11.74 -28.00
N ALA B 849 36.84 -10.80 -28.95
CA ALA B 849 37.84 -10.76 -30.02
C ALA B 849 39.24 -10.51 -29.49
N LEU B 850 39.34 -9.50 -28.64
CA LEU B 850 40.61 -9.18 -27.98
C LEU B 850 41.19 -10.39 -27.23
N LEU B 851 40.30 -11.13 -26.57
CA LEU B 851 40.70 -12.29 -25.78
C LEU B 851 41.24 -13.41 -26.62
N LYS B 852 40.58 -13.67 -27.74
CA LYS B 852 41.03 -14.69 -28.69
C LYS B 852 42.29 -14.27 -29.43
N ALA B 853 42.36 -12.99 -29.78
CA ALA B 853 43.54 -12.41 -30.40
C ALA B 853 44.73 -12.50 -29.45
N ARG B 854 44.48 -12.41 -28.15
CA ARG B 854 45.54 -12.50 -27.16
C ARG B 854 46.21 -13.87 -27.19
N ILE B 855 45.41 -14.92 -27.37
CA ILE B 855 45.95 -16.28 -27.51
C ILE B 855 46.84 -16.45 -28.76
N LYS B 856 46.42 -15.84 -29.87
CA LYS B 856 47.10 -15.93 -31.16
C LYS B 856 48.35 -15.07 -31.34
N TYR B 857 48.26 -13.78 -31.02
CA TYR B 857 49.33 -12.85 -31.36
C TYR B 857 50.02 -12.24 -30.16
N VAL B 858 49.44 -12.36 -28.97
CA VAL B 858 49.99 -11.61 -27.85
C VAL B 858 51.16 -12.36 -27.21
N SER B 859 52.35 -11.98 -27.66
CA SER B 859 53.59 -12.39 -27.05
C SER B 859 54.74 -11.47 -27.42
N GLY B 860 55.91 -11.69 -26.82
CA GLY B 860 57.10 -10.87 -27.06
C GLY B 860 57.19 -9.59 -26.28
N GLY B 861 58.14 -8.76 -26.66
CA GLY B 861 58.36 -7.48 -26.05
C GLY B 861 57.28 -6.46 -26.34
N GLN B 862 57.34 -5.34 -25.64
CA GLN B 862 56.40 -4.26 -25.78
C GLN B 862 57.06 -2.90 -25.91
N THR B 863 56.39 -1.99 -26.61
CA THR B 863 56.66 -0.56 -26.52
C THR B 863 55.35 0.17 -26.35
N MET B 864 55.45 1.41 -25.88
CA MET B 864 54.30 2.25 -25.68
C MET B 864 54.80 3.67 -25.85
N ALA B 865 54.05 4.42 -26.63
CA ALA B 865 54.39 5.80 -26.93
C ALA B 865 53.12 6.61 -27.08
N THR B 866 53.28 7.94 -27.12
CA THR B 866 52.15 8.83 -27.18
C THR B 866 52.56 10.03 -28.04
N ASP B 867 51.63 10.49 -28.87
CA ASP B 867 51.77 11.75 -29.57
C ASP B 867 51.45 12.90 -28.60
N SER B 868 52.31 13.04 -27.60
CA SER B 868 52.22 14.11 -26.62
C SER B 868 53.51 14.15 -25.84
N SER B 869 53.76 15.30 -25.25
CA SER B 869 54.94 15.52 -24.43
C SER B 869 54.58 15.73 -22.97
N GLY B 870 53.29 15.78 -22.65
CA GLY B 870 52.87 16.20 -21.30
C GLY B 870 51.40 16.52 -21.19
N LYS B 871 51.04 17.33 -20.20
CA LYS B 871 49.66 17.81 -20.02
C LYS B 871 49.12 18.52 -21.28
N ASP B 872 49.94 19.37 -21.91
CA ASP B 872 49.43 20.24 -23.00
C ASP B 872 49.79 19.75 -24.40
N LEU B 873 48.92 20.01 -25.37
CA LEU B 873 49.03 19.49 -26.75
C LEU B 873 49.38 20.59 -27.75
N LYS B 874 50.47 20.43 -28.48
CA LYS B 874 50.82 21.34 -29.58
C LYS B 874 49.91 21.16 -30.79
N ASP B 875 50.04 22.10 -31.73
CA ASP B 875 49.15 22.17 -32.88
C ASP B 875 49.05 20.83 -33.60
N GLY B 876 50.20 20.21 -33.86
CA GLY B 876 50.21 18.94 -34.56
C GLY B 876 49.65 17.77 -33.75
N GLU B 877 49.83 17.80 -32.43
CA GLU B 877 49.68 16.61 -31.60
C GLU B 877 48.22 16.17 -31.37
N THR B 878 48.01 14.87 -31.53
CA THR B 878 46.69 14.25 -31.50
C THR B 878 46.47 13.48 -30.21
N ASP B 879 47.57 13.20 -29.51
CA ASP B 879 47.54 12.47 -28.25
C ASP B 879 46.96 11.05 -28.35
N LEU B 880 47.33 10.35 -29.42
CA LEU B 880 46.92 8.95 -29.55
C LEU B 880 48.03 8.09 -28.96
N LEU B 881 47.65 7.12 -28.15
CA LEU B 881 48.62 6.19 -27.58
C LEU B 881 48.84 5.03 -28.54
N THR B 882 50.10 4.67 -28.74
CA THR B 882 50.44 3.52 -29.60
C THR B 882 51.18 2.43 -28.82
N SER B 883 50.57 1.25 -28.74
CA SER B 883 51.10 0.09 -28.00
C SER B 883 51.22 -1.10 -28.97
N VAL B 884 52.36 -1.77 -28.94
CA VAL B 884 52.70 -2.84 -29.88
C VAL B 884 53.27 -4.06 -29.16
N ARG B 885 52.95 -5.27 -29.63
CA ARG B 885 53.63 -6.50 -29.20
C ARG B 885 54.23 -7.26 -30.41
N PHE B 886 55.48 -7.71 -30.28
CA PHE B 886 56.27 -8.14 -31.44
C PHE B 886 56.16 -9.62 -31.89
N GLY B 887 55.92 -10.57 -30.97
CA GLY B 887 55.93 -12.02 -31.28
C GLY B 887 56.75 -12.79 -30.25
N LYS B 888 56.94 -14.11 -30.38
CA LYS B 888 57.49 -14.91 -29.26
C LYS B 888 58.88 -14.55 -28.69
N GLY B 889 59.87 -14.45 -29.55
CA GLY B 889 61.22 -14.11 -29.10
C GLY B 889 61.68 -12.72 -29.52
N ILE B 890 60.75 -11.89 -29.98
CA ILE B 890 61.08 -10.56 -30.42
C ILE B 890 60.81 -9.61 -29.26
N MET B 891 61.85 -8.96 -28.77
CA MET B 891 61.76 -8.15 -27.57
C MET B 891 61.91 -6.65 -27.79
N THR B 892 62.35 -6.23 -28.97
CA THR B 892 62.74 -4.83 -29.19
C THR B 892 62.30 -4.28 -30.54
N SER B 893 62.20 -2.97 -30.66
CA SER B 893 62.01 -2.27 -31.95
C SER B 893 63.01 -2.77 -33.01
N ASP B 894 64.29 -2.77 -32.65
CA ASP B 894 65.37 -2.97 -33.63
C ASP B 894 65.75 -4.42 -33.82
N GLN B 895 65.31 -5.32 -32.94
CA GLN B 895 65.62 -6.73 -33.09
C GLN B 895 64.88 -7.33 -34.28
N THR B 896 65.63 -8.03 -35.13
CA THR B 896 65.16 -8.47 -36.44
C THR B 896 64.84 -9.96 -36.54
N THR B 897 65.41 -10.78 -35.65
CA THR B 897 65.15 -12.23 -35.67
C THR B 897 65.46 -12.91 -34.33
N THR B 898 64.81 -14.05 -34.10
CA THR B 898 64.91 -14.76 -32.82
C THR B 898 66.29 -15.39 -32.63
N GLN B 899 66.79 -15.33 -31.40
CA GLN B 899 68.10 -15.91 -31.06
C GLN B 899 68.10 -17.43 -31.14
N ASP B 900 67.01 -18.04 -30.68
CA ASP B 900 66.82 -19.49 -30.75
C ASP B 900 66.40 -19.93 -32.16
N ASN B 901 66.17 -18.98 -33.05
CA ASN B 901 65.68 -19.24 -34.40
C ASN B 901 64.32 -19.95 -34.50
N SER B 902 63.44 -19.72 -33.53
CA SER B 902 62.05 -20.21 -33.61
C SER B 902 61.33 -19.33 -34.61
N GLN B 903 60.45 -19.90 -35.41
CA GLN B 903 59.78 -19.13 -36.45
C GLN B 903 58.37 -18.67 -36.08
N ASP B 904 57.92 -18.94 -34.85
CA ASP B 904 56.59 -18.55 -34.38
C ASP B 904 56.24 -17.07 -34.49
N TYR B 905 57.22 -16.21 -34.27
CA TYR B 905 57.03 -14.77 -34.20
C TYR B 905 56.47 -14.07 -35.45
N LYS B 906 56.62 -14.62 -36.63
CA LYS B 906 56.22 -13.91 -37.87
C LYS B 906 54.72 -13.56 -37.95
N ASN B 907 53.87 -14.48 -37.54
CA ASN B 907 52.42 -14.25 -37.64
C ASN B 907 51.78 -13.86 -36.32
N GLN B 908 52.62 -13.48 -35.36
CA GLN B 908 52.18 -13.08 -34.03
C GLN B 908 52.39 -11.57 -33.89
N GLY B 909 52.11 -11.03 -32.70
CA GLY B 909 52.18 -9.59 -32.45
C GLY B 909 50.90 -8.82 -32.75
N ILE B 910 50.77 -7.61 -32.22
CA ILE B 910 49.53 -6.83 -32.36
C ILE B 910 49.83 -5.35 -32.22
N GLY B 911 48.98 -4.53 -32.82
CA GLY B 911 49.14 -3.08 -32.77
C GLY B 911 47.88 -2.45 -32.22
N VAL B 912 48.02 -1.60 -31.20
CA VAL B 912 46.89 -0.94 -30.58
C VAL B 912 47.06 0.58 -30.55
N ILE B 913 46.03 1.26 -31.05
CA ILE B 913 45.94 2.72 -31.06
C ILE B 913 44.68 3.14 -30.32
N VAL B 914 44.80 4.05 -29.35
CA VAL B 914 43.67 4.43 -28.51
C VAL B 914 43.71 5.91 -28.14
N GLY B 915 42.53 6.53 -28.12
CA GLY B 915 42.39 7.95 -27.79
C GLY B 915 41.21 8.17 -26.88
N ASN B 916 41.23 9.31 -26.18
CA ASN B 916 40.20 9.63 -25.19
C ASN B 916 39.45 10.91 -25.57
N ASN B 917 39.48 11.25 -26.86
CA ASN B 917 38.90 12.47 -27.35
C ASN B 917 37.92 12.19 -28.50
N PRO B 918 36.62 12.16 -28.18
CA PRO B 918 35.62 11.87 -29.20
C PRO B 918 35.43 12.97 -30.24
N ASP B 919 35.92 14.17 -29.95
CA ASP B 919 35.92 15.27 -30.88
C ASP B 919 37.30 15.46 -31.52
N LEU B 920 38.08 14.38 -31.59
CA LEU B 920 39.40 14.45 -32.23
C LEU B 920 39.29 14.50 -33.75
N LYS B 921 39.93 15.49 -34.34
CA LYS B 921 40.07 15.60 -35.82
C LYS B 921 41.55 15.80 -36.14
N LEU B 922 42.12 15.00 -37.03
CA LEU B 922 43.54 15.19 -37.40
C LEU B 922 43.74 16.33 -38.36
N ASN B 923 44.91 16.96 -38.33
CA ASN B 923 45.30 17.92 -39.37
C ASN B 923 45.47 17.17 -40.68
N ASN B 924 45.30 17.86 -41.80
CA ASN B 924 45.39 17.21 -43.10
C ASN B 924 46.76 16.57 -43.39
N ASP B 925 47.82 17.25 -42.94
CA ASP B 925 49.21 16.75 -43.08
C ASP B 925 49.59 15.55 -42.19
N LYS B 926 48.95 15.43 -41.01
CA LYS B 926 49.38 14.51 -39.94
C LYS B 926 49.41 13.02 -40.28
N THR B 927 50.47 12.33 -39.83
CA THR B 927 50.62 10.88 -39.99
C THR B 927 50.74 10.23 -38.62
N ILE B 928 50.02 9.13 -38.43
CA ILE B 928 50.10 8.37 -37.19
C ILE B 928 50.79 7.06 -37.46
N THR B 929 51.74 6.69 -36.61
CA THR B 929 52.50 5.48 -36.85
C THR B 929 52.55 4.46 -35.73
N LEU B 930 52.40 3.20 -36.14
CA LEU B 930 52.63 2.04 -35.30
C LEU B 930 53.97 1.40 -35.64
N HIS B 931 54.96 1.45 -34.75
CA HIS B 931 56.22 0.81 -35.04
C HIS B 931 56.12 -0.67 -34.67
N MET B 932 55.66 -1.45 -35.65
CA MET B 932 55.51 -2.90 -35.53
C MET B 932 56.86 -3.60 -35.38
N GLY B 933 57.90 -3.01 -35.95
CA GLY B 933 59.29 -3.48 -35.78
C GLY B 933 59.96 -3.98 -37.04
N LYS B 934 61.28 -3.94 -37.03
CA LYS B 934 62.13 -4.42 -38.14
C LYS B 934 62.01 -5.93 -38.33
N ALA B 935 61.66 -6.64 -37.25
CA ALA B 935 61.36 -8.05 -37.38
C ALA B 935 60.09 -8.19 -38.24
N HIS B 936 59.41 -7.11 -38.57
CA HIS B 936 58.17 -7.24 -39.36
C HIS B 936 58.19 -6.39 -40.63
N LYS B 937 59.30 -6.40 -41.36
CA LYS B 937 59.43 -5.55 -42.54
C LYS B 937 58.55 -6.06 -43.68
N ASN B 938 57.92 -5.12 -44.39
CA ASN B 938 57.18 -5.40 -45.63
C ASN B 938 55.96 -6.28 -45.45
N GLN B 939 55.57 -6.52 -44.21
CA GLN B 939 54.50 -7.44 -43.91
C GLN B 939 53.14 -6.76 -44.08
N LEU B 940 52.13 -7.60 -44.35
CA LEU B 940 50.74 -7.18 -44.46
C LEU B 940 50.00 -7.43 -43.16
N TYR B 941 49.30 -6.40 -42.69
CA TYR B 941 48.55 -6.46 -41.44
C TYR B 941 47.08 -6.14 -41.70
N ARG B 942 46.18 -6.79 -40.96
CA ARG B 942 44.74 -6.56 -41.11
C ARG B 942 44.10 -6.17 -39.79
N ALA B 943 43.25 -5.15 -39.84
CA ALA B 943 42.58 -4.63 -38.66
C ALA B 943 41.80 -5.76 -37.94
N LEU B 944 41.86 -5.80 -36.63
CA LEU B 944 41.04 -6.69 -35.79
C LEU B 944 39.79 -5.93 -35.33
N VAL B 945 39.98 -4.64 -35.07
CA VAL B 945 38.99 -3.80 -34.41
C VAL B 945 39.24 -2.36 -34.85
N LEU B 946 38.19 -1.70 -35.36
CA LEU B 946 38.24 -0.27 -35.74
C LEU B 946 36.97 0.47 -35.33
N SER B 947 37.14 1.61 -34.67
CA SER B 947 36.02 2.42 -34.20
C SER B 947 35.45 3.30 -35.30
N ASN B 948 34.18 3.68 -35.15
CA ASN B 948 33.51 4.59 -36.08
C ASN B 948 32.36 5.29 -35.35
N ASP B 949 31.56 6.08 -36.07
CA ASP B 949 30.57 6.96 -35.43
C ASP B 949 29.31 6.28 -34.85
N SER B 950 29.08 5.03 -35.25
CA SER B 950 27.93 4.24 -34.73
C SER B 950 28.34 3.07 -33.82
N GLY B 951 29.59 2.60 -33.91
CA GLY B 951 30.09 1.55 -33.00
C GLY B 951 31.57 1.26 -33.20
N ILE B 952 31.94 0.01 -32.96
CA ILE B 952 33.28 -0.49 -33.23
C ILE B 952 33.11 -1.76 -34.04
N ASP B 953 33.65 -1.79 -35.27
CA ASP B 953 33.63 -2.99 -36.12
C ASP B 953 34.62 -4.02 -35.58
N VAL B 954 34.24 -5.29 -35.64
CA VAL B 954 35.09 -6.40 -35.24
C VAL B 954 35.32 -7.33 -36.44
N TYR B 955 36.58 -7.66 -36.74
CA TYR B 955 36.92 -8.47 -37.92
C TYR B 955 37.44 -9.82 -37.50
N ASP B 956 36.64 -10.85 -37.80
CA ASP B 956 36.83 -12.20 -37.26
C ASP B 956 37.89 -12.99 -38.02
N SER B 957 38.07 -12.66 -39.29
CA SER B 957 39.05 -13.34 -40.15
C SER B 957 39.78 -12.35 -41.06
N ASP B 958 40.88 -12.81 -41.63
CA ASP B 958 41.72 -12.00 -42.51
C ASP B 958 40.97 -11.55 -43.76
N ASP B 959 40.09 -12.42 -44.27
CA ASP B 959 39.38 -12.15 -45.52
C ASP B 959 38.45 -10.93 -45.48
N LYS B 960 37.83 -10.64 -44.34
CA LYS B 960 36.84 -9.55 -44.25
C LYS B 960 37.40 -8.25 -43.70
N ALA B 961 38.71 -8.18 -43.47
CA ALA B 961 39.27 -7.01 -42.82
C ALA B 961 39.98 -6.11 -43.82
N PRO B 962 39.86 -4.80 -43.61
CA PRO B 962 40.73 -3.91 -44.35
C PRO B 962 42.20 -4.32 -44.13
N THR B 963 43.03 -4.18 -45.16
CA THR B 963 44.45 -4.56 -45.10
C THR B 963 45.35 -3.33 -45.21
N LEU B 964 46.53 -3.42 -44.64
CA LEU B 964 47.57 -2.42 -44.78
C LEU B 964 48.87 -3.14 -44.74
N ARG B 965 49.85 -2.65 -45.48
CA ARG B 965 51.15 -3.29 -45.49
C ARG B 965 52.21 -2.44 -44.84
N THR B 966 53.03 -3.08 -44.02
CA THR B 966 54.13 -2.43 -43.37
C THR B 966 55.25 -2.14 -44.39
N ASN B 967 56.01 -1.09 -44.15
CA ASN B 967 57.09 -0.67 -45.02
C ASN B 967 58.39 -1.44 -44.72
N ASP B 968 59.50 -0.97 -45.28
CA ASP B 968 60.81 -1.60 -45.07
C ASP B 968 61.20 -1.62 -43.57
N ASN B 969 60.90 -0.53 -42.87
CA ASN B 969 61.23 -0.41 -41.44
C ASN B 969 60.37 -1.24 -40.45
N GLY B 970 59.13 -1.49 -40.80
CA GLY B 970 58.16 -2.19 -39.92
C GLY B 970 56.93 -1.37 -39.60
N ASP B 971 57.03 -0.07 -39.87
CA ASP B 971 55.99 0.88 -39.49
C ASP B 971 54.76 0.79 -40.39
N LEU B 972 53.58 0.89 -39.79
CA LEU B 972 52.31 1.09 -40.48
C LEU B 972 51.93 2.57 -40.39
N ILE B 973 51.83 3.28 -41.51
CA ILE B 973 51.60 4.74 -41.47
C ILE B 973 50.11 5.05 -41.66
N PHE B 974 49.59 5.97 -40.85
CA PHE B 974 48.17 6.33 -40.91
C PHE B 974 47.99 7.82 -41.16
N HIS B 975 46.92 8.15 -41.87
CA HIS B 975 46.62 9.52 -42.24
C HIS B 975 45.23 9.93 -41.76
N LYS B 976 44.95 11.22 -41.87
CA LYS B 976 43.63 11.77 -41.51
C LYS B 976 42.61 11.00 -42.28
N THR B 977 42.93 10.84 -43.57
CA THR B 977 42.12 10.05 -44.45
C THR B 977 42.98 8.88 -44.94
N ASN B 978 42.37 7.69 -44.97
CA ASN B 978 43.08 6.48 -45.38
C ASN B 978 42.26 5.68 -46.40
N THR B 979 42.95 5.04 -47.33
CA THR B 979 42.31 4.08 -48.24
C THR B 979 42.88 2.68 -48.03
N PHE B 980 42.02 1.74 -47.65
CA PHE B 980 42.42 0.35 -47.42
C PHE B 980 41.78 -0.60 -48.40
N VAL B 981 42.47 -1.69 -48.72
CA VAL B 981 41.94 -2.67 -49.64
C VAL B 981 41.87 -4.05 -48.98
N LYS B 982 40.75 -4.72 -49.18
CA LYS B 982 40.55 -6.08 -48.67
C LYS B 982 41.37 -7.09 -49.49
N GLN B 983 41.35 -8.34 -49.05
CA GLN B 983 41.97 -9.44 -49.81
C GLN B 983 41.26 -9.66 -51.15
N ASP B 984 39.95 -9.40 -51.19
CA ASP B 984 39.17 -9.35 -52.44
C ASP B 984 39.67 -8.29 -53.41
N GLY B 985 40.33 -7.26 -52.90
CA GLY B 985 40.70 -6.10 -53.72
C GLY B 985 39.68 -4.98 -53.52
N THR B 986 38.70 -5.20 -52.63
CA THR B 986 37.69 -4.21 -52.36
C THR B 986 38.32 -3.04 -51.63
N ILE B 987 37.99 -1.83 -52.07
CA ILE B 987 38.55 -0.60 -51.51
C ILE B 987 37.67 -0.13 -50.35
N ILE B 988 38.27 0.05 -49.18
CA ILE B 988 37.59 0.60 -48.01
C ILE B 988 38.21 1.95 -47.63
N ASN B 989 37.38 2.91 -47.24
CA ASN B 989 37.86 4.20 -46.76
C ASN B 989 37.67 4.34 -45.25
N TYR B 990 38.55 5.07 -44.61
CA TYR B 990 38.50 5.15 -43.15
C TYR B 990 39.23 6.37 -42.62
N GLU B 991 38.53 7.17 -41.81
CA GLU B 991 39.10 8.37 -41.24
C GLU B 991 39.59 8.13 -39.80
N MET B 992 40.82 8.58 -39.48
CA MET B 992 41.30 8.64 -38.09
C MET B 992 40.54 9.77 -37.41
N LYS B 993 39.42 9.37 -36.83
CA LYS B 993 38.38 10.28 -36.35
C LYS B 993 37.98 9.80 -34.97
N GLY B 994 38.03 10.68 -33.99
CA GLY B 994 37.40 10.40 -32.70
C GLY B 994 35.90 10.24 -32.91
N SER B 995 35.29 9.29 -32.21
CA SER B 995 33.86 9.02 -32.32
C SER B 995 33.18 9.09 -30.96
N LEU B 996 31.85 9.19 -30.97
CA LEU B 996 31.06 9.18 -29.74
C LEU B 996 29.84 8.30 -29.93
N ASN B 997 29.79 7.19 -29.17
CA ASN B 997 28.66 6.27 -29.16
C ASN B 997 28.72 5.40 -27.90
N ALA B 998 27.78 4.46 -27.76
CA ALA B 998 27.75 3.59 -26.56
C ALA B 998 29.05 2.81 -26.31
N LEU B 999 29.76 2.41 -27.37
CA LEU B 999 30.96 1.59 -27.22
C LEU B 999 32.28 2.38 -27.03
N ILE B 1000 32.29 3.66 -27.43
CA ILE B 1000 33.51 4.45 -27.34
C ILE B 1000 33.28 5.97 -27.25
N SER B 1001 34.19 6.63 -26.53
CA SER B 1001 34.32 8.08 -26.51
C SER B 1001 35.79 8.43 -26.74
N GLY B 1002 36.20 8.32 -28.00
CA GLY B 1002 37.60 8.47 -28.40
C GLY B 1002 37.89 7.67 -29.65
N TYR B 1003 39.12 7.17 -29.77
CA TYR B 1003 39.51 6.31 -30.88
C TYR B 1003 39.99 4.95 -30.42
N LEU B 1004 39.75 3.91 -31.22
CA LEU B 1004 40.34 2.59 -31.02
C LEU B 1004 40.61 1.89 -32.34
N GLY B 1005 41.88 1.55 -32.59
CA GLY B 1005 42.27 0.73 -33.73
C GLY B 1005 43.24 -0.37 -33.29
N VAL B 1006 42.95 -1.61 -33.67
CA VAL B 1006 43.86 -2.73 -33.39
C VAL B 1006 44.17 -3.48 -34.67
N TRP B 1007 45.45 -3.79 -34.88
CA TRP B 1007 45.89 -4.43 -36.11
C TRP B 1007 46.71 -5.68 -35.84
N VAL B 1008 46.44 -6.70 -36.64
CA VAL B 1008 47.10 -7.99 -36.50
C VAL B 1008 47.62 -8.45 -37.84
N PRO B 1009 48.73 -9.24 -37.82
CA PRO B 1009 49.31 -9.74 -39.08
C PRO B 1009 48.37 -10.75 -39.74
N VAL B 1010 48.20 -10.62 -41.05
CA VAL B 1010 47.42 -11.57 -41.83
C VAL B 1010 48.17 -12.87 -42.01
N GLY B 1011 47.43 -13.96 -42.21
CA GLY B 1011 48.00 -15.27 -42.44
C GLY B 1011 48.25 -16.10 -41.19
N ALA B 1012 47.75 -15.66 -40.06
CA ALA B 1012 47.91 -16.41 -38.82
C ALA B 1012 47.12 -17.74 -38.86
N SER B 1013 47.78 -18.82 -38.45
CA SER B 1013 47.13 -20.14 -38.39
C SER B 1013 45.90 -20.13 -37.51
N ASP B 1014 44.94 -20.99 -37.82
CA ASP B 1014 43.72 -21.09 -37.00
C ASP B 1014 44.00 -21.63 -35.60
N SER B 1015 45.07 -22.40 -35.45
CA SER B 1015 45.42 -23.00 -34.16
C SER B 1015 46.58 -22.25 -33.50
N GLN B 1016 46.96 -21.08 -34.05
CA GLN B 1016 48.15 -20.38 -33.58
C GLN B 1016 47.95 -20.03 -32.13
N ASP B 1017 48.93 -20.43 -31.32
CA ASP B 1017 48.94 -20.18 -29.91
C ASP B 1017 50.31 -19.53 -29.62
N ALA B 1018 50.28 -18.28 -29.13
CA ALA B 1018 51.51 -17.55 -28.82
C ALA B 1018 51.99 -17.71 -27.39
N ARG B 1019 51.21 -18.45 -26.60
CA ARG B 1019 51.43 -18.60 -25.18
C ARG B 1019 52.65 -19.46 -24.81
N THR B 1020 53.26 -19.17 -23.69
CA THR B 1020 54.41 -19.90 -23.22
C THR B 1020 53.99 -20.85 -22.10
N VAL B 1021 54.32 -22.13 -22.23
CA VAL B 1021 54.10 -23.07 -21.14
C VAL B 1021 55.12 -22.83 -20.01
N ALA B 1022 54.68 -23.03 -18.77
CA ALA B 1022 55.55 -22.81 -17.62
C ALA B 1022 56.54 -23.95 -17.45
N THR B 1023 57.78 -23.61 -17.12
CA THR B 1023 58.88 -24.57 -17.09
C THR B 1023 59.01 -25.26 -15.75
N GLU B 1024 59.31 -26.55 -15.78
CA GLU B 1024 59.40 -27.38 -14.57
C GLU B 1024 60.74 -27.24 -13.85
N SER B 1025 61.67 -26.52 -14.47
CA SER B 1025 63.00 -26.31 -13.94
C SER B 1025 63.02 -25.23 -12.87
N SER B 1026 63.99 -25.31 -11.96
CA SER B 1026 64.13 -24.29 -10.95
C SER B 1026 64.71 -23.06 -11.61
N SER B 1027 63.88 -22.38 -12.40
CA SER B 1027 64.31 -21.18 -13.09
C SER B 1027 64.86 -20.16 -12.10
N SER B 1028 64.22 -20.00 -10.95
CA SER B 1028 64.61 -18.98 -9.98
C SER B 1028 64.93 -19.60 -8.62
N ASN B 1029 66.14 -19.34 -8.12
CA ASN B 1029 66.62 -19.85 -6.83
C ASN B 1029 66.35 -18.90 -5.66
N ASP B 1030 65.64 -17.80 -5.94
CA ASP B 1030 65.36 -16.77 -4.91
C ASP B 1030 64.58 -17.31 -3.70
N GLY B 1031 63.65 -18.22 -3.94
CA GLY B 1031 62.63 -18.59 -2.95
C GLY B 1031 61.29 -17.90 -3.21
N SER B 1032 61.27 -16.99 -4.18
CA SER B 1032 60.05 -16.39 -4.70
C SER B 1032 59.15 -17.42 -5.35
N VAL B 1033 57.85 -17.17 -5.30
CA VAL B 1033 56.88 -18.06 -5.88
C VAL B 1033 56.57 -17.62 -7.30
N PHE B 1034 55.86 -16.52 -7.46
CA PHE B 1034 55.54 -16.04 -8.81
C PHE B 1034 56.66 -15.21 -9.41
N HIS B 1035 56.76 -15.29 -10.74
CA HIS B 1035 57.76 -14.52 -11.48
C HIS B 1035 57.11 -13.97 -12.73
N SER B 1036 57.25 -12.67 -12.94
CA SER B 1036 56.65 -12.02 -14.10
C SER B 1036 57.50 -12.40 -15.31
N ASN B 1037 56.90 -13.17 -16.20
CA ASN B 1037 57.55 -13.59 -17.43
C ASN B 1037 56.51 -14.01 -18.46
N ALA B 1038 56.95 -14.48 -19.64
CA ALA B 1038 56.03 -14.83 -20.73
C ALA B 1038 55.03 -15.93 -20.33
N ALA B 1039 55.46 -16.86 -19.49
CA ALA B 1039 54.59 -17.93 -19.01
C ALA B 1039 53.49 -17.39 -18.12
N LEU B 1040 53.84 -16.61 -17.11
CA LEU B 1040 52.83 -16.01 -16.23
C LEU B 1040 51.88 -15.13 -17.06
N ASP B 1041 52.44 -14.39 -18.02
CA ASP B 1041 51.65 -13.49 -18.87
C ASP B 1041 50.64 -14.23 -19.73
N SER B 1042 50.87 -15.51 -19.96
CA SER B 1042 49.96 -16.34 -20.78
C SER B 1042 48.66 -16.70 -20.06
N ASN B 1043 48.54 -16.34 -18.79
CA ASN B 1043 47.33 -16.58 -18.02
C ASN B 1043 46.33 -15.46 -18.09
N VAL B 1044 45.07 -15.80 -17.91
CA VAL B 1044 43.99 -14.83 -17.77
C VAL B 1044 43.01 -15.31 -16.71
N ILE B 1045 42.71 -14.44 -15.75
CA ILE B 1045 41.75 -14.76 -14.70
C ILE B 1045 40.42 -14.18 -15.10
N TYR B 1046 39.35 -14.92 -14.88
CA TYR B 1046 38.02 -14.41 -15.15
C TYR B 1046 37.27 -14.31 -13.86
N GLU B 1047 36.73 -13.14 -13.60
CA GLU B 1047 35.97 -12.91 -12.37
C GLU B 1047 34.50 -13.17 -12.72
N GLY B 1048 34.00 -14.29 -12.24
CA GLY B 1048 32.77 -14.86 -12.78
C GLY B 1048 31.49 -14.51 -12.13
N PHE B 1049 31.48 -13.45 -11.34
CA PHE B 1049 30.27 -13.11 -10.61
C PHE B 1049 30.10 -11.61 -10.51
N SER B 1050 28.88 -11.22 -10.20
CA SER B 1050 28.53 -9.85 -9.88
C SER B 1050 27.75 -9.90 -8.58
N ASN B 1051 28.06 -9.00 -7.66
CA ASN B 1051 27.32 -8.94 -6.41
C ASN B 1051 25.84 -8.67 -6.57
N PHE B 1052 25.43 -8.21 -7.74
CA PHE B 1052 24.08 -7.75 -7.93
C PHE B 1052 23.23 -8.66 -8.79
N GLN B 1053 23.72 -9.88 -8.98
CA GLN B 1053 22.95 -10.92 -9.64
C GLN B 1053 21.66 -11.13 -8.85
N ALA B 1054 20.57 -11.43 -9.56
CA ALA B 1054 19.34 -11.85 -8.91
C ALA B 1054 19.50 -13.28 -8.37
N MET B 1055 18.62 -13.66 -7.44
CA MET B 1055 18.58 -15.04 -6.97
C MET B 1055 18.09 -15.92 -8.12
N PRO B 1056 18.59 -17.17 -8.21
CA PRO B 1056 18.10 -18.08 -9.23
C PRO B 1056 16.58 -18.28 -9.22
N THR B 1057 15.95 -18.12 -10.38
CA THR B 1057 14.53 -18.38 -10.52
C THR B 1057 14.27 -19.89 -10.49
N SER B 1058 15.24 -20.68 -10.93
CA SER B 1058 15.14 -22.14 -10.89
C SER B 1058 16.53 -22.76 -10.64
N PRO B 1059 16.57 -23.98 -10.09
CA PRO B 1059 17.88 -24.65 -9.89
C PRO B 1059 18.72 -24.79 -11.14
N GLU B 1060 18.09 -24.86 -12.32
CA GLU B 1060 18.81 -25.03 -13.59
C GLU B 1060 19.60 -23.77 -13.96
N GLN B 1061 19.17 -22.61 -13.47
CA GLN B 1061 19.81 -21.34 -13.80
C GLN B 1061 20.77 -20.81 -12.72
N SER B 1062 21.10 -21.64 -11.75
CA SER B 1062 22.07 -21.27 -10.74
C SER B 1062 23.44 -21.16 -11.38
N THR B 1063 24.17 -20.12 -10.99
CA THR B 1063 25.49 -19.80 -11.52
C THR B 1063 26.38 -21.02 -11.78
N ASN B 1064 26.57 -21.87 -10.77
CA ASN B 1064 27.49 -22.98 -10.87
C ASN B 1064 27.04 -24.12 -11.80
N VAL B 1065 25.73 -24.27 -11.98
CA VAL B 1065 25.21 -25.18 -12.99
C VAL B 1065 25.57 -24.62 -14.36
N VAL B 1066 25.25 -23.35 -14.58
CA VAL B 1066 25.58 -22.66 -15.82
C VAL B 1066 27.08 -22.71 -16.12
N ILE B 1067 27.94 -22.51 -15.13
CA ILE B 1067 29.38 -22.57 -15.36
C ILE B 1067 29.79 -23.94 -15.91
N ALA B 1068 29.18 -25.01 -15.39
CA ALA B 1068 29.49 -26.36 -15.88
C ALA B 1068 29.11 -26.56 -17.36
N THR B 1069 27.91 -26.16 -17.75
CA THR B 1069 27.51 -26.27 -19.15
C THR B 1069 28.36 -25.37 -20.07
N LYS B 1070 28.79 -24.22 -19.58
CA LYS B 1070 29.52 -23.22 -20.38
C LYS B 1070 31.07 -23.23 -20.28
N ALA B 1071 31.67 -24.18 -19.56
CA ALA B 1071 33.12 -24.20 -19.36
C ALA B 1071 33.92 -24.05 -20.68
N ASN B 1072 33.57 -24.85 -21.68
CA ASN B 1072 34.04 -24.69 -23.07
C ASN B 1072 34.29 -23.24 -23.52
N LEU B 1073 33.27 -22.40 -23.41
CA LEU B 1073 33.32 -21.01 -23.88
C LEU B 1073 34.52 -20.22 -23.34
N PHE B 1074 34.90 -20.49 -22.09
CA PHE B 1074 36.01 -19.84 -21.44
C PHE B 1074 37.37 -20.40 -21.77
N LYS B 1075 37.45 -21.69 -22.10
CA LYS B 1075 38.70 -22.25 -22.60
C LYS B 1075 39.12 -21.49 -23.85
N GLU B 1076 38.16 -21.24 -24.76
CA GLU B 1076 38.42 -20.59 -26.05
C GLU B 1076 38.67 -19.07 -25.96
N LEU B 1077 38.30 -18.44 -24.84
CA LEU B 1077 38.70 -17.06 -24.55
C LEU B 1077 40.04 -16.95 -23.82
N GLY B 1078 40.64 -18.09 -23.48
CA GLY B 1078 41.98 -18.12 -22.92
C GLY B 1078 42.02 -17.97 -21.42
N ILE B 1079 40.90 -18.20 -20.77
CA ILE B 1079 40.86 -18.16 -19.31
C ILE B 1079 41.63 -19.38 -18.84
N THR B 1080 42.64 -19.18 -18.00
CA THR B 1080 43.37 -20.26 -17.38
C THR B 1080 42.98 -20.45 -15.92
N SER B 1081 42.37 -19.44 -15.30
CA SER B 1081 41.80 -19.56 -13.95
C SER B 1081 40.46 -18.83 -13.78
N PHE B 1082 39.51 -19.51 -13.14
CA PHE B 1082 38.15 -19.00 -12.96
C PHE B 1082 37.97 -18.56 -11.51
N GLU B 1083 37.81 -17.26 -11.30
CA GLU B 1083 37.57 -16.74 -9.96
C GLU B 1083 36.08 -16.80 -9.69
N LEU B 1084 35.70 -17.76 -8.86
CA LEU B 1084 34.31 -17.97 -8.48
C LEU B 1084 33.99 -17.12 -7.27
N ALA B 1085 32.74 -16.70 -7.17
CA ALA B 1085 32.25 -15.98 -6.01
C ALA B 1085 32.52 -16.78 -4.73
N PRO B 1086 32.48 -16.11 -3.58
CA PRO B 1086 32.57 -16.81 -2.31
C PRO B 1086 31.34 -17.66 -2.11
N GLN B 1087 31.56 -18.93 -1.79
CA GLN B 1087 30.49 -19.92 -1.85
C GLN B 1087 29.80 -20.16 -0.50
N TYR B 1088 30.03 -19.27 0.46
CA TYR B 1088 29.63 -19.50 1.86
C TYR B 1088 28.19 -19.11 2.03
N ARG B 1089 27.47 -19.80 2.90
CA ARG B 1089 26.04 -19.58 3.05
C ARG B 1089 25.75 -18.19 3.59
N SER B 1090 24.91 -17.45 2.87
CA SER B 1090 24.57 -16.08 3.22
C SER B 1090 23.84 -16.03 4.52
N SER B 1091 24.16 -15.00 5.30
CA SER B 1091 23.46 -14.70 6.53
C SER B 1091 22.12 -14.03 6.24
N GLY B 1092 21.95 -13.54 5.02
CA GLY B 1092 20.63 -13.17 4.52
C GLY B 1092 20.01 -11.95 5.20
N ASP B 1093 18.73 -12.07 5.55
CA ASP B 1093 17.98 -10.99 6.19
C ASP B 1093 18.14 -11.01 7.71
N THR B 1094 18.85 -12.01 8.24
CA THR B 1094 19.07 -12.14 9.69
C THR B 1094 19.85 -10.94 10.18
N ASN B 1095 19.37 -10.31 11.24
CA ASN B 1095 19.94 -9.06 11.71
C ASN B 1095 19.60 -8.87 13.18
N TYR B 1096 20.58 -9.16 14.04
CA TYR B 1096 20.40 -9.13 15.50
C TYR B 1096 20.46 -7.71 16.08
N GLY B 1097 21.16 -6.84 15.41
CA GLY B 1097 21.09 -5.41 15.70
C GLY B 1097 21.93 -4.69 14.66
N GLY B 1098 21.82 -3.37 14.63
CA GLY B 1098 22.67 -2.56 13.79
C GLY B 1098 22.27 -2.58 12.33
N MET B 1099 23.09 -1.95 11.51
CA MET B 1099 22.79 -1.83 10.09
C MET B 1099 23.13 -3.11 9.37
N SER B 1100 22.20 -3.59 8.56
CA SER B 1100 22.44 -4.70 7.66
C SER B 1100 23.31 -4.15 6.53
N PHE B 1101 24.18 -4.98 5.97
CA PHE B 1101 25.00 -4.56 4.80
C PHE B 1101 24.55 -5.27 3.53
N LEU B 1102 24.84 -4.68 2.36
CA LEU B 1102 24.36 -5.25 1.09
C LEU B 1102 24.89 -6.65 0.78
N ASP B 1103 26.10 -6.96 1.24
CA ASP B 1103 26.64 -8.32 1.14
C ASP B 1103 25.74 -9.39 1.75
N SER B 1104 25.01 -9.01 2.81
CA SER B 1104 24.12 -9.93 3.52
C SER B 1104 22.77 -10.09 2.85
N PHE B 1105 22.08 -8.99 2.57
CA PHE B 1105 20.73 -9.11 2.01
C PHE B 1105 20.70 -9.41 0.49
N LEU B 1106 21.81 -9.20 -0.21
CA LEU B 1106 21.94 -9.64 -1.59
C LEU B 1106 22.59 -11.01 -1.71
N ASN B 1107 22.84 -11.68 -0.59
CA ASN B 1107 23.25 -13.09 -0.59
C ASN B 1107 24.43 -13.39 -1.50
N ASN B 1108 25.34 -12.44 -1.61
CA ASN B 1108 26.46 -12.62 -2.53
C ASN B 1108 27.57 -13.52 -2.03
N GLY B 1109 27.52 -13.90 -0.76
CA GLY B 1109 28.46 -14.86 -0.20
C GLY B 1109 29.58 -14.23 0.63
N TYR B 1110 29.76 -12.92 0.52
CA TYR B 1110 30.75 -12.22 1.34
C TYR B 1110 30.29 -12.08 2.79
N ALA B 1111 28.98 -12.21 3.06
CA ALA B 1111 28.45 -12.15 4.42
C ALA B 1111 27.84 -13.49 4.78
N PHE B 1112 28.41 -14.17 5.75
CA PHE B 1112 28.03 -15.54 6.05
C PHE B 1112 28.03 -15.83 7.54
N THR B 1113 27.20 -16.78 7.94
CA THR B 1113 27.14 -17.24 9.31
C THR B 1113 28.08 -18.39 9.52
N ASP B 1114 28.16 -19.27 8.54
CA ASP B 1114 28.96 -20.46 8.63
C ASP B 1114 30.02 -20.52 7.52
N ARG B 1115 31.28 -20.69 7.93
CA ARG B 1115 32.42 -20.67 6.99
C ARG B 1115 32.57 -21.93 6.15
N TYR B 1116 32.00 -23.04 6.63
CA TYR B 1116 32.17 -24.31 5.97
C TYR B 1116 30.95 -24.82 5.19
N ASP B 1117 29.81 -24.13 5.32
CA ASP B 1117 28.60 -24.47 4.57
C ASP B 1117 28.65 -23.77 3.22
N LEU B 1118 28.98 -24.55 2.20
CA LEU B 1118 29.09 -24.05 0.84
C LEU B 1118 27.85 -24.41 0.01
N GLY B 1119 26.77 -24.81 0.67
CA GLY B 1119 25.52 -25.17 0.00
C GLY B 1119 24.92 -26.53 0.34
N PHE B 1120 25.23 -27.06 1.52
CA PHE B 1120 24.78 -28.40 1.87
C PHE B 1120 23.28 -28.45 2.12
N ASN B 1121 22.73 -29.65 1.98
CA ASN B 1121 21.32 -29.88 2.23
C ASN B 1121 20.96 -29.63 3.70
N LYS B 1122 19.71 -29.28 3.92
CA LYS B 1122 19.18 -29.24 5.27
C LYS B 1122 19.35 -30.61 5.87
N ALA B 1123 19.27 -30.68 7.21
CA ALA B 1123 19.43 -31.96 7.91
C ALA B 1123 18.33 -32.96 7.59
N ASP B 1124 17.13 -32.46 7.24
CA ASP B 1124 16.01 -33.35 6.81
C ASP B 1124 16.15 -33.89 5.38
N GLY B 1125 17.20 -33.49 4.67
CA GLY B 1125 17.49 -34.01 3.35
C GLY B 1125 17.13 -33.09 2.19
N ASN B 1126 16.37 -32.03 2.47
CA ASN B 1126 15.95 -31.10 1.45
C ASN B 1126 17.12 -30.27 0.97
N PRO B 1127 17.07 -29.84 -0.29
CA PRO B 1127 18.13 -29.00 -0.82
C PRO B 1127 18.10 -27.66 -0.13
N ASN B 1128 19.25 -27.01 -0.05
CA ASN B 1128 19.40 -25.69 0.54
C ASN B 1128 20.57 -24.97 -0.15
N PRO B 1129 20.36 -24.62 -1.43
CA PRO B 1129 21.43 -23.95 -2.16
C PRO B 1129 21.80 -22.59 -1.59
N THR B 1130 23.01 -22.17 -1.88
CA THR B 1130 23.40 -20.77 -1.73
C THR B 1130 22.73 -19.99 -2.87
N LYS B 1131 23.18 -18.78 -3.14
CA LYS B 1131 22.75 -18.07 -4.33
C LYS B 1131 23.28 -18.73 -5.62
N TYR B 1132 24.36 -19.50 -5.48
CA TYR B 1132 25.05 -20.08 -6.61
C TYR B 1132 24.79 -21.58 -6.79
N GLY B 1133 24.02 -22.18 -5.88
CA GLY B 1133 23.64 -23.60 -5.99
C GLY B 1133 24.14 -24.47 -4.87
N THR B 1134 23.89 -25.78 -4.99
CA THR B 1134 24.22 -26.75 -3.94
C THR B 1134 25.71 -27.03 -3.92
N ASP B 1135 26.15 -27.82 -2.94
CA ASP B 1135 27.56 -28.23 -2.85
C ASP B 1135 27.97 -29.13 -4.00
N GLN B 1136 27.05 -29.99 -4.46
CA GLN B 1136 27.31 -30.78 -5.66
C GLN B 1136 27.45 -29.88 -6.89
N ASP B 1137 26.62 -28.86 -7.00
CA ASP B 1137 26.72 -27.94 -8.13
C ASP B 1137 28.11 -27.32 -8.23
N LEU B 1138 28.68 -27.01 -7.07
CA LEU B 1138 30.00 -26.41 -6.97
C LEU B 1138 31.08 -27.40 -7.37
N ARG B 1139 31.00 -28.62 -6.85
CA ARG B 1139 31.95 -29.67 -7.23
C ARG B 1139 31.88 -29.96 -8.72
N ASN B 1140 30.68 -29.96 -9.28
CA ASN B 1140 30.52 -30.18 -10.72
C ASN B 1140 31.07 -29.01 -11.53
N ALA B 1141 30.88 -27.80 -11.03
CA ALA B 1141 31.39 -26.62 -11.68
C ALA B 1141 32.91 -26.63 -11.70
N ILE B 1142 33.52 -27.03 -10.58
CA ILE B 1142 34.97 -27.08 -10.45
C ILE B 1142 35.58 -28.17 -11.34
N GLU B 1143 34.97 -29.36 -11.34
CA GLU B 1143 35.42 -30.46 -12.19
C GLU B 1143 35.37 -30.06 -13.67
N ALA B 1144 34.25 -29.49 -14.08
CA ALA B 1144 34.06 -29.01 -15.45
C ALA B 1144 35.15 -28.03 -15.89
N LEU B 1145 35.62 -27.19 -14.96
CA LEU B 1145 36.70 -26.28 -15.27
C LEU B 1145 38.01 -27.01 -15.44
N HIS B 1146 38.24 -28.06 -14.66
CA HIS B 1146 39.44 -28.89 -14.83
C HIS B 1146 39.43 -29.70 -16.13
N LYS B 1147 38.27 -30.29 -16.46
CA LYS B 1147 38.08 -30.93 -17.76
C LYS B 1147 38.37 -29.99 -18.93
N ASN B 1148 38.20 -28.68 -18.74
CA ASN B 1148 38.58 -27.69 -19.74
C ASN B 1148 39.86 -26.92 -19.43
N GLY B 1149 40.72 -27.51 -18.59
CA GLY B 1149 42.08 -27.00 -18.33
C GLY B 1149 42.16 -25.63 -17.69
N MET B 1150 41.13 -25.31 -16.90
CA MET B 1150 41.08 -24.09 -16.12
C MET B 1150 41.16 -24.41 -14.64
N GLN B 1151 41.78 -23.50 -13.88
CA GLN B 1151 41.80 -23.58 -12.42
C GLN B 1151 40.57 -22.91 -11.78
N ALA B 1152 40.28 -23.28 -10.54
CA ALA B 1152 39.21 -22.63 -9.77
C ALA B 1152 39.78 -21.90 -8.53
N ILE B 1153 39.42 -20.62 -8.41
CA ILE B 1153 39.86 -19.80 -7.29
C ILE B 1153 38.80 -19.72 -6.20
N ALA B 1154 39.22 -20.03 -4.98
CA ALA B 1154 38.38 -19.92 -3.78
C ALA B 1154 38.55 -18.55 -3.17
N ASP B 1155 37.44 -17.88 -2.83
CA ASP B 1155 37.52 -16.59 -2.11
C ASP B 1155 37.72 -16.85 -0.63
N TRP B 1156 38.93 -16.55 -0.14
CA TRP B 1156 39.26 -16.74 1.26
C TRP B 1156 38.97 -15.44 2.04
N VAL B 1157 38.00 -15.52 2.96
CA VAL B 1157 37.41 -14.34 3.61
C VAL B 1157 37.59 -14.42 5.14
N PRO B 1158 38.83 -14.23 5.61
CA PRO B 1158 39.11 -14.38 7.03
C PRO B 1158 38.75 -13.20 7.96
N ASP B 1159 38.42 -12.03 7.40
CA ASP B 1159 38.20 -10.82 8.22
C ASP B 1159 36.97 -10.85 9.14
N GLN B 1160 35.84 -11.38 8.67
CA GLN B 1160 34.62 -11.30 9.46
C GLN B 1160 33.63 -12.42 9.22
N ILE B 1161 32.62 -12.46 10.10
CA ILE B 1161 31.55 -13.43 10.04
C ILE B 1161 30.29 -12.71 10.55
N TYR B 1162 29.11 -13.01 10.00
CA TYR B 1162 27.87 -12.29 10.34
C TYR B 1162 26.88 -13.14 11.17
N ALA B 1163 25.95 -12.44 11.82
CA ALA B 1163 24.75 -13.04 12.37
C ALA B 1163 24.99 -14.34 13.14
N LEU B 1164 25.72 -14.19 14.24
CA LEU B 1164 25.94 -15.28 15.19
C LEU B 1164 24.80 -15.30 16.20
N PRO B 1165 24.14 -16.45 16.41
CA PRO B 1165 22.87 -16.46 17.17
C PRO B 1165 22.95 -16.34 18.68
N GLY B 1166 24.13 -16.53 19.26
CA GLY B 1166 24.26 -16.65 20.71
C GLY B 1166 24.87 -15.42 21.33
N LYS B 1167 24.27 -14.94 22.40
CA LYS B 1167 24.68 -13.67 23.04
C LYS B 1167 25.67 -13.90 24.16
N GLU B 1168 26.60 -12.97 24.31
CA GLU B 1168 27.52 -12.92 25.44
C GLU B 1168 27.65 -11.49 25.89
N VAL B 1169 28.21 -11.30 27.08
CA VAL B 1169 28.42 -9.94 27.61
C VAL B 1169 29.90 -9.64 27.45
N VAL B 1170 30.20 -8.63 26.65
CA VAL B 1170 31.58 -8.21 26.40
C VAL B 1170 31.80 -6.87 27.13
N THR B 1171 33.06 -6.51 27.29
CA THR B 1171 33.44 -5.18 27.70
C THR B 1171 33.92 -4.41 26.45
N ALA B 1172 33.25 -3.31 26.16
CA ALA B 1172 33.43 -2.67 24.87
C ALA B 1172 33.74 -1.16 24.97
N THR B 1173 34.59 -0.72 24.06
CA THR B 1173 34.89 0.68 23.84
C THR B 1173 34.54 1.07 22.38
N ARG B 1174 33.98 2.26 22.22
CA ARG B 1174 33.63 2.77 20.91
C ARG B 1174 34.90 3.23 20.18
N VAL B 1175 35.11 2.72 18.97
CA VAL B 1175 36.35 2.94 18.23
C VAL B 1175 36.07 3.25 16.77
N ASP B 1176 37.06 3.83 16.12
CA ASP B 1176 37.03 4.03 14.66
C ASP B 1176 37.61 2.82 13.93
N GLU B 1177 37.65 2.86 12.61
CA GLU B 1177 38.12 1.71 11.82
C GLU B 1177 39.48 1.14 12.23
N ARG B 1178 40.36 2.00 12.70
CA ARG B 1178 41.69 1.58 13.19
C ARG B 1178 41.72 1.12 14.66
N GLY B 1179 40.57 1.05 15.32
CA GLY B 1179 40.54 0.60 16.71
C GLY B 1179 41.05 1.61 17.72
N ASN B 1180 41.02 2.88 17.33
CA ASN B 1180 41.36 3.98 18.23
C ASN B 1180 40.10 4.55 18.84
N GLN B 1181 40.13 4.78 20.14
CA GLN B 1181 38.99 5.27 20.87
C GLN B 1181 38.55 6.58 20.26
N LEU B 1182 37.24 6.75 20.04
CA LEU B 1182 36.75 8.01 19.50
C LEU B 1182 37.12 9.10 20.48
N LYS B 1183 37.37 10.32 19.97
CA LYS B 1183 37.83 11.44 20.79
C LYS B 1183 36.84 11.86 21.90
N ASP B 1184 35.56 12.09 21.56
CA ASP B 1184 34.62 12.65 22.52
C ASP B 1184 33.62 11.59 22.93
N THR B 1185 34.11 10.46 23.45
CA THR B 1185 33.21 9.33 23.73
C THR B 1185 33.22 8.91 25.18
N ASP B 1186 32.03 8.73 25.74
CA ASP B 1186 31.88 8.20 27.09
C ASP B 1186 31.73 6.70 27.09
N PHE B 1187 31.60 6.11 25.91
CA PHE B 1187 31.48 4.67 25.75
C PHE B 1187 32.87 4.03 25.86
N VAL B 1188 33.37 3.90 27.10
CA VAL B 1188 34.69 3.34 27.36
C VAL B 1188 34.59 2.27 28.43
N ASN B 1189 35.04 1.07 28.11
CA ASN B 1189 34.96 -0.08 28.99
C ASN B 1189 33.58 -0.39 29.61
N LEU B 1190 32.53 -0.28 28.81
CA LEU B 1190 31.16 -0.57 29.27
C LEU B 1190 30.74 -2.01 28.91
N LEU B 1191 29.86 -2.58 29.72
CA LEU B 1191 29.35 -3.91 29.45
C LEU B 1191 28.28 -3.80 28.39
N TYR B 1192 28.32 -4.75 27.47
CA TYR B 1192 27.51 -4.72 26.27
C TYR B 1192 27.14 -6.14 25.92
N VAL B 1193 25.91 -6.33 25.42
CA VAL B 1193 25.48 -7.63 24.93
C VAL B 1193 25.74 -7.64 23.45
N ALA B 1194 26.61 -8.53 23.02
CA ALA B 1194 26.91 -8.70 21.62
C ALA B 1194 26.49 -10.09 21.16
N ASN B 1195 26.34 -10.25 19.85
CA ASN B 1195 26.02 -11.56 19.27
C ASN B 1195 27.31 -12.15 18.69
N THR B 1196 27.97 -12.99 19.49
CA THR B 1196 29.33 -13.43 19.21
C THR B 1196 29.51 -14.95 19.15
N LYS B 1197 28.50 -15.70 19.56
CA LYS B 1197 28.62 -17.13 19.74
C LYS B 1197 27.90 -17.86 18.61
N SER B 1198 28.61 -18.78 17.96
CA SER B 1198 28.02 -19.60 16.87
C SER B 1198 27.15 -20.73 17.47
N SER B 1199 26.33 -21.34 16.62
CA SER B 1199 25.31 -22.31 17.07
C SER B 1199 25.92 -23.53 17.75
N GLY B 1200 27.15 -23.89 17.35
CA GLY B 1200 27.84 -25.07 17.86
C GLY B 1200 27.34 -26.38 17.26
N VAL B 1201 26.39 -26.30 16.33
CA VAL B 1201 25.81 -27.48 15.71
C VAL B 1201 25.72 -27.27 14.17
N ASP B 1202 26.63 -26.44 13.66
CA ASP B 1202 26.67 -26.05 12.24
C ASP B 1202 27.89 -26.73 11.61
N TYR B 1203 28.24 -26.38 10.37
CA TYR B 1203 29.37 -27.02 9.70
C TYR B 1203 30.71 -26.54 10.26
N GLN B 1204 30.72 -25.38 10.90
CA GLN B 1204 31.90 -24.93 11.65
C GLN B 1204 32.20 -25.86 12.83
N ALA B 1205 31.16 -26.46 13.42
CA ALA B 1205 31.33 -27.45 14.49
C ALA B 1205 31.80 -28.81 13.92
N LYS B 1206 31.26 -29.21 12.77
CA LYS B 1206 31.69 -30.45 12.14
C LYS B 1206 33.16 -30.38 11.72
N TYR B 1207 33.50 -29.41 10.89
CA TYR B 1207 34.81 -29.35 10.23
C TYR B 1207 35.87 -28.47 10.91
N GLY B 1208 35.48 -27.69 11.92
CA GLY B 1208 36.45 -26.82 12.61
C GLY B 1208 37.63 -27.60 13.17
N GLY B 1209 38.84 -27.15 12.86
CA GLY B 1209 40.08 -27.77 13.34
C GLY B 1209 40.41 -29.22 12.98
N GLU B 1210 39.54 -29.88 12.23
CA GLU B 1210 39.64 -31.32 12.00
C GLU B 1210 40.85 -31.77 11.20
N PHE B 1211 41.36 -30.91 10.35
CA PHE B 1211 42.45 -31.25 9.43
C PHE B 1211 43.86 -30.90 9.94
N LEU B 1212 43.92 -30.22 11.07
CA LEU B 1212 45.18 -29.71 11.60
C LEU B 1212 46.14 -30.78 12.11
N ASP B 1213 45.61 -31.79 12.80
CA ASP B 1213 46.46 -32.84 13.35
C ASP B 1213 47.15 -33.66 12.24
N LYS B 1214 46.40 -34.02 11.20
CA LYS B 1214 46.99 -34.66 10.02
C LYS B 1214 48.04 -33.77 9.37
N LEU B 1215 47.77 -32.47 9.33
CA LEU B 1215 48.71 -31.50 8.77
C LEU B 1215 49.98 -31.29 9.61
N ARG B 1216 49.86 -31.33 10.94
CA ARG B 1216 51.02 -31.17 11.83
C ARG B 1216 51.94 -32.40 11.71
N GLU B 1217 51.35 -33.59 11.67
CA GLU B 1217 52.10 -34.82 11.45
C GLU B 1217 52.88 -34.79 10.14
N GLU B 1218 52.24 -34.35 9.06
CA GLU B 1218 52.87 -34.36 7.73
C GLU B 1218 53.81 -33.21 7.44
N TYR B 1219 53.53 -32.03 7.99
CA TYR B 1219 54.36 -30.85 7.72
C TYR B 1219 54.61 -30.08 9.02
N PRO B 1220 55.40 -30.66 9.95
CA PRO B 1220 55.62 -30.05 11.27
C PRO B 1220 55.98 -28.57 11.26
N SER B 1221 56.80 -28.15 10.28
CA SER B 1221 57.39 -26.81 10.28
C SER B 1221 56.33 -25.69 10.19
N LEU B 1222 55.22 -25.95 9.50
CA LEU B 1222 54.11 -25.00 9.45
C LEU B 1222 53.63 -24.59 10.84
N PHE B 1223 53.67 -25.53 11.77
CA PHE B 1223 53.19 -25.33 13.13
C PHE B 1223 54.29 -24.94 14.13
N LYS B 1224 55.54 -25.03 13.68
CA LYS B 1224 56.69 -24.61 14.47
C LYS B 1224 57.29 -23.26 14.07
N GLN B 1225 57.05 -22.82 12.83
CA GLN B 1225 57.56 -21.54 12.33
C GLN B 1225 56.88 -20.35 12.99
N ASN B 1226 57.67 -19.40 13.49
CA ASN B 1226 57.12 -18.17 14.08
C ASN B 1226 56.57 -17.19 13.06
N GLN B 1227 55.42 -16.61 13.38
CA GLN B 1227 54.79 -15.55 12.62
C GLN B 1227 55.32 -14.20 13.10
N VAL B 1228 55.34 -13.22 12.21
CA VAL B 1228 56.01 -11.95 12.50
C VAL B 1228 55.27 -11.08 13.52
N SER B 1229 53.96 -10.93 13.37
CA SER B 1229 53.21 -9.99 14.20
C SER B 1229 53.15 -10.39 15.67
N THR B 1230 53.26 -11.70 15.94
CA THR B 1230 53.07 -12.25 17.29
C THR B 1230 54.35 -12.77 17.95
N GLY B 1231 55.37 -13.06 17.16
CA GLY B 1231 56.57 -13.74 17.67
C GLY B 1231 56.36 -15.22 17.95
N GLN B 1232 55.16 -15.73 17.67
CA GLN B 1232 54.74 -17.06 18.06
C GLN B 1232 54.41 -17.84 16.82
N PRO B 1233 54.38 -19.18 16.93
CA PRO B 1233 53.86 -19.98 15.84
C PRO B 1233 52.36 -20.14 15.98
N ILE B 1234 51.69 -20.56 14.91
CA ILE B 1234 50.27 -20.88 14.99
C ILE B 1234 50.07 -22.03 16.00
N ASP B 1235 48.90 -22.04 16.62
CA ASP B 1235 48.62 -22.96 17.70
C ASP B 1235 47.42 -23.82 17.33
N ALA B 1236 47.70 -25.05 16.92
CA ALA B 1236 46.65 -26.05 16.68
C ALA B 1236 46.32 -26.88 17.95
N SER B 1237 46.87 -26.52 19.12
CA SER B 1237 46.58 -27.25 20.35
C SER B 1237 45.14 -27.02 20.85
N THR B 1238 44.48 -25.98 20.33
CA THR B 1238 43.09 -25.68 20.62
C THR B 1238 42.31 -25.55 19.30
N LYS B 1239 41.17 -26.21 19.21
CA LYS B 1239 40.37 -26.21 17.98
C LYS B 1239 39.13 -25.34 18.15
N ILE B 1240 38.71 -24.65 17.09
CA ILE B 1240 37.53 -23.78 17.14
C ILE B 1240 36.35 -24.44 16.44
N LYS B 1241 35.52 -25.15 17.21
CA LYS B 1241 34.26 -25.73 16.71
C LYS B 1241 33.11 -24.73 16.87
N GLN B 1242 33.32 -23.73 17.73
CA GLN B 1242 32.29 -22.73 18.00
C GLN B 1242 32.94 -21.36 18.16
N TRP B 1243 32.50 -20.39 17.39
CA TRP B 1243 32.99 -19.03 17.59
C TRP B 1243 32.39 -18.45 18.86
N SER B 1244 33.14 -17.55 19.48
CA SER B 1244 32.68 -16.80 20.63
C SER B 1244 33.52 -15.54 20.73
N ALA B 1245 33.11 -14.63 21.60
CA ALA B 1245 33.68 -13.28 21.64
C ALA B 1245 35.19 -13.28 21.83
N LYS B 1246 35.72 -14.25 22.56
CA LYS B 1246 37.15 -14.23 22.85
C LYS B 1246 38.03 -14.32 21.60
N TYR B 1247 37.47 -14.83 20.50
CA TYR B 1247 38.19 -14.86 19.23
C TYR B 1247 37.90 -13.64 18.33
N MET B 1248 37.22 -12.63 18.86
CA MET B 1248 36.79 -11.48 18.07
C MET B 1248 37.44 -10.22 18.56
N ASN B 1249 37.74 -9.30 17.65
CA ASN B 1249 38.20 -7.95 18.00
C ASN B 1249 37.05 -7.02 18.37
N GLY B 1250 35.89 -7.23 17.76
CA GLY B 1250 34.76 -6.40 18.00
C GLY B 1250 33.59 -6.64 17.06
N THR B 1251 32.76 -5.61 16.94
CA THR B 1251 31.54 -5.70 16.20
C THR B 1251 31.16 -4.32 15.73
N ASN B 1252 30.33 -4.25 14.71
CA ASN B 1252 29.67 -3.01 14.40
C ASN B 1252 28.67 -2.76 15.52
N ILE B 1253 28.39 -1.51 15.81
CA ILE B 1253 27.46 -1.15 16.86
C ILE B 1253 26.10 -1.80 16.63
N LEU B 1254 25.52 -2.35 17.69
CA LEU B 1254 24.28 -3.14 17.60
C LEU B 1254 23.02 -2.43 18.04
N HIS B 1255 23.12 -1.11 18.29
CA HIS B 1255 21.96 -0.26 18.58
C HIS B 1255 21.22 -0.66 19.87
N ARG B 1256 21.97 -1.18 20.82
CA ARG B 1256 21.38 -1.72 22.04
C ARG B 1256 21.48 -0.76 23.21
N GLY B 1257 22.53 0.05 23.22
CA GLY B 1257 22.66 1.11 24.16
C GLY B 1257 23.89 0.94 25.04
N ALA B 1258 24.37 2.04 25.61
CA ALA B 1258 25.50 2.01 26.52
C ALA B 1258 25.16 1.29 27.85
N TYR B 1259 23.90 1.33 28.27
CA TYR B 1259 23.50 0.71 29.56
C TYR B 1259 22.27 -0.20 29.41
N TYR B 1260 22.27 -1.01 28.34
CA TYR B 1260 21.31 -2.10 28.17
C TYR B 1260 21.60 -3.21 29.18
N VAL B 1261 22.87 -3.34 29.56
CA VAL B 1261 23.28 -4.16 30.68
C VAL B 1261 23.03 -3.35 31.93
N LEU B 1262 22.17 -3.85 32.83
CA LEU B 1262 21.65 -3.04 33.92
C LEU B 1262 22.62 -2.88 35.07
N LYS B 1263 22.57 -1.68 35.61
CA LYS B 1263 23.51 -1.25 36.60
C LYS B 1263 22.82 -0.30 37.60
N ASP B 1264 23.39 -0.22 38.79
CA ASP B 1264 22.94 0.70 39.82
C ASP B 1264 23.76 1.97 39.74
N TRP B 1265 23.09 3.12 39.66
CA TRP B 1265 23.84 4.39 39.47
C TRP B 1265 24.68 4.78 40.67
N ALA B 1266 24.21 4.37 41.84
CA ALA B 1266 24.80 4.79 43.08
C ALA B 1266 26.19 4.20 43.36
N THR B 1267 26.29 2.89 43.17
CA THR B 1267 27.53 2.16 43.41
C THR B 1267 28.28 1.87 42.11
N ASN B 1268 27.61 2.04 40.98
CA ASN B 1268 28.10 1.67 39.63
C ASN B 1268 28.39 0.19 39.44
N GLN B 1269 27.82 -0.65 40.30
CA GLN B 1269 27.96 -2.09 40.16
C GLN B 1269 26.86 -2.63 39.28
N TYR B 1270 27.18 -3.62 38.45
CA TYR B 1270 26.20 -4.21 37.54
C TYR B 1270 25.50 -5.34 38.27
N PHE B 1271 24.23 -5.52 38.02
CA PHE B 1271 23.50 -6.60 38.68
C PHE B 1271 23.99 -7.95 38.12
N ASN B 1272 24.12 -8.93 39.01
CA ASN B 1272 24.52 -10.28 38.59
C ASN B 1272 23.93 -11.35 39.49
N ILE B 1273 23.66 -12.51 38.90
CA ILE B 1273 23.01 -13.63 39.59
C ILE B 1273 23.63 -15.01 39.29
N ALA B 1274 24.84 -15.03 38.75
CA ALA B 1274 25.42 -16.29 38.25
C ALA B 1274 25.79 -17.25 39.38
N LYS B 1275 26.46 -16.72 40.39
CA LYS B 1275 26.88 -17.49 41.53
C LYS B 1275 26.26 -16.92 42.80
N THR B 1276 25.62 -17.79 43.59
CA THR B 1276 24.91 -17.42 44.83
C THR B 1276 25.76 -16.63 45.88
N ASN B 1277 27.09 -16.77 45.83
CA ASN B 1277 27.99 -16.05 46.76
C ASN B 1277 28.37 -14.62 46.35
N GLU B 1278 27.93 -14.19 45.16
CA GLU B 1278 28.26 -12.86 44.66
C GLU B 1278 27.06 -12.24 43.93
N VAL B 1279 25.87 -12.42 44.50
CA VAL B 1279 24.63 -11.89 43.93
C VAL B 1279 24.55 -10.40 44.21
N PHE B 1280 24.13 -9.63 43.21
CA PHE B 1280 23.82 -8.22 43.38
C PHE B 1280 22.52 -7.93 42.65
N LEU B 1281 21.49 -7.58 43.40
CA LEU B 1281 20.20 -7.21 42.85
C LEU B 1281 19.66 -5.97 43.53
N PRO B 1282 18.64 -5.33 42.94
CA PRO B 1282 17.98 -4.26 43.67
C PRO B 1282 17.35 -4.83 44.91
N LEU B 1283 17.20 -4.03 45.98
CA LEU B 1283 16.62 -4.55 47.23
C LEU B 1283 15.12 -4.90 47.19
N GLN B 1284 14.33 -4.30 46.29
CA GLN B 1284 12.90 -4.63 46.14
C GLN B 1284 12.74 -6.10 45.75
N LEU B 1285 13.63 -6.58 44.89
CA LEU B 1285 13.52 -7.91 44.37
C LEU B 1285 13.84 -9.01 45.37
N GLN B 1286 14.65 -8.71 46.40
CA GLN B 1286 15.00 -9.67 47.45
C GLN B 1286 14.12 -9.55 48.70
N ASN B 1287 13.03 -8.81 48.58
CA ASN B 1287 12.16 -8.47 49.72
C ASN B 1287 12.85 -7.75 50.90
N LYS B 1288 13.65 -6.73 50.58
CA LYS B 1288 14.28 -5.89 51.56
C LYS B 1288 13.81 -4.46 51.32
N ASP B 1289 14.06 -3.57 52.26
CA ASP B 1289 13.59 -2.20 52.15
C ASP B 1289 14.58 -1.41 51.29
N ALA B 1290 14.09 -0.87 50.16
CA ALA B 1290 14.91 -0.01 49.29
C ALA B 1290 14.57 1.47 49.53
N GLN B 1291 15.45 2.19 50.19
CA GLN B 1291 15.19 3.59 50.40
C GLN B 1291 15.79 4.39 49.24
N THR B 1292 15.08 5.47 48.86
CA THR B 1292 15.44 6.27 47.71
C THR B 1292 15.17 7.76 47.87
N GLY B 1293 16.19 8.59 47.60
CA GLY B 1293 16.08 10.02 47.69
C GLY B 1293 17.31 10.65 48.33
N PHE B 1294 17.24 11.99 48.40
CA PHE B 1294 18.24 12.80 49.00
C PHE B 1294 17.80 13.02 50.44
N ILE B 1295 18.70 12.76 51.37
CA ILE B 1295 18.42 13.00 52.77
C ILE B 1295 19.54 13.82 53.36
N SER B 1296 19.21 14.93 54.02
CA SER B 1296 20.23 15.72 54.72
C SER B 1296 20.51 15.18 56.12
N ASP B 1297 21.75 15.33 56.55
CA ASP B 1297 22.13 15.07 57.96
C ASP B 1297 23.09 16.14 58.43
N ALA B 1298 23.55 16.05 59.66
CA ALA B 1298 24.38 17.10 60.20
C ALA B 1298 25.66 17.28 59.41
N SER B 1299 26.22 16.20 58.91
CA SER B 1299 27.46 16.23 58.12
C SER B 1299 27.22 16.71 56.68
N GLY B 1300 26.12 16.32 56.06
CA GLY B 1300 25.87 16.71 54.66
C GLY B 1300 24.70 15.99 53.98
N VAL B 1301 24.62 16.06 52.65
CA VAL B 1301 23.52 15.46 51.93
C VAL B 1301 23.91 14.09 51.35
N LYS B 1302 22.99 13.12 51.48
CA LYS B 1302 23.15 11.76 50.98
C LYS B 1302 22.02 11.44 50.01
N TYR B 1303 22.26 10.44 49.16
CA TYR B 1303 21.27 10.03 48.17
C TYR B 1303 21.20 8.53 48.13
N TYR B 1304 19.99 7.99 48.03
CA TYR B 1304 19.79 6.54 47.92
C TYR B 1304 19.07 6.26 46.61
N SER B 1305 19.63 5.37 45.79
CA SER B 1305 19.04 5.09 44.48
C SER B 1305 17.74 4.30 44.61
N ILE B 1306 17.06 4.10 43.50
CA ILE B 1306 15.80 3.36 43.48
C ILE B 1306 15.95 1.92 43.96
N SER B 1307 17.15 1.38 43.83
CA SER B 1307 17.44 0.02 44.31
C SER B 1307 17.76 -0.04 45.80
N GLY B 1308 17.78 1.11 46.47
CA GLY B 1308 18.00 1.17 47.91
C GLY B 1308 19.45 1.31 48.36
N TYR B 1309 20.37 1.69 47.48
CA TYR B 1309 21.80 1.81 47.85
C TYR B 1309 22.27 3.26 47.86
N GLN B 1310 23.19 3.54 48.79
CA GLN B 1310 23.71 4.86 48.99
C GLN B 1310 24.65 5.20 47.86
N ALA B 1311 24.59 6.44 47.39
CA ALA B 1311 25.51 6.93 46.40
C ALA B 1311 26.89 7.24 46.98
N LYS B 1312 27.92 6.57 46.47
CA LYS B 1312 29.31 6.85 46.83
C LYS B 1312 30.16 6.85 45.57
N ASP B 1313 31.02 7.85 45.43
CA ASP B 1313 32.00 7.94 44.35
C ASP B 1313 31.30 7.81 43.03
N THR B 1314 30.30 8.66 42.84
CA THR B 1314 29.41 8.57 41.69
C THR B 1314 28.70 9.89 41.42
N PHE B 1315 28.32 10.09 40.18
CA PHE B 1315 27.57 11.27 39.77
C PHE B 1315 26.11 10.90 39.72
N ILE B 1316 25.24 11.80 40.16
CA ILE B 1316 23.81 11.50 40.27
C ILE B 1316 23.02 12.68 39.74
N GLU B 1317 21.99 12.37 38.96
CA GLU B 1317 21.11 13.39 38.38
C GLU B 1317 19.76 13.31 39.03
N ASP B 1318 19.23 14.45 39.45
CA ASP B 1318 17.91 14.49 40.11
C ASP B 1318 16.78 14.61 39.09
N GLY B 1319 15.56 14.63 39.58
CA GLY B 1319 14.36 14.64 38.74
C GLY B 1319 14.17 15.93 37.97
N ASN B 1320 14.75 17.02 38.45
CA ASN B 1320 14.66 18.30 37.79
C ASN B 1320 15.78 18.53 36.78
N GLY B 1321 16.69 17.58 36.62
CA GLY B 1321 17.80 17.76 35.68
C GLY B 1321 19.12 18.28 36.21
N ASN B 1322 19.21 18.56 37.50
CA ASN B 1322 20.47 18.99 38.09
C ASN B 1322 21.38 17.81 38.37
N TRP B 1323 22.69 18.04 38.28
CA TRP B 1323 23.67 16.98 38.51
C TRP B 1323 24.49 17.26 39.76
N TYR B 1324 24.86 16.18 40.46
CA TYR B 1324 25.58 16.22 41.72
C TYR B 1324 26.68 15.15 41.69
N TYR B 1325 27.73 15.37 42.48
CA TYR B 1325 28.75 14.34 42.70
C TYR B 1325 28.81 13.94 44.20
N PHE B 1326 28.75 12.66 44.49
CA PHE B 1326 28.84 12.15 45.85
C PHE B 1326 30.20 11.51 46.04
N ASP B 1327 30.91 11.95 47.08
CA ASP B 1327 32.28 11.51 47.35
C ASP B 1327 32.34 10.10 47.90
N LYS B 1328 33.56 9.62 48.12
CA LYS B 1328 33.78 8.28 48.67
C LYS B 1328 33.05 8.06 50.00
N ASP B 1329 32.97 9.10 50.83
CA ASP B 1329 32.26 9.02 52.12
C ASP B 1329 30.76 8.96 52.00
N GLY B 1330 30.23 9.27 50.82
CA GLY B 1330 28.80 9.18 50.54
C GLY B 1330 28.08 10.51 50.65
N TYR B 1331 28.84 11.59 50.60
CA TYR B 1331 28.29 12.93 50.80
C TYR B 1331 28.43 13.76 49.53
N MET B 1332 27.36 14.48 49.19
CA MET B 1332 27.33 15.43 48.11
C MET B 1332 28.41 16.48 48.31
N VAL B 1333 29.09 16.81 47.23
CA VAL B 1333 30.11 17.83 47.26
C VAL B 1333 29.41 19.17 47.05
N ARG B 1334 29.70 20.12 47.92
CA ARG B 1334 29.06 21.44 47.87
C ARG B 1334 30.10 22.48 48.21
N SER B 1335 30.02 23.66 47.61
CA SER B 1335 31.01 24.68 47.86
C SER B 1335 30.77 25.35 49.19
N GLN B 1336 31.85 25.80 49.82
CA GLN B 1336 31.80 26.48 51.11
C GLN B 1336 32.19 27.93 50.94
N GLN B 1337 31.81 28.76 51.91
CA GLN B 1337 32.12 30.17 51.84
C GLN B 1337 33.63 30.43 51.92
N GLY B 1338 34.11 31.35 51.08
CA GLY B 1338 35.52 31.71 51.01
C GLY B 1338 36.39 30.54 50.63
N GLU B 1339 35.90 29.69 49.74
CA GLU B 1339 36.65 28.54 49.29
C GLU B 1339 36.38 28.23 47.82
N ASN B 1340 37.34 27.60 47.16
CA ASN B 1340 37.21 27.35 45.73
C ASN B 1340 36.04 26.39 45.48
N PRO B 1341 35.05 26.81 44.68
CA PRO B 1341 33.98 25.91 44.28
C PRO B 1341 34.48 24.79 43.36
N ILE B 1342 35.53 25.04 42.61
CA ILE B 1342 36.07 24.08 41.64
C ILE B 1342 36.66 22.91 42.36
N ARG B 1343 36.23 21.72 42.00
CA ARG B 1343 36.75 20.50 42.59
C ARG B 1343 37.21 19.52 41.52
N THR B 1344 38.33 18.86 41.80
CA THR B 1344 38.89 17.82 40.98
C THR B 1344 38.29 16.50 41.39
N VAL B 1345 37.62 15.81 40.46
CA VAL B 1345 36.95 14.56 40.75
C VAL B 1345 37.63 13.39 40.03
N GLU B 1346 38.05 12.40 40.79
CA GLU B 1346 38.56 11.14 40.27
C GLU B 1346 37.62 10.06 40.68
N THR B 1347 36.89 9.48 39.73
CA THR B 1347 35.80 8.56 40.07
C THR B 1347 35.99 7.23 39.36
N SER B 1348 35.26 6.23 39.83
CA SER B 1348 35.27 4.88 39.22
C SER B 1348 34.98 4.92 37.71
N VAL B 1349 34.01 5.70 37.30
CA VAL B 1349 33.72 5.93 35.90
C VAL B 1349 34.76 6.93 35.41
N ASN B 1350 35.84 6.45 34.80
CA ASN B 1350 37.03 7.25 34.44
C ASN B 1350 36.79 8.37 33.44
N THR B 1351 35.81 8.19 32.58
CA THR B 1351 35.51 9.16 31.55
C THR B 1351 35.03 10.48 32.13
N ARG B 1352 34.40 10.41 33.29
CA ARG B 1352 33.95 11.58 33.99
C ARG B 1352 35.01 12.22 34.86
N ASN B 1353 36.25 11.79 34.80
CA ASN B 1353 37.28 12.55 35.54
C ASN B 1353 37.49 13.92 34.95
N GLY B 1354 37.75 14.87 35.81
CA GLY B 1354 37.92 16.24 35.38
C GLY B 1354 37.69 17.21 36.53
N ASN B 1355 37.70 18.50 36.20
CA ASN B 1355 37.48 19.54 37.17
C ASN B 1355 36.07 20.03 37.04
N TYR B 1356 35.35 19.99 38.15
CA TYR B 1356 33.96 20.38 38.17
C TYR B 1356 33.72 21.58 39.09
N TYR B 1357 32.67 22.33 38.80
CA TYR B 1357 32.28 23.49 39.62
C TYR B 1357 30.95 23.18 40.36
N PHE B 1358 30.97 22.89 41.66
CA PHE B 1358 29.68 22.62 42.41
C PHE B 1358 29.30 23.78 43.30
N MET B 1359 28.01 24.10 43.31
CA MET B 1359 27.56 25.29 44.02
C MET B 1359 27.31 25.00 45.50
N PRO B 1360 26.87 26.00 46.26
CA PRO B 1360 26.64 25.75 47.68
C PRO B 1360 25.60 24.69 47.87
N ASN B 1361 24.71 24.54 46.90
CA ASN B 1361 23.77 23.40 46.91
C ASN B 1361 24.26 22.12 46.23
N GLY B 1362 25.51 22.14 45.72
CA GLY B 1362 26.12 20.95 45.11
C GLY B 1362 25.81 20.74 43.63
N VAL B 1363 25.00 21.65 43.07
CA VAL B 1363 24.60 21.64 41.65
C VAL B 1363 25.87 21.89 40.86
N GLU B 1364 26.03 21.06 39.82
CA GLU B 1364 27.16 21.18 38.92
C GLU B 1364 26.81 22.26 37.88
N LEU B 1365 27.73 23.18 37.65
CA LEU B 1365 27.59 24.19 36.62
C LEU B 1365 27.93 23.54 35.29
N ARG B 1366 27.10 23.83 34.29
CA ARG B 1366 27.18 23.22 32.95
C ARG B 1366 26.91 24.24 31.85
N LYS B 1367 27.81 24.29 30.86
CA LYS B 1367 27.66 25.14 29.68
C LYS B 1367 27.71 26.59 30.11
N GLY B 1368 28.71 26.93 30.90
CA GLY B 1368 28.74 28.26 31.49
C GLY B 1368 30.03 28.59 32.22
N PHE B 1369 30.18 29.89 32.49
CA PHE B 1369 31.42 30.38 33.08
C PHE B 1369 31.33 30.40 34.62
N GLY B 1370 32.44 30.09 35.26
CA GLY B 1370 32.48 30.00 36.71
C GLY B 1370 33.72 30.69 37.24
N THR B 1371 33.49 31.58 38.22
CA THR B 1371 34.57 32.33 38.85
C THR B 1371 35.11 31.59 40.06
N ASP B 1372 36.43 31.51 40.20
CA ASP B 1372 37.05 30.93 41.41
C ASP B 1372 37.10 31.99 42.51
N ASN B 1373 37.60 31.58 43.68
CA ASN B 1373 37.60 32.50 44.86
C ASN B 1373 38.46 33.76 44.71
N SER B 1374 39.39 33.74 43.75
CA SER B 1374 40.30 34.87 43.52
C SER B 1374 40.01 35.68 42.24
N GLY B 1375 38.89 35.43 41.58
CA GLY B 1375 38.48 36.23 40.43
C GLY B 1375 38.79 35.68 39.04
N ASN B 1376 39.48 34.55 38.95
CA ASN B 1376 39.73 33.91 37.67
C ASN B 1376 38.45 33.26 37.19
N VAL B 1377 38.20 33.29 35.88
CA VAL B 1377 37.01 32.69 35.32
C VAL B 1377 37.32 31.45 34.50
N TYR B 1378 36.53 30.40 34.74
CA TYR B 1378 36.66 29.17 34.00
C TYR B 1378 35.31 28.88 33.34
N TYR B 1379 35.34 28.04 32.30
CA TYR B 1379 34.12 27.60 31.66
C TYR B 1379 33.97 26.10 31.79
N PHE B 1380 32.72 25.64 31.97
CA PHE B 1380 32.41 24.23 32.18
C PHE B 1380 31.41 23.78 31.11
N ASP B 1381 31.72 22.65 30.51
CA ASP B 1381 31.06 22.19 29.30
C ASP B 1381 29.68 21.58 29.49
N ASP B 1382 29.06 21.16 28.38
CA ASP B 1382 27.76 20.50 28.39
C ASP B 1382 27.66 19.53 29.54
N GLN B 1383 28.74 18.81 29.86
CA GLN B 1383 28.72 17.80 30.90
C GLN B 1383 29.41 18.20 32.21
N GLY B 1384 29.69 19.49 32.38
CA GLY B 1384 30.29 20.00 33.60
C GLY B 1384 31.80 20.10 33.62
N LYS B 1385 32.50 19.41 32.72
CA LYS B 1385 33.95 19.38 32.79
C LYS B 1385 34.52 20.74 32.48
N MET B 1386 35.58 21.12 33.15
CA MET B 1386 36.30 22.34 32.85
C MET B 1386 36.95 22.17 31.49
N VAL B 1387 36.95 23.26 30.72
CA VAL B 1387 37.58 23.28 29.41
C VAL B 1387 38.96 23.93 29.55
N ARG B 1388 39.99 23.25 29.05
CA ARG B 1388 41.37 23.77 29.12
C ARG B 1388 41.98 23.84 27.75
N ASP B 1389 42.71 24.93 27.52
CA ASP B 1389 43.52 25.12 26.31
C ASP B 1389 42.71 24.93 25.01
N LYS B 1390 41.62 25.69 24.90
CA LYS B 1390 40.72 25.63 23.76
C LYS B 1390 39.97 26.95 23.60
N TYR B 1391 39.58 27.29 22.38
CA TYR B 1391 38.78 28.48 22.11
C TYR B 1391 37.33 28.02 21.95
N ILE B 1392 36.40 28.76 22.56
CA ILE B 1392 34.98 28.39 22.54
C ILE B 1392 34.14 29.53 21.95
N ASN B 1393 33.04 29.17 21.32
CA ASN B 1393 32.16 30.13 20.67
C ASN B 1393 30.80 30.13 21.36
N ASP B 1394 30.46 31.29 21.88
CA ASP B 1394 29.20 31.52 22.58
C ASP B 1394 28.10 31.57 21.51
N ASP B 1395 26.86 31.23 21.88
CA ASP B 1395 25.75 31.21 20.92
C ASP B 1395 25.54 32.55 20.16
N ALA B 1396 25.92 33.65 20.80
CA ALA B 1396 25.72 35.01 20.27
C ALA B 1396 26.97 35.68 19.63
N ASN B 1397 27.87 34.88 19.03
CA ASN B 1397 28.99 35.43 18.27
C ASN B 1397 30.20 35.70 19.16
N ASN B 1398 30.00 35.63 20.47
CA ASN B 1398 31.05 36.00 21.42
C ASN B 1398 32.12 34.93 21.46
N PHE B 1399 33.37 35.34 21.47
CA PHE B 1399 34.47 34.39 21.43
C PHE B 1399 35.30 34.45 22.71
N TYR B 1400 35.62 33.28 23.25
CA TYR B 1400 36.43 33.17 24.48
C TYR B 1400 37.54 32.13 24.32
N HIS B 1401 38.59 32.30 25.13
CA HIS B 1401 39.75 31.40 25.15
C HIS B 1401 40.22 31.07 26.59
N LEU B 1402 40.77 29.87 26.77
CA LEU B 1402 41.18 29.40 28.10
C LEU B 1402 42.58 28.77 28.22
N ASN B 1403 43.16 28.94 29.41
CA ASN B 1403 44.51 28.48 29.76
C ASN B 1403 44.65 27.03 30.24
N VAL B 1404 45.91 26.56 30.30
CA VAL B 1404 46.24 25.16 30.61
C VAL B 1404 45.98 24.83 32.08
N ASP B 1405 46.02 25.86 32.95
CA ASP B 1405 45.46 25.74 34.32
C ASP B 1405 43.93 25.92 34.34
N GLY B 1406 43.34 26.26 33.20
CA GLY B 1406 41.92 26.54 33.09
C GLY B 1406 41.48 27.98 33.10
N THR B 1407 42.40 28.94 33.13
CA THR B 1407 41.98 30.34 33.24
C THR B 1407 41.57 30.94 31.91
N MET B 1408 40.58 31.83 31.96
CA MET B 1408 40.12 32.55 30.78
C MET B 1408 40.87 33.88 30.70
N SER B 1409 41.33 34.25 29.50
CA SER B 1409 42.18 35.43 29.33
C SER B 1409 41.43 36.65 28.82
#